data_7JRY
# 
_entry.id   7JRY 
# 
_audit_conform.dict_name       mmcif_pdbx.dic 
_audit_conform.dict_version    5.380 
_audit_conform.dict_location   http://mmcif.pdb.org/dictionaries/ascii/mmcif_pdbx.dic 
# 
loop_
_database_2.database_id 
_database_2.database_code 
_database_2.pdbx_database_accession 
_database_2.pdbx_DOI 
PDB   7JRY         pdb_00007jry 10.2210/pdb7jry/pdb 
WWPDB D_1000250917 ?            ?                   
# 
_pdbx_database_status.status_code                     REL 
_pdbx_database_status.status_code_sf                  REL 
_pdbx_database_status.status_code_mr                  ? 
_pdbx_database_status.entry_id                        7JRY 
_pdbx_database_status.recvd_initial_deposition_date   2020-08-13 
_pdbx_database_status.SG_entry                        N 
_pdbx_database_status.deposit_site                    RCSB 
_pdbx_database_status.process_site                    RCSB 
_pdbx_database_status.status_code_cs                  ? 
_pdbx_database_status.status_code_nmr_data            ? 
_pdbx_database_status.methods_development_category    ? 
_pdbx_database_status.pdb_format_compatible           Y 
# 
loop_
_audit_author.name 
_audit_author.pdbx_ordinal 
_audit_author.identifier_ORCID 
'Simmons, C.R.'      1 0000-0002-2290-6132 
'MacCulloch, T.'     2 0000-0001-5875-3361 
'Stephanopoulos, N.' 3 0000-0001-7859-410X 
'Yan, H.'            4 0000-0001-7397-9852 
# 
_citation.abstract                  ? 
_citation.abstract_id_CAS           ? 
_citation.book_id_ISBN              ? 
_citation.book_publisher            ? 
_citation.book_publisher_city       ? 
_citation.book_title                ? 
_citation.coordinate_linkage        ? 
_citation.country                   UK 
_citation.database_id_Medline       ? 
_citation.details                   ? 
_citation.id                        primary 
_citation.journal_abbrev            'Nat Commun' 
_citation.journal_id_ASTM           ? 
_citation.journal_id_CSD            ? 
_citation.journal_id_ISSN           2041-1723 
_citation.journal_full              ? 
_citation.journal_issue             ? 
_citation.journal_volume            13 
_citation.language                  ? 
_citation.page_first                3112 
_citation.page_last                 3112 
_citation.title                     'The influence of Holliday junction sequence and dynamics on DNA crystal self-assembly.' 
_citation.year                      2022 
_citation.database_id_CSD           ? 
_citation.pdbx_database_id_DOI      10.1038/s41467-022-30779-6 
_citation.pdbx_database_id_PubMed   35662248 
_citation.unpublished_flag          ? 
# 
loop_
_citation_author.citation_id 
_citation_author.name 
_citation_author.ordinal 
_citation_author.identifier_ORCID 
primary 'Simmons, C.R.'      1  ?                   
primary 'MacCulloch, T.'     2  ?                   
primary 'Krepl, M.'          3  0000-0002-9833-4281 
primary 'Matthies, M.'       4  ?                   
primary 'Buchberger, A.'     5  ?                   
primary 'Crawford, I.'       6  ?                   
primary 'Sponer, J.'         7  0000-0001-6558-6186 
primary 'Sulc, P.'           8  0000-0003-1565-6769 
primary 'Stephanopoulos, N.' 9  0000-0001-7859-410X 
primary 'Yan, H.'            10 0000-0001-7397-9852 
# 
_cell.angle_alpha                  90.000 
_cell.angle_alpha_esd              ? 
_cell.angle_beta                   90.000 
_cell.angle_beta_esd               ? 
_cell.angle_gamma                  120.000 
_cell.angle_gamma_esd              ? 
_cell.entry_id                     7JRY 
_cell.details                      ? 
_cell.formula_units_Z              ? 
_cell.length_a                     115.150 
_cell.length_a_esd                 ? 
_cell.length_b                     115.150 
_cell.length_b_esd                 ? 
_cell.length_c                     48.657 
_cell.length_c_esd                 ? 
_cell.volume                       ? 
_cell.volume_esd                   ? 
_cell.Z_PDB                        9 
_cell.reciprocal_angle_alpha       ? 
_cell.reciprocal_angle_beta        ? 
_cell.reciprocal_angle_gamma       ? 
_cell.reciprocal_angle_alpha_esd   ? 
_cell.reciprocal_angle_beta_esd    ? 
_cell.reciprocal_angle_gamma_esd   ? 
_cell.reciprocal_length_a          ? 
_cell.reciprocal_length_b          ? 
_cell.reciprocal_length_c          ? 
_cell.reciprocal_length_a_esd      ? 
_cell.reciprocal_length_b_esd      ? 
_cell.reciprocal_length_c_esd      ? 
_cell.pdbx_unique_axis             ? 
# 
_symmetry.entry_id                         7JRY 
_symmetry.cell_setting                     ? 
_symmetry.Int_Tables_number                146 
_symmetry.space_group_name_Hall            ? 
_symmetry.space_group_name_H-M             'H 3' 
_symmetry.pdbx_full_space_group_name_H-M   ? 
# 
loop_
_entity.id 
_entity.type 
_entity.src_method 
_entity.pdbx_description 
_entity.formula_weight 
_entity.pdbx_number_of_molecules 
_entity.pdbx_ec 
_entity.pdbx_mutation 
_entity.pdbx_fragment 
_entity.details 
1 polymer     syn 
;DNA (5'-D(*GP*AP*GP*CP*AP*GP*AP*CP*CP*AP*GP*AP*CP*GP*GP*GP*AP*CP*TP*CP*A)-3')
;
6491.214 1 ? ? ? ? 
2 polymer     syn 
;DNA (5'-D(*TP*CP*TP*GP*AP*GP*TP*C)-3')
;
2417.603 1 ? ? ? ? 
3 polymer     syn 
;DNA (5'-D(P*GP*GP*TP*CP*TP*GP*C)-3')
;
2129.409 1 ? ? ? ? 
4 polymer     syn 
;DNA (5'-D(P*CP*CP*GP*TP*CP*T)-3')
;
1760.179 1 ? ? ? ? 
5 non-polymer syn 'CACODYLATE ION'                                                                136.989  1 ? ? ? ? 
# 
loop_
_entity_poly.entity_id 
_entity_poly.type 
_entity_poly.nstd_linkage 
_entity_poly.nstd_monomer 
_entity_poly.pdbx_seq_one_letter_code 
_entity_poly.pdbx_seq_one_letter_code_can 
_entity_poly.pdbx_strand_id 
_entity_poly.pdbx_target_identifier 
1 polydeoxyribonucleotide no no 
;(DG)(DA)(DG)(DC)(DA)(DG)(DA)(DC)(DC)(DA)(DG)(DA)(DC)(DG)(DG)(DG)(DA)(DC)(DT)(DC)
(DA)
;
GAGCAGACCAGACGGGACTCA B ? 
2 polydeoxyribonucleotide no no '(DT)(DC)(DT)(DG)(DA)(DG)(DT)(DC)'                                                      TCTGAGTC C 
? 
3 polydeoxyribonucleotide no no '(DG)(DG)(DT)(DC)(DT)(DG)(DC)'                                                          GGTCTGC D 
? 
4 polydeoxyribonucleotide no no '(DC)(DC)(DG)(DT)(DC)(DT)'                                                              CCGTCT A ? 
# 
loop_
_entity_poly_seq.entity_id 
_entity_poly_seq.num 
_entity_poly_seq.mon_id 
_entity_poly_seq.hetero 
1 1  DG n 
1 2  DA n 
1 3  DG n 
1 4  DC n 
1 5  DA n 
1 6  DG n 
1 7  DA n 
1 8  DC n 
1 9  DC n 
1 10 DA n 
1 11 DG n 
1 12 DA n 
1 13 DC n 
1 14 DG n 
1 15 DG n 
1 16 DG n 
1 17 DA n 
1 18 DC n 
1 19 DT n 
1 20 DC n 
1 21 DA n 
2 1  DT n 
2 2  DC n 
2 3  DT n 
2 4  DG n 
2 5  DA n 
2 6  DG n 
2 7  DT n 
2 8  DC n 
3 1  DG n 
3 2  DG n 
3 3  DT n 
3 4  DC n 
3 5  DT n 
3 6  DG n 
3 7  DC n 
4 1  DC n 
4 2  DC n 
4 3  DG n 
4 4  DT n 
4 5  DC n 
4 6  DT n 
# 
loop_
_pdbx_entity_src_syn.entity_id 
_pdbx_entity_src_syn.pdbx_src_id 
_pdbx_entity_src_syn.pdbx_alt_source_flag 
_pdbx_entity_src_syn.pdbx_beg_seq_num 
_pdbx_entity_src_syn.pdbx_end_seq_num 
_pdbx_entity_src_syn.organism_scientific 
_pdbx_entity_src_syn.organism_common_name 
_pdbx_entity_src_syn.ncbi_taxonomy_id 
_pdbx_entity_src_syn.details 
1 1 sample 1 21 'synthetic construct' ? 32630 ? 
2 1 sample 1 8  'synthetic construct' ? 32630 ? 
3 1 sample 1 7  'synthetic construct' ? 32630 ? 
4 1 sample 1 6  'synthetic construct' ? 32630 ? 
# 
loop_
_struct_ref.id 
_struct_ref.db_name 
_struct_ref.db_code 
_struct_ref.pdbx_db_accession 
_struct_ref.pdbx_db_isoform 
_struct_ref.entity_id 
_struct_ref.pdbx_seq_one_letter_code 
_struct_ref.pdbx_align_begin 
1 PDB 7JRY 7JRY ? 1 ? 1 
2 PDB 7JRY 7JRY ? 2 ? 1 
3 PDB 7JRY 7JRY ? 3 ? 1 
4 PDB 7JRY 7JRY ? 4 ? 1 
# 
loop_
_struct_ref_seq.align_id 
_struct_ref_seq.ref_id 
_struct_ref_seq.pdbx_PDB_id_code 
_struct_ref_seq.pdbx_strand_id 
_struct_ref_seq.seq_align_beg 
_struct_ref_seq.pdbx_seq_align_beg_ins_code 
_struct_ref_seq.seq_align_end 
_struct_ref_seq.pdbx_seq_align_end_ins_code 
_struct_ref_seq.pdbx_db_accession 
_struct_ref_seq.db_align_beg 
_struct_ref_seq.pdbx_db_align_beg_ins_code 
_struct_ref_seq.db_align_end 
_struct_ref_seq.pdbx_db_align_end_ins_code 
_struct_ref_seq.pdbx_auth_seq_align_beg 
_struct_ref_seq.pdbx_auth_seq_align_end 
1 1 7JRY B 1 ? 21 ? 7JRY 7  ? 27 ? 7  27 
2 2 7JRY C 1 ? 8  ? 7JRY 28 ? 35 ? 28 35 
3 3 7JRY D 1 ? 7  ? 7JRY 36 ? 42 ? 36 42 
4 4 7JRY A 1 ? 6  ? 7JRY 1  ? 6  ? 1  6  
# 
loop_
_chem_comp.id 
_chem_comp.type 
_chem_comp.mon_nstd_flag 
_chem_comp.name 
_chem_comp.pdbx_synonyms 
_chem_comp.formula 
_chem_comp.formula_weight 
CAC non-polymer   . 'CACODYLATE ION'                     dimethylarsinate 'C2 H6 As O2 -1'  136.989 
DA  'DNA linking' y "2'-DEOXYADENOSINE-5'-MONOPHOSPHATE" ?                'C10 H14 N5 O6 P' 331.222 
DC  'DNA linking' y "2'-DEOXYCYTIDINE-5'-MONOPHOSPHATE"  ?                'C9 H14 N3 O7 P'  307.197 
DG  'DNA linking' y "2'-DEOXYGUANOSINE-5'-MONOPHOSPHATE" ?                'C10 H14 N5 O7 P' 347.221 
DT  'DNA linking' y "THYMIDINE-5'-MONOPHOSPHATE"         ?                'C10 H15 N2 O8 P' 322.208 
# 
_exptl.absorpt_coefficient_mu     ? 
_exptl.absorpt_correction_T_max   ? 
_exptl.absorpt_correction_T_min   ? 
_exptl.absorpt_correction_type    ? 
_exptl.absorpt_process_details    ? 
_exptl.entry_id                   7JRY 
_exptl.crystals_number            1 
_exptl.details                    ? 
_exptl.method                     'X-RAY DIFFRACTION' 
_exptl.method_details             ? 
# 
_exptl_crystal.colour                      ? 
_exptl_crystal.density_diffrn              ? 
_exptl_crystal.density_Matthews            4.85 
_exptl_crystal.density_method              ? 
_exptl_crystal.density_percent_sol         74.64 
_exptl_crystal.description                 ? 
_exptl_crystal.F_000                       ? 
_exptl_crystal.id                          1 
_exptl_crystal.preparation                 ? 
_exptl_crystal.size_max                    ? 
_exptl_crystal.size_mid                    ? 
_exptl_crystal.size_min                    ? 
_exptl_crystal.size_rad                    ? 
_exptl_crystal.colour_lustre               ? 
_exptl_crystal.colour_modifier             ? 
_exptl_crystal.colour_primary              ? 
_exptl_crystal.density_meas                ? 
_exptl_crystal.density_meas_esd            ? 
_exptl_crystal.density_meas_gt             ? 
_exptl_crystal.density_meas_lt             ? 
_exptl_crystal.density_meas_temp           ? 
_exptl_crystal.density_meas_temp_esd       ? 
_exptl_crystal.density_meas_temp_gt        ? 
_exptl_crystal.density_meas_temp_lt        ? 
_exptl_crystal.pdbx_crystal_image_url      ? 
_exptl_crystal.pdbx_crystal_image_format   ? 
_exptl_crystal.pdbx_mosaicity              ? 
_exptl_crystal.pdbx_mosaicity_esd          ? 
# 
_exptl_crystal_grow.apparatus       ? 
_exptl_crystal_grow.atmosphere      ? 
_exptl_crystal_grow.crystal_id      1 
_exptl_crystal_grow.details         ? 
_exptl_crystal_grow.method          'VAPOR DIFFUSION, SITTING DROP' 
_exptl_crystal_grow.method_ref      ? 
_exptl_crystal_grow.pH              ? 
_exptl_crystal_grow.pressure        ? 
_exptl_crystal_grow.pressure_esd    ? 
_exptl_crystal_grow.seeding         ? 
_exptl_crystal_grow.seeding_ref     ? 
_exptl_crystal_grow.temp            298 
_exptl_crystal_grow.temp_details    'temperature gradient generated from 60 to 25 C at 0.3 degrees per hour' 
_exptl_crystal_grow.temp_esd        ? 
_exptl_crystal_grow.time            ? 
_exptl_crystal_grow.pdbx_details    
;0.5 mL of 0.05 M Cacodylate pH 7.0 with 20 mM MgCl2, 1.0 mM spermine, 1.0 mM CoH18N6, and 15% ethanol was added to the reservoir with 2 uL added to the drop containing 4 uL of DNA stock
;
_exptl_crystal_grow.pdbx_pH_range   ? 
# 
_diffrn.ambient_environment              ? 
_diffrn.ambient_temp                     100 
_diffrn.ambient_temp_details             ? 
_diffrn.ambient_temp_esd                 ? 
_diffrn.crystal_id                       1 
_diffrn.crystal_support                  ? 
_diffrn.crystal_treatment                ? 
_diffrn.details                          ? 
_diffrn.id                               1 
_diffrn.ambient_pressure                 ? 
_diffrn.ambient_pressure_esd             ? 
_diffrn.ambient_pressure_gt              ? 
_diffrn.ambient_pressure_lt              ? 
_diffrn.ambient_temp_gt                  ? 
_diffrn.ambient_temp_lt                  ? 
_diffrn.pdbx_serial_crystal_experiment   N 
# 
_diffrn_detector.details                      ? 
_diffrn_detector.detector                     PIXEL 
_diffrn_detector.diffrn_id                    1 
_diffrn_detector.type                         'DECTRIS PILATUS3 6M' 
_diffrn_detector.area_resol_mean              ? 
_diffrn_detector.dtime                        ? 
_diffrn_detector.pdbx_frames_total            ? 
_diffrn_detector.pdbx_collection_time_total   ? 
_diffrn_detector.pdbx_collection_date         2019-03-15 
_diffrn_detector.pdbx_frequency               ? 
# 
_diffrn_radiation.collimation                      ? 
_diffrn_radiation.diffrn_id                        1 
_diffrn_radiation.filter_edge                      ? 
_diffrn_radiation.inhomogeneity                    ? 
_diffrn_radiation.monochromator                    ? 
_diffrn_radiation.polarisn_norm                    ? 
_diffrn_radiation.polarisn_ratio                   ? 
_diffrn_radiation.probe                            ? 
_diffrn_radiation.type                             ? 
_diffrn_radiation.xray_symbol                      ? 
_diffrn_radiation.wavelength_id                    1 
_diffrn_radiation.pdbx_monochromatic_or_laue_m_l   M 
_diffrn_radiation.pdbx_wavelength_list             ? 
_diffrn_radiation.pdbx_wavelength                  ? 
_diffrn_radiation.pdbx_diffrn_protocol             'SINGLE WAVELENGTH' 
_diffrn_radiation.pdbx_analyzer                    ? 
_diffrn_radiation.pdbx_scattering_type             x-ray 
# 
_diffrn_radiation_wavelength.id           1 
_diffrn_radiation_wavelength.wavelength   1 
_diffrn_radiation_wavelength.wt           1.0 
# 
_diffrn_source.current                     ? 
_diffrn_source.details                     ? 
_diffrn_source.diffrn_id                   1 
_diffrn_source.power                       ? 
_diffrn_source.size                        ? 
_diffrn_source.source                      SYNCHROTRON 
_diffrn_source.target                      ? 
_diffrn_source.type                        'ALS BEAMLINE 5.0.2' 
_diffrn_source.voltage                     ? 
_diffrn_source.take-off_angle              ? 
_diffrn_source.pdbx_wavelength_list        1 
_diffrn_source.pdbx_wavelength             ? 
_diffrn_source.pdbx_synchrotron_beamline   5.0.2 
_diffrn_source.pdbx_synchrotron_site       ALS 
# 
_reflns.B_iso_Wilson_estimate            104.390 
_reflns.entry_id                         7JRY 
_reflns.data_reduction_details           ? 
_reflns.data_reduction_method            ? 
_reflns.d_resolution_high                3.150 
_reflns.d_resolution_low                 50.000 
_reflns.details                          ? 
_reflns.limit_h_max                      ? 
_reflns.limit_h_min                      ? 
_reflns.limit_k_max                      ? 
_reflns.limit_k_min                      ? 
_reflns.limit_l_max                      ? 
_reflns.limit_l_min                      ? 
_reflns.number_all                       ? 
_reflns.number_obs                       3297 
_reflns.observed_criterion               ? 
_reflns.observed_criterion_F_max         ? 
_reflns.observed_criterion_F_min         ? 
_reflns.observed_criterion_I_max         ? 
_reflns.observed_criterion_I_min         ? 
_reflns.observed_criterion_sigma_F       ? 
_reflns.observed_criterion_sigma_I       ? 
_reflns.percent_possible_obs             79.400 
_reflns.R_free_details                   ? 
_reflns.Rmerge_F_all                     ? 
_reflns.Rmerge_F_obs                     ? 
_reflns.Friedel_coverage                 ? 
_reflns.number_gt                        ? 
_reflns.threshold_expression             ? 
_reflns.pdbx_redundancy                  8.700 
_reflns.pdbx_Rmerge_I_obs                0.061 
_reflns.pdbx_Rmerge_I_all                ? 
_reflns.pdbx_Rsym_value                  ? 
_reflns.pdbx_netI_over_av_sigmaI         ? 
_reflns.pdbx_netI_over_sigmaI            6.300 
_reflns.pdbx_res_netI_over_av_sigmaI_2   ? 
_reflns.pdbx_res_netI_over_sigmaI_2      ? 
_reflns.pdbx_chi_squared                 0.826 
_reflns.pdbx_scaling_rejects             ? 
_reflns.pdbx_d_res_high_opt              ? 
_reflns.pdbx_d_res_low_opt               ? 
_reflns.pdbx_d_res_opt_method            ? 
_reflns.phase_calculation_details        ? 
_reflns.pdbx_Rrim_I_all                  0.064 
_reflns.pdbx_Rpim_I_all                  0.020 
_reflns.pdbx_d_opt                       ? 
_reflns.pdbx_number_measured_all         ? 
_reflns.pdbx_diffrn_id                   1 
_reflns.pdbx_ordinal                     1 
_reflns.pdbx_CC_half                     1 
_reflns.pdbx_CC_star                     ? 
_reflns.pdbx_R_split                     ? 
# 
loop_
_reflns_shell.d_res_high 
_reflns_shell.d_res_low 
_reflns_shell.meanI_over_sigI_all 
_reflns_shell.meanI_over_sigI_obs 
_reflns_shell.number_measured_all 
_reflns_shell.number_measured_obs 
_reflns_shell.number_possible 
_reflns_shell.number_unique_all 
_reflns_shell.number_unique_obs 
_reflns_shell.percent_possible_all 
_reflns_shell.percent_possible_obs 
_reflns_shell.Rmerge_F_all 
_reflns_shell.Rmerge_F_obs 
_reflns_shell.Rmerge_I_all 
_reflns_shell.Rmerge_I_obs 
_reflns_shell.meanI_over_sigI_gt 
_reflns_shell.meanI_over_uI_all 
_reflns_shell.meanI_over_uI_gt 
_reflns_shell.number_measured_gt 
_reflns_shell.number_unique_gt 
_reflns_shell.percent_possible_gt 
_reflns_shell.Rmerge_F_gt 
_reflns_shell.Rmerge_I_gt 
_reflns_shell.pdbx_redundancy 
_reflns_shell.pdbx_Rsym_value 
_reflns_shell.pdbx_chi_squared 
_reflns_shell.pdbx_netI_over_sigmaI_all 
_reflns_shell.pdbx_netI_over_sigmaI_obs 
_reflns_shell.pdbx_Rrim_I_all 
_reflns_shell.pdbx_Rpim_I_all 
_reflns_shell.pdbx_rejects 
_reflns_shell.pdbx_ordinal 
_reflns_shell.pdbx_diffrn_id 
_reflns_shell.pdbx_CC_half 
_reflns_shell.pdbx_CC_star 
_reflns_shell.pdbx_R_split 
3.150 3.200  ? ? ? ? ? ? 62  26.600  ? ? ? ? 0.308 ? ? ? ? ? ? ? ? 6.700  ? 0.500 ? ? 0.328 0.109 ? 1  1 0.967 ? ? 
3.200 3.260  ? ? ? ? ? ? 70  35.500  ? ? ? ? 0.163 ? ? ? ? ? ? ? ? 6.400  ? 0.719 ? ? 0.174 0.058 ? 2  1 0.989 ? ? 
3.260 3.330  ? ? ? ? ? ? 80  41.200  ? ? ? ? 0.344 ? ? ? ? ? ? ? ? 5.100  ? 0.634 ? ? 0.374 0.139 ? 3  1 0.948 ? ? 
3.330 3.390  ? ? ? ? ? ? 102 47.700  ? ? ? ? 0.179 ? ? ? ? ? ? ? ? 5.400  ? 0.570 ? ? 0.193 0.070 ? 4  1 0.994 ? ? 
3.390 3.470  ? ? ? ? ? ? 116 55.200  ? ? ? ? 0.309 ? ? ? ? ? ? ? ? 5.300  ? 0.564 ? ? 0.336 0.126 ? 5  1 0.976 ? ? 
3.470 3.550  ? ? ? ? ? ? 123 61.200  ? ? ? ? 0.351 ? ? ? ? ? ? ? ? 6.100  ? 0.524 ? ? 0.378 0.135 ? 6  1 0.946 ? ? 
3.550 3.640  ? ? ? ? ? ? 136 65.100  ? ? ? ? 0.456 ? ? ? ? ? ? ? ? 6.300  ? 0.491 ? ? 0.490 0.173 ? 7  1 0.928 ? ? 
3.640 3.730  ? ? ? ? ? ? 157 73.400  ? ? ? ? 0.735 ? ? ? ? ? ? ? ? 6.800  ? 0.437 ? ? 0.787 0.271 ? 8  1 0.839 ? ? 
3.730 3.840  ? ? ? ? ? ? 183 92.000  ? ? ? ? 0.900 ? ? ? ? ? ? ? ? 7.000  ? 0.470 ? ? 0.962 0.330 ? 9  1 0.752 ? ? 
3.840 3.970  ? ? ? ? ? ? 200 95.700  ? ? ? ? 0.638 ? ? ? ? ? ? ? ? 7.600  ? 0.455 ? ? 0.681 0.233 ? 10 1 0.901 ? ? 
3.970 4.110  ? ? ? ? ? ? 206 99.500  ? ? ? ? 0.509 ? ? ? ? ? ? ? ? 8.300  ? 0.454 ? ? 0.542 0.182 ? 11 1 0.933 ? ? 
4.110 4.270  ? ? ? ? ? ? 211 100.000 ? ? ? ? 0.429 ? ? ? ? ? ? ? ? 9.200  ? 0.472 ? ? 0.455 0.148 ? 12 1 0.953 ? ? 
4.270 4.470  ? ? ? ? ? ? 201 100.000 ? ? ? ? 0.442 ? ? ? ? ? ? ? ? 10.000 ? 0.496 ? ? 0.466 0.146 ? 13 1 0.961 ? ? 
4.470 4.700  ? ? ? ? ? ? 208 100.000 ? ? ? ? 0.358 ? ? ? ? ? ? ? ? 10.600 ? 0.492 ? ? 0.376 0.114 ? 14 1 0.974 ? ? 
4.700 5.000  ? ? ? ? ? ? 211 100.000 ? ? ? ? 0.191 ? ? ? ? ? ? ? ? 10.600 ? 0.618 ? ? 0.201 0.062 ? 15 1 0.985 ? ? 
5.000 5.380  ? ? ? ? ? ? 205 100.000 ? ? ? ? 0.110 ? ? ? ? ? ? ? ? 10.400 ? 0.924 ? ? 0.116 0.036 ? 16 1 0.994 ? ? 
5.380 5.930  ? ? ? ? ? ? 197 100.000 ? ? ? ? 0.086 ? ? ? ? ? ? ? ? 10.100 ? 1.103 ? ? 0.091 0.028 ? 17 1 0.997 ? ? 
5.930 6.780  ? ? ? ? ? ? 214 100.000 ? ? ? ? 0.076 ? ? ? ? ? ? ? ? 11.100 ? 1.296 ? ? 0.080 0.024 ? 18 1 0.997 ? ? 
6.780 8.540  ? ? ? ? ? ? 210 100.000 ? ? ? ? 0.060 ? ? ? ? ? ? ? ? 10.200 ? 1.612 ? ? 0.063 0.020 ? 19 1 0.998 ? ? 
8.540 50.000 ? ? ? ? ? ? 205 99.500  ? ? ? ? 0.042 ? ? ? ? ? ? ? ? 10.600 ? 1.715 ? ? 0.045 0.014 ? 20 1 1.000 ? ? 
# 
_refine.aniso_B[1][1]                            ? 
_refine.aniso_B[1][2]                            ? 
_refine.aniso_B[1][3]                            ? 
_refine.aniso_B[2][2]                            ? 
_refine.aniso_B[2][3]                            ? 
_refine.aniso_B[3][3]                            ? 
_refine.B_iso_max                                204.030 
_refine.B_iso_mean                               155.6479 
_refine.B_iso_min                                114.110 
_refine.correlation_coeff_Fo_to_Fc               ? 
_refine.correlation_coeff_Fo_to_Fc_free          ? 
_refine.details                                  ? 
_refine.diff_density_max                         ? 
_refine.diff_density_max_esd                     ? 
_refine.diff_density_min                         ? 
_refine.diff_density_min_esd                     ? 
_refine.diff_density_rms                         ? 
_refine.diff_density_rms_esd                     ? 
_refine.entry_id                                 7JRY 
_refine.pdbx_refine_id                           'X-RAY DIFFRACTION' 
_refine.ls_abs_structure_details                 ? 
_refine.ls_abs_structure_Flack                   ? 
_refine.ls_abs_structure_Flack_esd               ? 
_refine.ls_abs_structure_Rogers                  ? 
_refine.ls_abs_structure_Rogers_esd              ? 
_refine.ls_d_res_high                            3.1580 
_refine.ls_d_res_low                             43.7290 
_refine.ls_extinction_coef                       ? 
_refine.ls_extinction_coef_esd                   ? 
_refine.ls_extinction_expression                 ? 
_refine.ls_extinction_method                     ? 
_refine.ls_goodness_of_fit_all                   ? 
_refine.ls_goodness_of_fit_all_esd               ? 
_refine.ls_goodness_of_fit_obs                   ? 
_refine.ls_goodness_of_fit_obs_esd               ? 
_refine.ls_hydrogen_treatment                    ? 
_refine.ls_matrix_type                           ? 
_refine.ls_number_constraints                    ? 
_refine.ls_number_parameters                     ? 
_refine.ls_number_reflns_all                     ? 
_refine.ls_number_reflns_obs                     3281 
_refine.ls_number_reflns_R_free                  164 
_refine.ls_number_reflns_R_work                  3117 
_refine.ls_number_restraints                     ? 
_refine.ls_percent_reflns_obs                    79.1000 
_refine.ls_percent_reflns_R_free                 5.0000 
_refine.ls_R_factor_all                          ? 
_refine.ls_R_factor_obs                          0.2525 
_refine.ls_R_factor_R_free                       0.2832 
_refine.ls_R_factor_R_free_error                 ? 
_refine.ls_R_factor_R_free_error_details         ? 
_refine.ls_R_factor_R_work                       0.2506 
_refine.ls_R_Fsqd_factor_obs                     ? 
_refine.ls_R_I_factor_obs                        ? 
_refine.ls_redundancy_reflns_all                 ? 
_refine.ls_redundancy_reflns_obs                 ? 
_refine.ls_restrained_S_all                      ? 
_refine.ls_restrained_S_obs                      ? 
_refine.ls_shift_over_esd_max                    ? 
_refine.ls_shift_over_esd_mean                   ? 
_refine.ls_structure_factor_coef                 ? 
_refine.ls_weighting_details                     ? 
_refine.ls_weighting_scheme                      ? 
_refine.ls_wR_factor_all                         ? 
_refine.ls_wR_factor_obs                         ? 
_refine.ls_wR_factor_R_free                      ? 
_refine.ls_wR_factor_R_work                      ? 
_refine.occupancy_max                            ? 
_refine.occupancy_min                            ? 
_refine.solvent_model_details                    'FLAT BULK SOLVENT MODEL' 
_refine.solvent_model_param_bsol                 ? 
_refine.solvent_model_param_ksol                 ? 
_refine.pdbx_R_complete                          ? 
_refine.ls_R_factor_gt                           ? 
_refine.ls_goodness_of_fit_gt                    ? 
_refine.ls_goodness_of_fit_ref                   ? 
_refine.ls_shift_over_su_max                     ? 
_refine.ls_shift_over_su_max_lt                  ? 
_refine.ls_shift_over_su_mean                    ? 
_refine.ls_shift_over_su_mean_lt                 ? 
_refine.pdbx_ls_sigma_I                          ? 
_refine.pdbx_ls_sigma_F                          1.990 
_refine.pdbx_ls_sigma_Fsqd                       ? 
_refine.pdbx_data_cutoff_high_absF               ? 
_refine.pdbx_data_cutoff_high_rms_absF           ? 
_refine.pdbx_data_cutoff_low_absF                ? 
_refine.pdbx_isotropic_thermal_model             ? 
_refine.pdbx_ls_cross_valid_method               THROUGHOUT 
_refine.pdbx_method_to_determine_struct          'MOLECULAR REPLACEMENT' 
_refine.pdbx_starting_model                      5VY6 
_refine.pdbx_stereochemistry_target_values       ML 
_refine.pdbx_R_Free_selection_details            ? 
_refine.pdbx_stereochem_target_val_spec_case     ? 
_refine.pdbx_overall_ESU_R                       ? 
_refine.pdbx_overall_ESU_R_Free                  ? 
_refine.pdbx_solvent_vdw_probe_radii             1.1100 
_refine.pdbx_solvent_ion_probe_radii             ? 
_refine.pdbx_solvent_shrinkage_radii             0.9000 
_refine.pdbx_real_space_R                        ? 
_refine.pdbx_density_correlation                 ? 
_refine.pdbx_pd_number_of_powder_patterns        ? 
_refine.pdbx_pd_number_of_points                 ? 
_refine.pdbx_pd_meas_number_of_points            ? 
_refine.pdbx_pd_proc_ls_prof_R_factor            ? 
_refine.pdbx_pd_proc_ls_prof_wR_factor           ? 
_refine.pdbx_pd_Marquardt_correlation_coeff      ? 
_refine.pdbx_pd_Fsqrd_R_factor                   ? 
_refine.pdbx_pd_ls_matrix_band_width             ? 
_refine.pdbx_overall_phase_error                 41.3600 
_refine.pdbx_overall_SU_R_free_Cruickshank_DPI   ? 
_refine.pdbx_overall_SU_R_free_Blow_DPI          ? 
_refine.pdbx_overall_SU_R_Blow_DPI               ? 
_refine.pdbx_TLS_residual_ADP_flag               ? 
_refine.pdbx_diffrn_id                           1 
_refine.overall_SU_B                             ? 
_refine.overall_SU_ML                            0.0000 
_refine.overall_SU_R_Cruickshank_DPI             ? 
_refine.overall_SU_R_free                        ? 
_refine.overall_FOM_free_R_set                   ? 
_refine.overall_FOM_work_R_set                   ? 
_refine.pdbx_average_fsc_overall                 ? 
_refine.pdbx_average_fsc_work                    ? 
_refine.pdbx_average_fsc_free                    ? 
# 
_refine_hist.pdbx_refine_id                   'X-RAY DIFFRACTION' 
_refine_hist.cycle_id                         final 
_refine_hist.details                          ? 
_refine_hist.d_res_high                       3.1580 
_refine_hist.d_res_low                        43.7290 
_refine_hist.number_atoms_solvent             0 
_refine_hist.number_atoms_total               856 
_refine_hist.number_reflns_all                ? 
_refine_hist.number_reflns_obs                ? 
_refine_hist.number_reflns_R_free             ? 
_refine_hist.number_reflns_R_work             ? 
_refine_hist.R_factor_all                     ? 
_refine_hist.R_factor_obs                     ? 
_refine_hist.R_factor_R_free                  ? 
_refine_hist.R_factor_R_work                  ? 
_refine_hist.pdbx_number_residues_total       42 
_refine_hist.pdbx_B_iso_mean_ligand           170.96 
_refine_hist.pdbx_B_iso_mean_solvent          ? 
_refine_hist.pdbx_number_atoms_protein        0 
_refine_hist.pdbx_number_atoms_nucleic_acid   855 
_refine_hist.pdbx_number_atoms_ligand         1 
_refine_hist.pdbx_number_atoms_lipid          ? 
_refine_hist.pdbx_number_atoms_carb           ? 
_refine_hist.pdbx_pseudo_atom_details         ? 
# 
loop_
_refine_ls_restr.pdbx_refine_id 
_refine_ls_restr.criterion 
_refine_ls_restr.dev_ideal 
_refine_ls_restr.dev_ideal_target 
_refine_ls_restr.number 
_refine_ls_restr.rejects 
_refine_ls_restr.type 
_refine_ls_restr.weight 
_refine_ls_restr.pdbx_restraint_function 
'X-RAY DIFFRACTION' ? 0.005  ? 956  ? f_bond_d           ? ? 
'X-RAY DIFFRACTION' ? 0.661  ? 1467 ? f_angle_d          ? ? 
'X-RAY DIFFRACTION' ? 0.034  ? 166  ? f_chiral_restr     ? ? 
'X-RAY DIFFRACTION' ? 0.003  ? 42   ? f_plane_restr      ? ? 
'X-RAY DIFFRACTION' ? 33.833 ? 406  ? f_dihedral_angle_d ? ? 
# 
_refine_ls_shell.pdbx_refine_id                   'X-RAY DIFFRACTION' 
_refine_ls_shell.d_res_high                       3.158 
_refine_ls_shell.d_res_low                        ? 
_refine_ls_shell.number_reflns_all                ? 
_refine_ls_shell.number_reflns_obs                ? 
_refine_ls_shell.number_reflns_R_free             164 
_refine_ls_shell.number_reflns_R_work             3117 
_refine_ls_shell.percent_reflns_obs               79.0000 
_refine_ls_shell.percent_reflns_R_free            ? 
_refine_ls_shell.R_factor_all                     ? 
_refine_ls_shell.R_factor_obs                     ? 
_refine_ls_shell.R_factor_R_free                  0.2832 
_refine_ls_shell.R_factor_R_free_error            0.0000 
_refine_ls_shell.R_factor_R_work                  0.2506 
_refine_ls_shell.redundancy_reflns_all            ? 
_refine_ls_shell.redundancy_reflns_obs            ? 
_refine_ls_shell.wR_factor_all                    ? 
_refine_ls_shell.wR_factor_obs                    ? 
_refine_ls_shell.wR_factor_R_free                 ? 
_refine_ls_shell.wR_factor_R_work                 ? 
_refine_ls_shell.pdbx_R_complete                  ? 
_refine_ls_shell.pdbx_total_number_of_bins_used   ? 
_refine_ls_shell.pdbx_phase_error                 ? 
_refine_ls_shell.pdbx_fsc_work                    ? 
_refine_ls_shell.pdbx_fsc_free                    ? 
# 
_struct.entry_id                     7JRY 
_struct.title                        
'Self-assembly of a 3D DNA crystal lattice (4x6 duplex version) containing the J4 immobile Holliday junction with R3 symmetry' 
_struct.pdbx_model_details           ? 
_struct.pdbx_formula_weight          ? 
_struct.pdbx_formula_weight_method   ? 
_struct.pdbx_model_type_details      ? 
_struct.pdbx_CASP_flag               N 
# 
_struct_keywords.entry_id        7JRY 
_struct_keywords.text            
'Structural DNA nanotechnology, immobile Holliday junctions, 3D DNA self-assembly, designer DNA crystals, DNA' 
_struct_keywords.pdbx_keywords   DNA 
# 
loop_
_struct_asym.id 
_struct_asym.pdbx_blank_PDB_chainid_flag 
_struct_asym.pdbx_modified 
_struct_asym.entity_id 
_struct_asym.details 
A N N 1 ? 
B N N 2 ? 
C N N 3 ? 
D N N 4 ? 
E N N 5 ? 
# 
loop_
_struct_conn.id 
_struct_conn.conn_type_id 
_struct_conn.pdbx_leaving_atom_flag 
_struct_conn.pdbx_PDB_id 
_struct_conn.ptnr1_label_asym_id 
_struct_conn.ptnr1_label_comp_id 
_struct_conn.ptnr1_label_seq_id 
_struct_conn.ptnr1_label_atom_id 
_struct_conn.pdbx_ptnr1_label_alt_id 
_struct_conn.pdbx_ptnr1_PDB_ins_code 
_struct_conn.pdbx_ptnr1_standard_comp_id 
_struct_conn.ptnr1_symmetry 
_struct_conn.ptnr2_label_asym_id 
_struct_conn.ptnr2_label_comp_id 
_struct_conn.ptnr2_label_seq_id 
_struct_conn.ptnr2_label_atom_id 
_struct_conn.pdbx_ptnr2_label_alt_id 
_struct_conn.pdbx_ptnr2_PDB_ins_code 
_struct_conn.ptnr1_auth_asym_id 
_struct_conn.ptnr1_auth_comp_id 
_struct_conn.ptnr1_auth_seq_id 
_struct_conn.ptnr2_auth_asym_id 
_struct_conn.ptnr2_auth_comp_id 
_struct_conn.ptnr2_auth_seq_id 
_struct_conn.ptnr2_symmetry 
_struct_conn.pdbx_ptnr3_label_atom_id 
_struct_conn.pdbx_ptnr3_label_seq_id 
_struct_conn.pdbx_ptnr3_label_comp_id 
_struct_conn.pdbx_ptnr3_label_asym_id 
_struct_conn.pdbx_ptnr3_label_alt_id 
_struct_conn.pdbx_ptnr3_PDB_ins_code 
_struct_conn.details 
_struct_conn.pdbx_dist_value 
_struct_conn.pdbx_value_order 
_struct_conn.pdbx_role 
hydrog1  hydrog ? ? A DG 3  N2 ? ? ? 1_555 C DC 7 O2 ? ? B DG 9  D DC 42 1_555 ? ? ? ? ? ? 'DG-DC PAIR' ? ? ? 
hydrog2  hydrog ? ? A DC 4  N3 ? ? ? 1_555 C DG 6 N2 ? ? B DC 10 D DG 41 1_555 ? ? ? ? ? ? 'DC-DG PAIR' ? ? ? 
hydrog3  hydrog ? ? A DA 5  N1 ? ? ? 1_555 C DT 5 N3 ? ? B DA 11 D DT 40 1_555 ? ? ? ? ? ? WATSON-CRICK ? ? ? 
hydrog4  hydrog ? ? A DA 5  N6 ? ? ? 1_555 C DT 5 O4 ? ? B DA 11 D DT 40 1_555 ? ? ? ? ? ? WATSON-CRICK ? ? ? 
hydrog5  hydrog ? ? A DG 6  N1 ? ? ? 1_555 C DC 4 N3 ? ? B DG 12 D DC 39 1_555 ? ? ? ? ? ? WATSON-CRICK ? ? ? 
hydrog6  hydrog ? ? A DG 6  N2 ? ? ? 1_555 C DC 4 O2 ? ? B DG 12 D DC 39 1_555 ? ? ? ? ? ? WATSON-CRICK ? ? ? 
hydrog7  hydrog ? ? A DG 6  O6 ? ? ? 1_555 C DC 4 N4 ? ? B DG 12 D DC 39 1_555 ? ? ? ? ? ? WATSON-CRICK ? ? ? 
hydrog8  hydrog ? ? A DA 7  N1 ? ? ? 1_555 C DT 3 N3 ? ? B DA 13 D DT 38 1_555 ? ? ? ? ? ? WATSON-CRICK ? ? ? 
hydrog9  hydrog ? ? A DA 7  N6 ? ? ? 1_555 C DT 3 O4 ? ? B DA 13 D DT 38 1_555 ? ? ? ? ? ? WATSON-CRICK ? ? ? 
hydrog10 hydrog ? ? A DC 8  N3 ? ? ? 1_555 C DG 2 N1 ? ? B DC 14 D DG 37 1_555 ? ? ? ? ? ? WATSON-CRICK ? ? ? 
hydrog11 hydrog ? ? A DC 8  N4 ? ? ? 1_555 C DG 2 O6 ? ? B DC 14 D DG 37 1_555 ? ? ? ? ? ? WATSON-CRICK ? ? ? 
hydrog12 hydrog ? ? A DC 8  O2 ? ? ? 1_555 C DG 2 N2 ? ? B DC 14 D DG 37 1_555 ? ? ? ? ? ? WATSON-CRICK ? ? ? 
hydrog13 hydrog ? ? A DC 9  N3 ? ? ? 1_555 C DG 1 N1 ? ? B DC 15 D DG 36 1_555 ? ? ? ? ? ? WATSON-CRICK ? ? ? 
hydrog14 hydrog ? ? A DC 9  N4 ? ? ? 1_555 C DG 1 O6 ? ? B DC 15 D DG 36 1_555 ? ? ? ? ? ? WATSON-CRICK ? ? ? 
hydrog15 hydrog ? ? A DC 9  O2 ? ? ? 1_555 C DG 1 N2 ? ? B DC 15 D DG 36 1_555 ? ? ? ? ? ? WATSON-CRICK ? ? ? 
hydrog16 hydrog ? ? A DA 10 N1 ? ? ? 1_555 D DT 6 N3 ? ? B DA 16 A DT 6  1_555 ? ? ? ? ? ? WATSON-CRICK ? ? ? 
hydrog17 hydrog ? ? A DA 10 N6 ? ? ? 1_555 D DT 6 O4 ? ? B DA 16 A DT 6  1_555 ? ? ? ? ? ? WATSON-CRICK ? ? ? 
hydrog18 hydrog ? ? A DG 11 N2 ? ? ? 1_555 D DC 5 N3 ? ? B DG 17 A DC 5  1_555 ? ? ? ? ? ? 'DG-DC PAIR' ? ? ? 
hydrog19 hydrog ? ? A DA 12 N1 ? ? ? 1_555 D DT 4 N3 ? ? B DA 18 A DT 4  1_555 ? ? ? ? ? ? WATSON-CRICK ? ? ? 
hydrog20 hydrog ? ? A DA 12 N6 ? ? ? 1_555 D DT 4 O4 ? ? B DA 18 A DT 4  1_555 ? ? ? ? ? ? WATSON-CRICK ? ? ? 
hydrog21 hydrog ? ? A DC 13 N3 ? ? ? 1_555 D DG 3 N1 ? ? B DC 19 A DG 3  1_555 ? ? ? ? ? ? WATSON-CRICK ? ? ? 
hydrog22 hydrog ? ? A DC 13 N4 ? ? ? 1_555 D DG 3 O6 ? ? B DC 19 A DG 3  1_555 ? ? ? ? ? ? WATSON-CRICK ? ? ? 
hydrog23 hydrog ? ? A DC 13 O2 ? ? ? 1_555 D DG 3 N2 ? ? B DC 19 A DG 3  1_555 ? ? ? ? ? ? WATSON-CRICK ? ? ? 
hydrog24 hydrog ? ? A DG 14 N1 ? ? ? 1_555 D DC 2 N3 ? ? B DG 20 A DC 2  1_555 ? ? ? ? ? ? WATSON-CRICK ? ? ? 
hydrog25 hydrog ? ? A DG 14 N2 ? ? ? 1_555 D DC 2 O2 ? ? B DG 20 A DC 2  1_555 ? ? ? ? ? ? WATSON-CRICK ? ? ? 
hydrog26 hydrog ? ? A DG 14 O6 ? ? ? 1_555 D DC 2 N4 ? ? B DG 20 A DC 2  1_555 ? ? ? ? ? ? WATSON-CRICK ? ? ? 
hydrog27 hydrog ? ? A DG 15 O6 ? ? ? 1_555 D DC 1 N4 ? ? B DG 21 A DC 1  1_555 ? ? ? ? ? ? 'DG-DC PAIR' ? ? ? 
hydrog28 hydrog ? ? A DA 17 N1 ? ? ? 1_555 B DT 7 N3 ? ? B DA 23 C DT 34 1_555 ? ? ? ? ? ? WATSON-CRICK ? ? ? 
hydrog29 hydrog ? ? A DA 17 N6 ? ? ? 1_555 B DT 7 O4 ? ? B DA 23 C DT 34 1_555 ? ? ? ? ? ? WATSON-CRICK ? ? ? 
hydrog30 hydrog ? ? A DC 18 N3 ? ? ? 1_555 B DG 6 N1 ? ? B DC 24 C DG 33 1_555 ? ? ? ? ? ? WATSON-CRICK ? ? ? 
hydrog31 hydrog ? ? A DC 18 N4 ? ? ? 1_555 B DG 6 O6 ? ? B DC 24 C DG 33 1_555 ? ? ? ? ? ? WATSON-CRICK ? ? ? 
hydrog32 hydrog ? ? A DC 18 O2 ? ? ? 1_555 B DG 6 N2 ? ? B DC 24 C DG 33 1_555 ? ? ? ? ? ? WATSON-CRICK ? ? ? 
hydrog33 hydrog ? ? A DT 19 N3 ? ? ? 1_555 B DA 5 N1 ? ? B DT 25 C DA 32 1_555 ? ? ? ? ? ? WATSON-CRICK ? ? ? 
hydrog34 hydrog ? ? A DT 19 O4 ? ? ? 1_555 B DA 5 N6 ? ? B DT 25 C DA 32 1_555 ? ? ? ? ? ? WATSON-CRICK ? ? ? 
hydrog35 hydrog ? ? A DC 20 N3 ? ? ? 1_555 B DG 4 N1 ? ? B DC 26 C DG 31 1_555 ? ? ? ? ? ? WATSON-CRICK ? ? ? 
hydrog36 hydrog ? ? A DC 20 N4 ? ? ? 1_555 B DG 4 O6 ? ? B DC 26 C DG 31 1_555 ? ? ? ? ? ? WATSON-CRICK ? ? ? 
hydrog37 hydrog ? ? A DC 20 O2 ? ? ? 1_555 B DG 4 N2 ? ? B DC 26 C DG 31 1_555 ? ? ? ? ? ? WATSON-CRICK ? ? ? 
hydrog38 hydrog ? ? A DA 21 N1 ? ? ? 1_555 B DT 3 N3 ? ? B DA 27 C DT 30 1_555 ? ? ? ? ? ? WATSON-CRICK ? ? ? 
hydrog39 hydrog ? ? A DA 21 N6 ? ? ? 1_555 B DT 3 O4 ? ? B DA 27 C DT 30 1_555 ? ? ? ? ? ? WATSON-CRICK ? ? ? 
# 
_struct_conn_type.id          hydrog 
_struct_conn_type.criteria    ? 
_struct_conn_type.reference   ? 
# 
_atom_sites.entry_id                    7JRY 
_atom_sites.Cartn_transf_matrix[1][1]   ? 
_atom_sites.Cartn_transf_matrix[1][2]   ? 
_atom_sites.Cartn_transf_matrix[1][3]   ? 
_atom_sites.Cartn_transf_matrix[2][1]   ? 
_atom_sites.Cartn_transf_matrix[2][2]   ? 
_atom_sites.Cartn_transf_matrix[2][3]   ? 
_atom_sites.Cartn_transf_matrix[3][1]   ? 
_atom_sites.Cartn_transf_matrix[3][2]   ? 
_atom_sites.Cartn_transf_matrix[3][3]   ? 
_atom_sites.Cartn_transf_vector[1]      ? 
_atom_sites.Cartn_transf_vector[2]      ? 
_atom_sites.Cartn_transf_vector[3]      ? 
_atom_sites.fract_transf_matrix[1][1]   -0.00346703 
_atom_sites.fract_transf_matrix[1][2]   0.00940691 
_atom_sites.fract_transf_matrix[1][3]   0.00020457 
_atom_sites.fract_transf_matrix[2][1]   -0.00984273 
_atom_sites.fract_transf_matrix[2][2]   0.00173520 
_atom_sites.fract_transf_matrix[2][3]   -0.00081886 
_atom_sites.fract_transf_matrix[3][1]   -0.00190169 
_atom_sites.fract_transf_matrix[3][2]   -0.00114523 
_atom_sites.fract_transf_matrix[3][3]   0.02043176 
_atom_sites.fract_transf_vector[1]      0.346464 
_atom_sites.fract_transf_vector[2]      -0.070799 
_atom_sites.fract_transf_vector[3]      0.220314 
_atom_sites.solution_primary            ? 
_atom_sites.solution_secondary          ? 
_atom_sites.solution_hydrogens          ? 
_atom_sites.special_details             ? 
# 
loop_
_atom_type.symbol 
AS 
C  
N  
O  
P  
# 
loop_
_atom_site.group_PDB 
_atom_site.id 
_atom_site.type_symbol 
_atom_site.label_atom_id 
_atom_site.label_alt_id 
_atom_site.label_comp_id 
_atom_site.label_asym_id 
_atom_site.label_entity_id 
_atom_site.label_seq_id 
_atom_site.pdbx_PDB_ins_code 
_atom_site.Cartn_x 
_atom_site.Cartn_y 
_atom_site.Cartn_z 
_atom_site.occupancy 
_atom_site.B_iso_or_equiv 
_atom_site.pdbx_formal_charge 
_atom_site.auth_seq_id 
_atom_site.auth_comp_id 
_atom_site.auth_asym_id 
_atom_site.auth_atom_id 
_atom_site.pdbx_PDB_model_num 
ATOM   1   O  "O5'" . DG  A 1 1  ? -19.064 28.752  16.153  1.00 169.08 ? 7   DG  B "O5'" 1 
ATOM   2   C  "C5'" . DG  A 1 1  ? -18.360 27.919  15.240  1.00 167.55 ? 7   DG  B "C5'" 1 
ATOM   3   C  "C4'" . DG  A 1 1  ? -18.308 28.556  13.864  1.00 166.34 ? 7   DG  B "C4'" 1 
ATOM   4   O  "O4'" . DG  A 1 1  ? -17.364 29.641  13.875  1.00 159.17 ? 7   DG  B "O4'" 1 
ATOM   5   C  "C3'" . DG  A 1 1  ? -17.827 27.643  12.752  1.00 169.84 ? 7   DG  B "C3'" 1 
ATOM   6   O  "O3'" . DG  A 1 1  ? -18.929 26.910  12.223  1.00 179.82 ? 7   DG  B "O3'" 1 
ATOM   7   C  "C2'" . DG  A 1 1  ? -17.267 28.627  11.722  1.00 159.31 ? 7   DG  B "C2'" 1 
ATOM   8   C  "C1'" . DG  A 1 1  ? -16.869 29.840  12.567  1.00 149.11 ? 7   DG  B "C1'" 1 
ATOM   9   N  N9    . DG  A 1 1  ? -15.432 30.064  12.650  1.00 146.01 ? 7   DG  B N9    1 
ATOM   10  C  C8    . DG  A 1 1  ? -14.605 29.756  13.702  1.00 146.01 ? 7   DG  B C8    1 
ATOM   11  N  N7    . DG  A 1 1  ? -13.363 30.095  13.502  1.00 146.01 ? 7   DG  B N7    1 
ATOM   12  C  C5    . DG  A 1 1  ? -13.370 30.668  12.236  1.00 146.01 ? 7   DG  B C5    1 
ATOM   13  C  C6    . DG  A 1 1  ? -12.310 31.223  11.482  1.00 146.01 ? 7   DG  B C6    1 
ATOM   14  O  O6    . DG  A 1 1  ? -11.115 31.319  11.793  1.00 146.01 ? 7   DG  B O6    1 
ATOM   15  N  N1    . DG  A 1 1  ? -12.750 31.697  10.247  1.00 146.01 ? 7   DG  B N1    1 
ATOM   16  C  C2    . DG  A 1 1  ? -14.051 31.640  9.801   1.00 146.01 ? 7   DG  B C2    1 
ATOM   17  N  N2    . DG  A 1 1  ? -14.285 32.145  8.582   1.00 146.01 ? 7   DG  B N2    1 
ATOM   18  N  N3    . DG  A 1 1  ? -15.052 31.124  10.499  1.00 146.01 ? 7   DG  B N3    1 
ATOM   19  C  C4    . DG  A 1 1  ? -14.638 30.658  11.701  1.00 146.01 ? 7   DG  B C4    1 
ATOM   20  P  P     . DA  A 1 2  ? -18.737 25.967  10.934  1.00 181.45 ? 8   DA  B P     1 
ATOM   21  O  OP1   . DA  A 1 2  ? -19.817 24.955  10.964  1.00 169.72 ? 8   DA  B OP1   1 
ATOM   22  O  OP2   . DA  A 1 2  ? -17.324 25.526  10.897  1.00 162.19 ? 8   DA  B OP2   1 
ATOM   23  O  "O5'" . DA  A 1 2  ? -18.980 26.949  9.691   1.00 170.04 ? 8   DA  B "O5'" 1 
ATOM   24  C  "C5'" . DA  A 1 2  ? -18.758 26.483  8.365   1.00 164.48 ? 8   DA  B "C5'" 1 
ATOM   25  C  "C4'" . DA  A 1 2  ? -18.247 27.600  7.472   1.00 165.13 ? 8   DA  B "C4'" 1 
ATOM   26  O  "O4'" . DA  A 1 2  ? -17.182 28.314  8.152   1.00 161.61 ? 8   DA  B "O4'" 1 
ATOM   27  C  "C3'" . DA  A 1 2  ? -17.627 27.137  6.162   1.00 166.69 ? 8   DA  B "C3'" 1 
ATOM   28  O  "O3'" . DA  A 1 2  ? -17.700 28.188  5.208   1.00 176.77 ? 8   DA  B "O3'" 1 
ATOM   29  C  "C2'" . DA  A 1 2  ? -16.190 26.880  6.586   1.00 161.49 ? 8   DA  B "C2'" 1 
ATOM   30  C  "C1'" . DA  A 1 2  ? -15.959 28.092  7.472   1.00 158.49 ? 8   DA  B "C1'" 1 
ATOM   31  N  N9    . DA  A 1 2  ? -14.909 27.925  8.465   1.00 151.01 ? 8   DA  B N9    1 
ATOM   32  C  C8    . DA  A 1 2  ? -15.012 27.307  9.678   1.00 149.02 ? 8   DA  B C8    1 
ATOM   33  N  N7    . DA  A 1 2  ? -13.906 27.330  10.381  1.00 149.13 ? 8   DA  B N7    1 
ATOM   34  C  C5    . DA  A 1 2  ? -13.016 28.017  9.573   1.00 147.32 ? 8   DA  B C5    1 
ATOM   35  C  C6    . DA  A 1 2  ? -11.667 28.379  9.743   1.00 147.32 ? 8   DA  B C6    1 
ATOM   36  N  N6    . DA  A 1 2  ? -10.956 28.079  10.835  1.00 147.32 ? 8   DA  B N6    1 
ATOM   37  N  N1    . DA  A 1 2  ? -11.076 29.063  8.741   1.00 147.32 ? 8   DA  B N1    1 
ATOM   38  C  C2    . DA  A 1 2  ? -11.792 29.361  7.650   1.00 147.32 ? 8   DA  B C2    1 
ATOM   39  N  N3    . DA  A 1 2  ? -13.063 29.073  7.378   1.00 149.04 ? 8   DA  B N3    1 
ATOM   40  C  C4    . DA  A 1 2  ? -13.623 28.395  8.390   1.00 149.51 ? 8   DA  B C4    1 
ATOM   41  P  P     . DG  A 1 3  ? -17.560 27.868  3.642   1.00 186.31 ? 9   DG  B P     1 
ATOM   42  O  OP1   . DG  A 1 3  ? -17.874 29.108  2.897   1.00 184.02 ? 9   DG  B OP1   1 
ATOM   43  O  OP2   . DG  A 1 3  ? -18.321 26.628  3.371   1.00 187.06 ? 9   DG  B OP2   1 
ATOM   44  O  "O5'" . DG  A 1 3  ? -16.007 27.542  3.456   1.00 165.14 ? 9   DG  B "O5'" 1 
ATOM   45  C  "C5'" . DG  A 1 3  ? -15.592 26.698  2.401   1.00 167.65 ? 9   DG  B "C5'" 1 
ATOM   46  C  "C4'" . DG  A 1 3  ? -14.349 27.249  1.729   1.00 172.74 ? 9   DG  B "C4'" 1 
ATOM   47  O  "O4'" . DG  A 1 3  ? -13.582 28.022  2.679   1.00 172.00 ? 9   DG  B "O4'" 1 
ATOM   48  C  "C3'" . DG  A 1 3  ? -13.422 26.186  1.148   1.00 177.92 ? 9   DG  B "C3'" 1 
ATOM   49  O  "O3'" . DG  A 1 3  ? -13.419 26.269  -0.295  1.00 182.76 ? 9   DG  B "O3'" 1 
ATOM   50  C  "C2'" . DG  A 1 3  ? -12.041 26.456  1.763   1.00 174.23 ? 9   DG  B "C2'" 1 
ATOM   51  C  "C1'" . DG  A 1 3  ? -12.315 27.442  2.895   1.00 167.33 ? 9   DG  B "C1'" 1 
ATOM   52  N  N9    . DG  A 1 3  ? -12.294 26.856  4.235   1.00 162.90 ? 9   DG  B N9    1 
ATOM   53  C  C8    . DG  A 1 3  ? -13.306 26.164  4.855   1.00 162.00 ? 9   DG  B C8    1 
ATOM   54  N  N7    . DG  A 1 3  ? -13.007 25.779  6.065   1.00 156.34 ? 9   DG  B N7    1 
ATOM   55  C  C5    . DG  A 1 3  ? -11.717 26.252  6.262   1.00 155.35 ? 9   DG  B C5    1 
ATOM   56  C  C6    . DG  A 1 3  ? -10.866 26.140  7.390   1.00 150.45 ? 9   DG  B C6    1 
ATOM   57  O  O6    . DG  A 1 3  ? -11.095 25.581  8.473   1.00 148.98 ? 9   DG  B O6    1 
ATOM   58  N  N1    . DG  A 1 3  ? -9.639  26.763  7.172   1.00 148.98 ? 9   DG  B N1    1 
ATOM   59  C  C2    . DG  A 1 3  ? -9.282  27.410  6.012   1.00 148.98 ? 9   DG  B C2    1 
ATOM   60  N  N2    . DG  A 1 3  ? -8.055  27.949  5.986   1.00 152.39 ? 9   DG  B N2    1 
ATOM   61  N  N3    . DG  A 1 3  ? -10.068 27.521  4.951   1.00 148.98 ? 9   DG  B N3    1 
ATOM   62  C  C4    . DG  A 1 3  ? -11.266 26.921  5.147   1.00 153.01 ? 9   DG  B C4    1 
ATOM   63  P  P     . DC  A 1 4  ? -12.508 27.339  -1.086  1.00 179.24 ? 10  DC  B P     1 
ATOM   64  O  OP1   . DC  A 1 4  ? -12.440 28.616  -0.340  1.00 177.61 ? 10  DC  B OP1   1 
ATOM   65  O  OP2   . DC  A 1 4  ? -13.013 27.355  -2.476  1.00 179.29 ? 10  DC  B OP2   1 
ATOM   66  O  "O5'" . DC  A 1 4  ? -11.056 26.670  -1.099  1.00 175.27 ? 10  DC  B "O5'" 1 
ATOM   67  C  "C5'" . DC  A 1 4  ? -9.904  27.454  -1.379  1.00 176.69 ? 10  DC  B "C5'" 1 
ATOM   68  C  "C4'" . DC  A 1 4  ? -8.646  26.692  -1.005  1.00 180.20 ? 10  DC  B "C4'" 1 
ATOM   69  O  "O4'" . DC  A 1 4  ? -8.560  26.597  0.431   1.00 169.34 ? 10  DC  B "O4'" 1 
ATOM   70  C  "C3'" . DC  A 1 4  ? -8.609  25.247  -1.507  1.00 178.64 ? 10  DC  B "C3'" 1 
ATOM   71  O  "O3'" . DC  A 1 4  ? -7.753  25.082  -2.681  1.00 187.30 ? 10  DC  B "O3'" 1 
ATOM   72  C  "C2'" . DC  A 1 4  ? -8.130  24.417  -0.307  1.00 170.26 ? 10  DC  B "C2'" 1 
ATOM   73  C  "C1'" . DC  A 1 4  ? -7.800  25.465  0.752   1.00 163.07 ? 10  DC  B "C1'" 1 
ATOM   74  N  N1    . DC  A 1 4  ? -8.146  25.027  2.132   1.00 156.68 ? 10  DC  B N1    1 
ATOM   75  C  C2    . DC  A 1 4  ? -7.241  25.245  3.176   1.00 155.07 ? 10  DC  B C2    1 
ATOM   76  O  O2    . DC  A 1 4  ? -6.170  25.817  2.938   1.00 154.55 ? 10  DC  B O2    1 
ATOM   77  N  N3    . DC  A 1 4  ? -7.568  24.826  4.425   1.00 153.11 ? 10  DC  B N3    1 
ATOM   78  C  C4    . DC  A 1 4  ? -8.734  24.213  4.640   1.00 155.12 ? 10  DC  B C4    1 
ATOM   79  N  N4    . DC  A 1 4  ? -9.012  23.817  5.888   1.00 153.94 ? 10  DC  B N4    1 
ATOM   80  C  C5    . DC  A 1 4  ? -9.664  23.977  3.587   1.00 156.74 ? 10  DC  B C5    1 
ATOM   81  C  C6    . DC  A 1 4  ? -9.330  24.393  2.361   1.00 158.48 ? 10  DC  B C6    1 
ATOM   82  P  P     . DA  A 1 5  ? -6.305  25.781  -2.834  1.00 199.86 ? 11  DA  B P     1 
ATOM   83  O  OP1   . DA  A 1 5  ? -6.453  27.246  -2.981  1.00 192.69 ? 11  DA  B OP1   1 
ATOM   84  O  OP2   . DA  A 1 5  ? -5.633  25.042  -3.927  1.00 204.03 ? 11  DA  B OP2   1 
ATOM   85  O  "O5'" . DA  A 1 5  ? -5.506  25.421  -1.491  1.00 177.96 ? 11  DA  B "O5'" 1 
ATOM   86  C  "C5'" . DA  A 1 5  ? -4.362  26.197  -1.122  1.00 173.50 ? 11  DA  B "C5'" 1 
ATOM   87  C  "C4'" . DA  A 1 5  ? -3.345  25.382  -0.330  1.00 170.38 ? 11  DA  B "C4'" 1 
ATOM   88  O  "O4'" . DA  A 1 5  ? -3.990  24.713  0.784   1.00 166.54 ? 11  DA  B "O4'" 1 
ATOM   89  C  "C3'" . DA  A 1 5  ? -2.605  24.295  -1.109  1.00 176.47 ? 11  DA  B "C3'" 1 
ATOM   90  O  "O3'" . DA  A 1 5  ? -1.228  24.309  -0.728  1.00 180.61 ? 11  DA  B "O3'" 1 
ATOM   91  C  "C2'" . DA  A 1 5  ? -3.309  23.012  -0.664  1.00 169.98 ? 11  DA  B "C2'" 1 
ATOM   92  C  "C1'" . DA  A 1 5  ? -3.651  23.341  0.779   1.00 163.56 ? 11  DA  B "C1'" 1 
ATOM   93  N  N9    . DA  A 1 5  ? -4.800  22.609  1.291   1.00 160.09 ? 11  DA  B N9    1 
ATOM   94  C  C8    . DA  A 1 5  ? -5.910  22.227  0.595   1.00 160.44 ? 11  DA  B C8    1 
ATOM   95  N  N7    . DA  A 1 5  ? -6.806  21.605  1.324   1.00 156.04 ? 11  DA  B N7    1 
ATOM   96  C  C5    . DA  A 1 5  ? -6.245  21.580  2.588   1.00 156.89 ? 11  DA  B C5    1 
ATOM   97  C  C6    . DA  A 1 5  ? -6.695  21.057  3.815   1.00 157.50 ? 11  DA  B C6    1 
ATOM   98  N  N6    . DA  A 1 5  ? -7.870  20.429  3.962   1.00 153.35 ? 11  DA  B N6    1 
ATOM   99  N  N1    . DA  A 1 5  ? -5.887  21.202  4.887   1.00 161.55 ? 11  DA  B N1    1 
ATOM   100 C  C2    . DA  A 1 5  ? -4.712  21.830  4.733   1.00 155.22 ? 11  DA  B C2    1 
ATOM   101 N  N3    . DA  A 1 5  ? -4.185  22.362  3.632   1.00 153.35 ? 11  DA  B N3    1 
ATOM   102 C  C4    . DA  A 1 5  ? -5.008  22.202  2.587   1.00 157.35 ? 11  DA  B C4    1 
ATOM   103 P  P     . DG  A 1 6  ? -0.195  23.208  -1.280  1.00 175.62 ? 12  DG  B P     1 
ATOM   104 O  OP1   . DG  A 1 6  ? 1.070   23.914  -1.578  1.00 166.37 ? 12  DG  B OP1   1 
ATOM   105 O  OP2   . DG  A 1 6  ? -0.847  22.402  -2.337  1.00 182.89 ? 12  DG  B OP2   1 
ATOM   106 O  "O5'" . DG  A 1 6  ? 0.057   22.267  -0.016  1.00 170.76 ? 12  DG  B "O5'" 1 
ATOM   107 C  "C5'" . DG  A 1 6  ? 0.623   22.813  1.169   1.00 167.12 ? 12  DG  B "C5'" 1 
ATOM   108 C  "C4'" . DG  A 1 6  ? 0.673   21.769  2.266   1.00 165.86 ? 12  DG  B "C4'" 1 
ATOM   109 O  "O4'" . DG  A 1 6  ? -0.682  21.368  2.609   1.00 165.81 ? 12  DG  B "O4'" 1 
ATOM   110 C  "C3'" . DG  A 1 6  ? 1.413   20.478  1.892   1.00 164.63 ? 12  DG  B "C3'" 1 
ATOM   111 O  "O3'" . DG  A 1 6  ? 2.217   20.035  2.982   1.00 170.76 ? 12  DG  B "O3'" 1 
ATOM   112 C  "C2'" . DG  A 1 6  ? 0.276   19.504  1.617   1.00 162.74 ? 12  DG  B "C2'" 1 
ATOM   113 C  "C1'" . DG  A 1 6  ? -0.742  19.964  2.639   1.00 159.51 ? 12  DG  B "C1'" 1 
ATOM   114 N  N9    . DG  A 1 6  ? -2.098  19.531  2.331   1.00 157.35 ? 12  DG  B N9    1 
ATOM   115 C  C8    . DG  A 1 6  ? -2.705  19.530  1.099   1.00 154.62 ? 12  DG  B C8    1 
ATOM   116 N  N7    . DG  A 1 6  ? -3.924  19.069  1.122   1.00 155.49 ? 12  DG  B N7    1 
ATOM   117 C  C5    . DG  A 1 6  ? -4.135  18.737  2.455   1.00 156.43 ? 12  DG  B C5    1 
ATOM   118 C  C6    . DG  A 1 6  ? -5.276  18.190  3.087   1.00 155.16 ? 12  DG  B C6    1 
ATOM   119 O  O6    . DG  A 1 6  ? -6.362  17.883  2.576   1.00 155.45 ? 12  DG  B O6    1 
ATOM   120 N  N1    . DG  A 1 6  ? -5.072  18.007  4.453   1.00 157.33 ? 12  DG  B N1    1 
ATOM   121 C  C2    . DG  A 1 6  ? -3.909  18.316  5.123   1.00 158.98 ? 12  DG  B C2    1 
ATOM   122 N  N2    . DG  A 1 6  ? -3.900  18.069  6.441   1.00 156.39 ? 12  DG  B N2    1 
ATOM   123 N  N3    . DG  A 1 6  ? -2.832  18.828  4.541   1.00 156.64 ? 12  DG  B N3    1 
ATOM   124 C  C4    . DG  A 1 6  ? -3.018  19.011  3.210   1.00 155.99 ? 12  DG  B C4    1 
ATOM   125 P  P     . DA  A 1 7  ? 3.338   18.901  2.759   1.00 184.89 ? 13  DA  B P     1 
ATOM   126 O  OP1   . DA  A 1 7  ? 4.458   19.522  2.017   1.00 172.23 ? 13  DA  B OP1   1 
ATOM   127 O  OP2   . DA  A 1 7  ? 2.691   17.680  2.225   1.00 165.88 ? 13  DA  B OP2   1 
ATOM   128 O  "O5'" . DA  A 1 7  ? 3.825   18.551  4.240   1.00 172.13 ? 13  DA  B "O5'" 1 
ATOM   129 C  "C5'" . DA  A 1 7  ? 3.783   17.206  4.697   1.00 159.11 ? 13  DA  B "C5'" 1 
ATOM   130 C  "C4'" . DA  A 1 7  ? 2.551   16.960  5.549   1.00 154.20 ? 13  DA  B "C4'" 1 
ATOM   131 O  "O4'" . DA  A 1 7  ? 1.364   17.156  4.757   1.00 154.20 ? 13  DA  B "O4'" 1 
ATOM   132 C  "C3'" . DA  A 1 7  ? 2.436   15.543  6.107   1.00 162.89 ? 13  DA  B "C3'" 1 
ATOM   133 O  "O3'" . DA  A 1 7  ? 2.766   15.537  7.487   1.00 169.40 ? 13  DA  B "O3'" 1 
ATOM   134 C  "C2'" . DA  A 1 7  ? 0.967   15.142  5.874   1.00 154.20 ? 13  DA  B "C2'" 1 
ATOM   135 C  "C1'" . DA  A 1 7  ? 0.327   16.415  5.340   1.00 154.20 ? 13  DA  B "C1'" 1 
ATOM   136 N  N9    . DA  A 1 7  ? -0.704  16.174  4.333   1.00 156.02 ? 13  DA  B N9    1 
ATOM   137 C  C8    . DA  A 1 7  ? -0.618  16.415  2.989   1.00 155.50 ? 13  DA  B C8    1 
ATOM   138 N  N7    . DA  A 1 7  ? -1.707  16.105  2.325   1.00 154.20 ? 13  DA  B N7    1 
ATOM   139 C  C5    . DA  A 1 7  ? -2.568  15.628  3.299   1.00 154.20 ? 13  DA  B C5    1 
ATOM   140 C  C6    . DA  A 1 7  ? -3.888  15.136  3.243   1.00 154.20 ? 13  DA  B C6    1 
ATOM   141 N  N6    . DA  A 1 7  ? -4.592  15.044  2.109   1.00 154.20 ? 13  DA  B N6    1 
ATOM   142 N  N1    . DA  A 1 7  ? -4.456  14.742  4.400   1.00 154.20 ? 13  DA  B N1    1 
ATOM   143 C  C2    . DA  A 1 7  ? -3.747  14.836  5.533   1.00 154.20 ? 13  DA  B C2    1 
ATOM   144 N  N3    . DA  A 1 7  ? -2.504  15.280  5.709   1.00 154.20 ? 13  DA  B N3    1 
ATOM   145 C  C4    . DA  A 1 7  ? -1.965  15.664  4.543   1.00 154.20 ? 13  DA  B C4    1 
ATOM   146 P  P     . DC  A 1 8  ? 3.228   14.171  8.194   1.00 181.19 ? 14  DC  B P     1 
ATOM   147 O  OP1   . DC  A 1 8  ? 3.798   14.505  9.518   1.00 176.06 ? 14  DC  B OP1   1 
ATOM   148 O  OP2   . DC  A 1 8  ? 4.028   13.405  7.213   1.00 172.99 ? 14  DC  B OP2   1 
ATOM   149 O  "O5'" . DC  A 1 8  ? 1.864   13.374  8.406   1.00 173.27 ? 14  DC  B "O5'" 1 
ATOM   150 C  "C5'" . DC  A 1 8  ? 1.624   12.189  7.675   1.00 168.47 ? 14  DC  B "C5'" 1 
ATOM   151 C  "C4'" . DC  A 1 8  ? 0.153   11.838  7.701   1.00 164.08 ? 14  DC  B "C4'" 1 
ATOM   152 O  "O4'" . DC  A 1 8  ? -0.507  12.448  6.582   1.00 156.62 ? 14  DC  B "O4'" 1 
ATOM   153 C  "C3'" . DC  A 1 8  ? -0.139  10.357  7.560   1.00 166.03 ? 14  DC  B "C3'" 1 
ATOM   154 O  "O3'" . DC  A 1 8  ? -0.264  9.774   8.841   1.00 173.25 ? 14  DC  B "O3'" 1 
ATOM   155 C  "C2'" . DC  A 1 8  ? -1.466  10.305  6.784   1.00 159.66 ? 14  DC  B "C2'" 1 
ATOM   156 C  "C1'" . DC  A 1 8  ? -1.705  11.753  6.352   1.00 154.94 ? 14  DC  B "C1'" 1 
ATOM   157 N  N1    . DC  A 1 8  ? -2.065  11.886  4.915   1.00 154.94 ? 14  DC  B N1    1 
ATOM   158 C  C2    . DC  A 1 8  ? -3.355  11.549  4.497   1.00 154.94 ? 14  DC  B C2    1 
ATOM   159 O  O2    . DC  A 1 8  ? -4.172  11.151  5.332   1.00 154.94 ? 14  DC  B O2    1 
ATOM   160 N  N3    . DC  A 1 8  ? -3.674  11.671  3.185   1.00 154.94 ? 14  DC  B N3    1 
ATOM   161 C  C4    . DC  A 1 8  ? -2.762  12.106  2.317   1.00 154.94 ? 14  DC  B C4    1 
ATOM   162 N  N4    . DC  A 1 8  ? -3.120  12.212  1.033   1.00 154.94 ? 14  DC  B N4    1 
ATOM   163 C  C5    . DC  A 1 8  ? -1.439  12.454  2.724   1.00 154.94 ? 14  DC  B C5    1 
ATOM   164 C  C6    . DC  A 1 8  ? -1.138  12.329  4.020   1.00 154.94 ? 14  DC  B C6    1 
ATOM   165 P  P     . DC  A 1 9  ? -0.502  8.193   8.978   1.00 181.41 ? 15  DC  B P     1 
ATOM   166 O  OP1   . DC  A 1 9  ? -0.195  7.826   10.378  1.00 168.57 ? 15  DC  B OP1   1 
ATOM   167 O  OP2   . DC  A 1 9  ? 0.221   7.541   7.863   1.00 184.01 ? 15  DC  B OP2   1 
ATOM   168 O  "O5'" . DC  A 1 9  ? -2.074  8.020   8.725   1.00 172.21 ? 15  DC  B "O5'" 1 
ATOM   169 C  "C5'" . DC  A 1 9  ? -2.571  6.878   8.040   1.00 169.52 ? 15  DC  B "C5'" 1 
ATOM   170 C  "C4'" . DC  A 1 9  ? -4.063  7.009   7.798   1.00 168.79 ? 15  DC  B "C4'" 1 
ATOM   171 O  "O4'" . DC  A 1 9  ? -4.311  8.156   6.946   1.00 168.69 ? 15  DC  B "O4'" 1 
ATOM   172 C  "C3'" . DC  A 1 9  ? -4.705  5.829   7.087   1.00 171.44 ? 15  DC  B "C3'" 1 
ATOM   173 O  "O3'" . DC  A 1 9  ? -5.159  4.883   8.042   1.00 176.67 ? 15  DC  B "O3'" 1 
ATOM   174 C  "C2'" . DC  A 1 9  ? -5.874  6.481   6.360   1.00 166.03 ? 15  DC  B "C2'" 1 
ATOM   175 C  "C1'" . DC  A 1 9  ? -5.288  7.836   5.971   1.00 167.77 ? 15  DC  B "C1'" 1 
ATOM   176 N  N1    . DC  A 1 9  ? -4.636  7.856   4.623   1.00 163.57 ? 15  DC  B N1    1 
ATOM   177 C  C2    . DC  A 1 9  ? -5.413  7.684   3.467   1.00 156.54 ? 15  DC  B C2    1 
ATOM   178 O  O2    . DC  A 1 9  ? -6.635  7.511   3.573   1.00 156.54 ? 15  DC  B O2    1 
ATOM   179 N  N3    . DC  A 1 9  ? -4.799  7.716   2.257   1.00 156.54 ? 15  DC  B N3    1 
ATOM   180 C  C4    . DC  A 1 9  ? -3.481  7.910   2.180   1.00 156.54 ? 15  DC  B C4    1 
ATOM   181 N  N4    . DC  A 1 9  ? -2.922  7.933   0.966   1.00 156.54 ? 15  DC  B N4    1 
ATOM   182 C  C5    . DC  A 1 9  ? -2.676  8.089   3.343   1.00 156.54 ? 15  DC  B C5    1 
ATOM   183 C  C6    . DC  A 1 9  ? -3.288  8.058   4.530   1.00 156.54 ? 15  DC  B C6    1 
ATOM   184 P  P     . DA  A 1 10 ? -5.014  3.308   7.756   1.00 187.79 ? 16  DA  B P     1 
ATOM   185 O  OP1   . DA  A 1 10 ? -5.371  2.597   9.004   1.00 191.70 ? 16  DA  B OP1   1 
ATOM   186 O  OP2   . DA  A 1 10 ? -3.688  3.086   7.136   1.00 171.35 ? 16  DA  B OP2   1 
ATOM   187 O  "O5'" . DA  A 1 10 ? -6.135  3.009   6.653   1.00 179.02 ? 16  DA  B "O5'" 1 
ATOM   188 C  "C5'" . DA  A 1 10 ? -7.508  3.257   6.944   1.00 174.56 ? 16  DA  B "C5'" 1 
ATOM   189 C  "C4'" . DA  A 1 10 ? -8.384  2.973   5.734   1.00 174.86 ? 16  DA  B "C4'" 1 
ATOM   190 O  "O4'" . DA  A 1 10 ? -7.966  3.811   4.621   1.00 173.28 ? 16  DA  B "O4'" 1 
ATOM   191 C  "C3'" . DA  A 1 10 ? -8.332  1.538   5.211   1.00 179.20 ? 16  DA  B "C3'" 1 
ATOM   192 O  "O3'" . DA  A 1 10 ? -9.608  1.177   4.702   1.00 188.27 ? 16  DA  B "O3'" 1 
ATOM   193 C  "C2'" . DA  A 1 10 ? -7.297  1.632   4.096   1.00 174.49 ? 16  DA  B "C2'" 1 
ATOM   194 C  "C1'" . DA  A 1 10 ? -7.630  2.996   3.516   1.00 172.50 ? 16  DA  B "C1'" 1 
ATOM   195 N  N9    . DA  A 1 10 ? -6.525  3.627   2.791   1.00 168.50 ? 16  DA  B N9    1 
ATOM   196 C  C8    . DA  A 1 10 ? -5.357  4.105   3.317   1.00 166.90 ? 16  DA  B C8    1 
ATOM   197 N  N7    . DA  A 1 10 ? -4.550  4.633   2.425   1.00 160.43 ? 16  DA  B N7    1 
ATOM   198 C  C5    . DA  A 1 10 ? -5.237  4.497   1.230   1.00 156.77 ? 16  DA  B C5    1 
ATOM   199 C  C6    . DA  A 1 10 ? -4.922  4.860   -0.095  1.00 155.25 ? 16  DA  B C6    1 
ATOM   200 N  N6    . DA  A 1 10 ? -3.779  5.460   -0.444  1.00 155.25 ? 16  DA  B N6    1 
ATOM   201 N  N1    . DA  A 1 10 ? -5.832  4.579   -1.051  1.00 155.25 ? 16  DA  B N1    1 
ATOM   202 C  C2    . DA  A 1 10 ? -6.974  3.978   -0.701  1.00 155.25 ? 16  DA  B C2    1 
ATOM   203 N  N3    . DA  A 1 10 ? -7.382  3.590   0.507   1.00 155.25 ? 16  DA  B N3    1 
ATOM   204 C  C4    . DA  A 1 10 ? -6.459  3.881   1.438   1.00 158.81 ? 16  DA  B C4    1 
ATOM   205 P  P     . DG  A 1 11 ? -9.996  -0.368  4.489   1.00 203.32 ? 17  DG  B P     1 
ATOM   206 O  OP1   . DG  A 1 11 ? -11.010 -0.711  5.512   1.00 192.16 ? 17  DG  B OP1   1 
ATOM   207 O  OP2   . DG  A 1 11 ? -8.741  -1.151  4.408   1.00 182.72 ? 17  DG  B OP2   1 
ATOM   208 O  "O5'" . DG  A 1 11 ? -10.696 -0.387  3.048   1.00 190.15 ? 17  DG  B "O5'" 1 
ATOM   209 C  "C5'" . DG  A 1 11 ? -10.129 0.363   1.972   1.00 180.91 ? 17  DG  B "C5'" 1 
ATOM   210 C  "C4'" . DG  A 1 11 ? -10.445 -0.280  0.631   1.00 178.48 ? 17  DG  B "C4'" 1 
ATOM   211 O  "O4'" . DG  A 1 11 ? -9.465  0.152   -0.339  1.00 176.11 ? 17  DG  B "O4'" 1 
ATOM   212 C  "C3'" . DG  A 1 11 ? -10.346 -1.794  0.612   1.00 177.24 ? 17  DG  B "C3'" 1 
ATOM   213 O  "O3'" . DG  A 1 11 ? -11.090 -2.329  -0.491  1.00 175.98 ? 17  DG  B "O3'" 1 
ATOM   214 C  "C2'" . DG  A 1 11 ? -8.844  -2.010  0.438   1.00 169.15 ? 17  DG  B "C2'" 1 
ATOM   215 C  "C1'" . DG  A 1 11 ? -8.431  -0.813  -0.430  1.00 169.57 ? 17  DG  B "C1'" 1 
ATOM   216 N  N9    . DG  A 1 11 ? -7.179  -0.193  -0.001  1.00 156.57 ? 17  DG  B N9    1 
ATOM   217 C  C8    . DG  A 1 11 ? -6.640  -0.211  1.263   1.00 157.80 ? 17  DG  B C8    1 
ATOM   218 N  N7    . DG  A 1 11 ? -5.508  0.430   1.356   1.00 152.87 ? 17  DG  B N7    1 
ATOM   219 C  C5    . DG  A 1 11 ? -5.280  0.904   0.070   1.00 151.91 ? 17  DG  B C5    1 
ATOM   220 C  C6    . DG  A 1 11 ? -4.206  1.670   -0.442  1.00 151.91 ? 17  DG  B C6    1 
ATOM   221 O  O6    . DG  A 1 11 ? -3.210  2.097   0.163   1.00 156.83 ? 17  DG  B O6    1 
ATOM   222 N  N1    . DG  A 1 11 ? -4.364  1.937   -1.799  1.00 151.91 ? 17  DG  B N1    1 
ATOM   223 C  C2    . DG  A 1 11 ? -5.425  1.517   -2.565  1.00 151.91 ? 17  DG  B C2    1 
ATOM   224 N  N2    . DG  A 1 11 ? -5.403  1.872   -3.858  1.00 152.25 ? 17  DG  B N2    1 
ATOM   225 N  N3    . DG  A 1 11 ? -6.438  0.798   -2.097  1.00 151.91 ? 17  DG  B N3    1 
ATOM   226 C  C4    . DG  A 1 11 ? -6.299  0.530   -0.777  1.00 151.91 ? 17  DG  B C4    1 
ATOM   227 P  P     . DA  A 1 12 ? -11.809 -3.763  -0.365  1.00 183.24 ? 18  DA  B P     1 
ATOM   228 O  OP1   . DA  A 1 12 ? -13.243 -3.588  -0.676  1.00 173.34 ? 18  DA  B OP1   1 
ATOM   229 O  OP2   . DA  A 1 12 ? -11.392 -4.372  0.917   1.00 180.10 ? 18  DA  B OP2   1 
ATOM   230 O  "O5'" . DA  A 1 12 ? -11.152 -4.627  -1.533  1.00 166.22 ? 18  DA  B "O5'" 1 
ATOM   231 C  "C5'" . DA  A 1 12 ? -9.753  -4.645  -1.681  1.00 161.37 ? 18  DA  B "C5'" 1 
ATOM   232 C  "C4'" . DA  A 1 12 ? -9.374  -4.276  -3.095  1.00 156.47 ? 18  DA  B "C4'" 1 
ATOM   233 O  "O4'" . DA  A 1 12 ? -8.444  -3.165  -3.078  1.00 155.49 ? 18  DA  B "O4'" 1 
ATOM   234 C  "C3'" . DA  A 1 12 ? -8.704  -5.386  -3.880  1.00 162.25 ? 18  DA  B "C3'" 1 
ATOM   235 O  "O3'" . DA  A 1 12 ? -9.130  -5.338  -5.224  1.00 162.65 ? 18  DA  B "O3'" 1 
ATOM   236 C  "C2'" . DA  A 1 12 ? -7.212  -5.074  -3.736  1.00 158.63 ? 18  DA  B "C2'" 1 
ATOM   237 C  "C1'" . DA  A 1 12 ? -7.200  -3.551  -3.630  1.00 154.25 ? 18  DA  B "C1'" 1 
ATOM   238 N  N9    . DA  A 1 12 ? -6.138  -3.025  -2.764  1.00 149.84 ? 18  DA  B N9    1 
ATOM   239 C  C8    . DA  A 1 12 ? -6.040  -3.159  -1.407  1.00 152.70 ? 18  DA  B C8    1 
ATOM   240 N  N7    . DA  A 1 12 ? -4.988  -2.571  -0.888  1.00 151.12 ? 18  DA  B N7    1 
ATOM   241 C  C5    . DA  A 1 12 ? -4.350  -2.008  -1.977  1.00 152.04 ? 18  DA  B C5    1 
ATOM   242 C  C6    . DA  A 1 12 ? -3.168  -1.245  -2.096  1.00 153.37 ? 18  DA  B C6    1 
ATOM   243 N  N6    . DA  A 1 12 ? -2.395  -0.913  -1.054  1.00 152.75 ? 18  DA  B N6    1 
ATOM   244 N  N1    . DA  A 1 12 ? -2.811  -0.838  -3.330  1.00 156.66 ? 18  DA  B N1    1 
ATOM   245 C  C2    . DA  A 1 12 ? -3.588  -1.173  -4.370  1.00 158.17 ? 18  DA  B C2    1 
ATOM   246 N  N3    . DA  A 1 12 ? -4.717  -1.883  -4.382  1.00 154.49 ? 18  DA  B N3    1 
ATOM   247 C  C4    . DA  A 1 12 ? -5.046  -2.275  -3.144  1.00 151.20 ? 18  DA  B C4    1 
ATOM   248 P  P     . DC  A 1 13 ? -9.065  -6.655  -6.136  1.00 167.99 ? 19  DC  B P     1 
ATOM   249 O  OP1   . DC  A 1 13 ? -10.151 -6.560  -7.136  1.00 168.69 ? 19  DC  B OP1   1 
ATOM   250 O  OP2   . DC  A 1 13 ? -9.002  -7.826  -5.236  1.00 162.70 ? 19  DC  B OP2   1 
ATOM   251 O  "O5'" . DC  A 1 13 ? -7.659  -6.510  -6.878  1.00 142.09 ? 19  DC  B "O5'" 1 
ATOM   252 C  "C5'" . DC  A 1 13 ? -7.283  -5.244  -7.397  1.00 160.23 ? 19  DC  B "C5'" 1 
ATOM   253 C  "C4'" . DC  A 1 13 ? -5.814  -5.217  -7.766  1.00 157.26 ? 19  DC  B "C4'" 1 
ATOM   254 O  "O4'" . DC  A 1 13 ? -5.058  -4.558  -6.736  1.00 155.89 ? 19  DC  B "O4'" 1 
ATOM   255 C  "C3'" . DC  A 1 13 ? -5.170  -6.589  -7.931  1.00 164.32 ? 19  DC  B "C3'" 1 
ATOM   256 O  "O3'" . DC  A 1 13 ? -5.018  -6.877  -9.311  1.00 171.15 ? 19  DC  B "O3'" 1 
ATOM   257 C  "C2'" . DC  A 1 13 ? -3.807  -6.472  -7.216  1.00 158.47 ? 19  DC  B "C2'" 1 
ATOM   258 C  "C1'" . DC  A 1 13 ? -3.731  -4.999  -6.826  1.00 151.26 ? 19  DC  B "C1'" 1 
ATOM   259 N  N1    . DC  A 1 13 ? -3.067  -4.762  -5.515  1.00 148.14 ? 19  DC  B N1    1 
ATOM   260 C  C2    . DC  A 1 13 ? -1.892  -4.001  -5.457  1.00 158.21 ? 19  DC  B C2    1 
ATOM   261 O  O2    . DC  A 1 13 ? -1.419  -3.538  -6.503  1.00 155.33 ? 19  DC  B O2    1 
ATOM   262 N  N3    . DC  A 1 13 ? -1.304  -3.792  -4.252  1.00 160.53 ? 19  DC  B N3    1 
ATOM   263 C  C4    . DC  A 1 13 ? -1.847  -4.309  -3.146  1.00 159.09 ? 19  DC  B C4    1 
ATOM   264 N  N4    . DC  A 1 13 ? -1.233  -4.078  -1.981  1.00 162.32 ? 19  DC  B N4    1 
ATOM   265 C  C5    . DC  A 1 13 ? -3.043  -5.086  -3.187  1.00 148.86 ? 19  DC  B C5    1 
ATOM   266 C  C6    . DC  A 1 13 ? -3.614  -5.284  -4.380  1.00 144.26 ? 19  DC  B C6    1 
ATOM   267 P  P     . DG  A 1 14 ? -4.378  -8.270  -9.782  1.00 169.24 ? 20  DG  B P     1 
ATOM   268 O  OP1   . DG  A 1 14 ? -4.917  -8.562  -11.129 1.00 170.03 ? 20  DG  B OP1   1 
ATOM   269 O  OP2   . DG  A 1 14 ? -4.560  -9.249  -8.687  1.00 166.10 ? 20  DG  B OP2   1 
ATOM   270 O  "O5'" . DG  A 1 14 ? -2.817  -7.945  -9.896  1.00 141.57 ? 20  DG  B "O5'" 1 
ATOM   271 C  "C5'" . DG  A 1 14 ? -2.388  -6.767  -10.561 1.00 143.12 ? 20  DG  B "C5'" 1 
ATOM   272 C  "C4'" . DG  A 1 14 ? -0.938  -6.464  -10.235 1.00 155.70 ? 20  DG  B "C4'" 1 
ATOM   273 O  "O4'" . DG  A 1 14 ? -0.803  -6.199  -8.812  1.00 155.17 ? 20  DG  B "O4'" 1 
ATOM   274 C  "C3'" . DG  A 1 14 ? 0.051   -7.601  -10.548 1.00 164.20 ? 20  DG  B "C3'" 1 
ATOM   275 O  "O3'" . DG  A 1 14 ? 1.142   -7.112  -11.330 1.00 169.41 ? 20  DG  B "O3'" 1 
ATOM   276 C  "C2'" . DG  A 1 14 ? 0.521   -8.053  -9.167  1.00 157.90 ? 20  DG  B "C2'" 1 
ATOM   277 C  "C1'" . DG  A 1 14 ? 0.406   -6.763  -8.383  1.00 153.64 ? 20  DG  B "C1'" 1 
ATOM   278 N  N9    . DG  A 1 14 ? 0.375   -6.968  -6.940  1.00 158.04 ? 20  DG  B N9    1 
ATOM   279 C  C8    . DG  A 1 14 ? -0.537  -7.703  -6.220  1.00 157.31 ? 20  DG  B C8    1 
ATOM   280 N  N7    . DG  A 1 14 ? -0.290  -7.725  -4.939  1.00 157.40 ? 20  DG  B N7    1 
ATOM   281 C  C5    . DG  A 1 14 ? 0.865   -6.963  -4.803  1.00 160.18 ? 20  DG  B C5    1 
ATOM   282 C  C6    . DG  A 1 14 ? 1.607   -6.629  -3.645  1.00 161.22 ? 20  DG  B C6    1 
ATOM   283 O  O6    . DG  A 1 14 ? 1.384   -6.953  -2.472  1.00 158.48 ? 20  DG  B O6    1 
ATOM   284 N  N1    . DG  A 1 14 ? 2.712   -5.836  -3.951  1.00 164.76 ? 20  DG  B N1    1 
ATOM   285 C  C2    . DG  A 1 14 ? 3.054   -5.419  -5.216  1.00 161.25 ? 20  DG  B C2    1 
ATOM   286 N  N2    . DG  A 1 14 ? 4.155   -4.660  -5.316  1.00 152.15 ? 20  DG  B N2    1 
ATOM   287 N  N3    . DG  A 1 14 ? 2.367   -5.725  -6.308  1.00 157.55 ? 20  DG  B N3    1 
ATOM   288 C  C4    . DG  A 1 14 ? 1.288   -6.495  -6.025  1.00 158.80 ? 20  DG  B C4    1 
ATOM   289 P  P     . DG  A 1 15 ? 2.118   -8.138  -12.093 1.00 166.85 ? 21  DG  B P     1 
ATOM   290 O  OP1   . DG  A 1 15 ? 3.070   -7.346  -12.903 1.00 157.41 ? 21  DG  B OP1   1 
ATOM   291 O  OP2   . DG  A 1 15 ? 1.268   -9.161  -12.742 1.00 166.00 ? 21  DG  B OP2   1 
ATOM   292 O  "O5'" . DG  A 1 15 ? 2.934   -8.853  -10.917 1.00 155.03 ? 21  DG  B "O5'" 1 
ATOM   293 C  "C5'" . DG  A 1 15 ? 4.334   -9.051  -11.040 1.00 150.13 ? 21  DG  B "C5'" 1 
ATOM   294 C  "C4'" . DG  A 1 15 ? 5.079   -8.212  -10.017 1.00 157.67 ? 21  DG  B "C4'" 1 
ATOM   295 O  "O4'" . DG  A 1 15 ? 4.178   -7.863  -8.950  1.00 165.67 ? 21  DG  B "O4'" 1 
ATOM   296 C  "C3'" . DG  A 1 15 ? 6.253   -8.911  -9.350  1.00 159.40 ? 21  DG  B "C3'" 1 
ATOM   297 O  "O3'" . DG  A 1 15 ? 7.441   -8.640  -10.084 1.00 163.85 ? 21  DG  B "O3'" 1 
ATOM   298 C  "C2'" . DG  A 1 15 ? 6.306   -8.278  -7.956  1.00 158.06 ? 21  DG  B "C2'" 1 
ATOM   299 C  "C1'" . DG  A 1 15 ? 4.883   -7.756  -7.731  1.00 162.67 ? 21  DG  B "C1'" 1 
ATOM   300 N  N9    . DG  A 1 15 ? 4.124   -8.460  -6.690  1.00 164.51 ? 21  DG  B N9    1 
ATOM   301 C  C8    . DG  A 1 15 ? 2.946   -9.149  -6.856  1.00 162.66 ? 21  DG  B C8    1 
ATOM   302 N  N7    . DG  A 1 15 ? 2.475   -9.655  -5.749  1.00 160.55 ? 21  DG  B N7    1 
ATOM   303 C  C5    . DG  A 1 15 ? 3.396   -9.274  -4.781  1.00 159.02 ? 21  DG  B C5    1 
ATOM   304 C  C6    . DG  A 1 15 ? 3.416   -9.535  -3.389  1.00 155.89 ? 21  DG  B C6    1 
ATOM   305 O  O6    . DG  A 1 15 ? 2.596   -10.176 -2.716  1.00 157.05 ? 21  DG  B O6    1 
ATOM   306 N  N1    . DG  A 1 15 ? 4.526   -8.967  -2.773  1.00 151.64 ? 21  DG  B N1    1 
ATOM   307 C  C2    . DG  A 1 15 ? 5.496   -8.237  -3.420  1.00 155.06 ? 21  DG  B C2    1 
ATOM   308 N  N2    . DG  A 1 15 ? 6.495   -7.770  -2.658  1.00 153.28 ? 21  DG  B N2    1 
ATOM   309 N  N3    . DG  A 1 15 ? 5.492   -7.987  -4.724  1.00 159.07 ? 21  DG  B N3    1 
ATOM   310 C  C4    . DG  A 1 15 ? 4.416   -8.533  -5.341  1.00 161.64 ? 21  DG  B C4    1 
ATOM   311 P  P     . DG  A 1 16 ? 8.785   -9.473  -9.802  1.00 174.60 ? 22  DG  B P     1 
ATOM   312 O  OP1   . DG  A 1 16 ? 9.292   -9.938  -11.111 1.00 181.34 ? 22  DG  B OP1   1 
ATOM   313 O  OP2   . DG  A 1 16 ? 8.525   -10.461 -8.733  1.00 169.37 ? 22  DG  B OP2   1 
ATOM   314 O  "O5'" . DG  A 1 16 ? 9.794   -8.380  -9.226  1.00 160.11 ? 22  DG  B "O5'" 1 
ATOM   315 C  "C5'" . DG  A 1 16 ? 11.000  -8.791  -8.624  1.00 159.93 ? 22  DG  B "C5'" 1 
ATOM   316 C  "C4'" . DG  A 1 16 ? 11.031  -8.400  -7.161  1.00 158.92 ? 22  DG  B "C4'" 1 
ATOM   317 O  "O4'" . DG  A 1 16 ? 9.717   -8.586  -6.564  1.00 160.39 ? 22  DG  B "O4'" 1 
ATOM   318 C  "C3'" . DG  A 1 16 ? 11.997  -9.216  -6.303  1.00 157.71 ? 22  DG  B "C3'" 1 
ATOM   319 O  "O3'" . DG  A 1 16 ? 12.653  -8.363  -5.391  1.00 167.16 ? 22  DG  B "O3'" 1 
ATOM   320 C  "C2'" . DG  A 1 16 ? 11.068  -10.182 -5.579  1.00 155.06 ? 22  DG  B "C2'" 1 
ATOM   321 C  "C1'" . DG  A 1 16 ? 9.876   -9.282  -5.348  1.00 158.36 ? 22  DG  B "C1'" 1 
ATOM   322 N  N9    . DG  A 1 16 ? 8.636   -9.986  -5.025  1.00 160.90 ? 22  DG  B N9    1 
ATOM   323 C  C8    . DG  A 1 16 ? 7.659   -10.392 -5.898  1.00 162.68 ? 22  DG  B C8    1 
ATOM   324 N  N7    . DG  A 1 16 ? 6.652   -10.985 -5.318  1.00 156.61 ? 22  DG  B N7    1 
ATOM   325 C  C5    . DG  A 1 16 ? 6.984   -10.975 -3.970  1.00 156.20 ? 22  DG  B C5    1 
ATOM   326 C  C6    . DG  A 1 16 ? 6.276   -11.479 -2.853  1.00 148.69 ? 22  DG  B C6    1 
ATOM   327 O  O6    . DG  A 1 16 ? 5.177   -12.054 -2.835  1.00 141.23 ? 22  DG  B O6    1 
ATOM   328 N  N1    . DG  A 1 16 ? 6.966   -11.258 -1.664  1.00 147.03 ? 22  DG  B N1    1 
ATOM   329 C  C2    . DG  A 1 16 ? 8.187   -10.630 -1.568  1.00 149.50 ? 22  DG  B C2    1 
ATOM   330 N  N2    . DG  A 1 16 ? 8.696   -10.510 -0.334  1.00 144.04 ? 22  DG  B N2    1 
ATOM   331 N  N3    . DG  A 1 16 ? 8.861   -10.153 -2.606  1.00 152.29 ? 22  DG  B N3    1 
ATOM   332 C  C4    . DG  A 1 16 ? 8.201   -10.359 -3.771  1.00 158.42 ? 22  DG  B C4    1 
ATOM   333 P  P     . DA  A 1 17 ? 14.255  -8.298  -5.364  1.00 184.38 ? 23  DA  B P     1 
ATOM   334 O  OP1   . DA  A 1 17 ? 14.648  -6.887  -5.151  1.00 175.70 ? 23  DA  B OP1   1 
ATOM   335 O  OP2   . DA  A 1 17 ? 14.726  -9.025  -6.564  1.00 182.95 ? 23  DA  B OP2   1 
ATOM   336 O  "O5'" . DA  A 1 17 ? 14.653  -9.154  -4.072  1.00 167.59 ? 23  DA  B "O5'" 1 
ATOM   337 C  "C5'" . DA  A 1 17 ? 14.344  -10.541 -4.018  1.00 158.48 ? 23  DA  B "C5'" 1 
ATOM   338 C  "C4'" . DA  A 1 17 ? 14.227  -11.014 -2.584  1.00 157.78 ? 23  DA  B "C4'" 1 
ATOM   339 O  "O4'" . DA  A 1 17 ? 12.833  -11.287 -2.272  1.00 160.33 ? 23  DA  B "O4'" 1 
ATOM   340 C  "C3'" . DA  A 1 17 ? 14.959  -12.307 -2.279  1.00 153.63 ? 23  DA  B "C3'" 1 
ATOM   341 O  "O3'" . DA  A 1 17 ? 15.300  -12.334 -0.909  1.00 155.89 ? 23  DA  B "O3'" 1 
ATOM   342 C  "C2'" . DA  A 1 17 ? 13.899  -13.352 -2.607  1.00 149.11 ? 23  DA  B "C2'" 1 
ATOM   343 C  "C1'" . DA  A 1 17 ? 12.654  -12.677 -2.049  1.00 150.95 ? 23  DA  B "C1'" 1 
ATOM   344 N  N9    . DA  A 1 17 ? 11.403  -13.085 -2.690  1.00 149.10 ? 23  DA  B N9    1 
ATOM   345 C  C8    . DA  A 1 17 ? 11.097  -13.023 -4.020  1.00 153.21 ? 23  DA  B C8    1 
ATOM   346 N  N7    . DA  A 1 17 ? 9.883   -13.437 -4.307  1.00 149.77 ? 23  DA  B N7    1 
ATOM   347 C  C5    . DA  A 1 17 ? 9.354   -13.795 -3.078  1.00 147.84 ? 23  DA  B C5    1 
ATOM   348 C  C6    . DA  A 1 17 ? 8.099   -14.315 -2.697  1.00 140.50 ? 23  DA  B C6    1 
ATOM   349 N  N6    . DA  A 1 17 ? 7.113   -14.572 -3.566  1.00 144.52 ? 23  DA  B N6    1 
ATOM   350 N  N1    . DA  A 1 17 ? 7.896   -14.561 -1.385  1.00 131.55 ? 23  DA  B N1    1 
ATOM   351 C  C2    . DA  A 1 17 ? 8.886   -14.303 -0.519  1.00 133.26 ? 23  DA  B C2    1 
ATOM   352 N  N3    . DA  A 1 17 ? 10.105  -13.815 -0.757  1.00 138.54 ? 23  DA  B N3    1 
ATOM   353 C  C4    . DA  A 1 17 ? 10.276  -13.579 -2.068  1.00 148.28 ? 23  DA  B C4    1 
ATOM   354 P  P     . DC  A 1 18 ? 16.605  -13.123 -0.420  1.00 161.00 ? 24  DC  B P     1 
ATOM   355 O  OP1   . DC  A 1 18 ? 16.619  -13.063 1.060   1.00 154.34 ? 24  DC  B OP1   1 
ATOM   356 O  OP2   . DC  A 1 18 ? 17.757  -12.592 -1.186  1.00 153.29 ? 24  DC  B OP2   1 
ATOM   357 O  "O5'" . DC  A 1 18 ? 16.337  -14.621 -0.914  1.00 151.18 ? 24  DC  B "O5'" 1 
ATOM   358 C  "C5'" . DC  A 1 18 ? 16.655  -15.716 -0.078  1.00 148.12 ? 24  DC  B "C5'" 1 
ATOM   359 C  "C4'" . DC  A 1 18 ? 15.528  -15.994 0.897   1.00 143.87 ? 24  DC  B "C4'" 1 
ATOM   360 O  "O4'" . DC  A 1 18 ? 14.259  -15.702 0.267   1.00 139.53 ? 24  DC  B "O4'" 1 
ATOM   361 C  "C3'" . DC  A 1 18 ? 15.455  -17.441 1.379   1.00 148.70 ? 24  DC  B "C3'" 1 
ATOM   362 O  "O3'" . DC  A 1 18 ? 15.477  -17.487 2.791   1.00 159.89 ? 24  DC  B "O3'" 1 
ATOM   363 C  "C2'" . DC  A 1 18 ? 14.135  -17.967 0.815   1.00 139.79 ? 24  DC  B "C2'" 1 
ATOM   364 C  "C1'" . DC  A 1 18 ? 13.328  -16.698 0.604   1.00 132.03 ? 24  DC  B "C1'" 1 
ATOM   365 N  N1    . DC  A 1 18 ? 12.329  -16.797 -0.501  1.00 126.15 ? 24  DC  B N1    1 
ATOM   366 C  C2    . DC  A 1 18 ? 11.046  -17.286 -0.234  1.00 127.98 ? 24  DC  B C2    1 
ATOM   367 O  O2    . DC  A 1 18 ? 10.763  -17.636 0.917   1.00 128.87 ? 24  DC  B O2    1 
ATOM   368 N  N3    . DC  A 1 18 ? 10.147  -17.362 -1.250  1.00 127.25 ? 24  DC  B N3    1 
ATOM   369 C  C4    . DC  A 1 18 ? 10.493  -16.974 -2.478  1.00 128.30 ? 24  DC  B C4    1 
ATOM   370 N  N4    . DC  A 1 18 ? 9.574   -17.068 -3.446  1.00 124.52 ? 24  DC  B N4    1 
ATOM   371 C  C5    . DC  A 1 18 ? 11.796  -16.473 -2.769  1.00 132.39 ? 24  DC  B C5    1 
ATOM   372 C  C6    . DC  A 1 18 ? 12.672  -16.403 -1.761  1.00 131.04 ? 24  DC  B C6    1 
ATOM   373 P  P     . DT  A 1 19 ? 16.078  -18.778 3.533   1.00 182.83 ? 25  DT  B P     1 
ATOM   374 O  OP1   . DT  A 1 19 ? 16.476  -18.376 4.899   1.00 187.77 ? 25  DT  B OP1   1 
ATOM   375 O  OP2   . DT  A 1 19 ? 17.056  -19.407 2.620   1.00 173.73 ? 25  DT  B OP2   1 
ATOM   376 O  "O5'" . DT  A 1 19 ? 14.835  -19.764 3.643   1.00 144.52 ? 25  DT  B "O5'" 1 
ATOM   377 C  "C5'" . DT  A 1 19 ? 13.684  -19.349 4.338   1.00 146.60 ? 25  DT  B "C5'" 1 
ATOM   378 C  "C4'" . DT  A 1 19 ? 12.588  -20.378 4.208   1.00 143.60 ? 25  DT  B "C4'" 1 
ATOM   379 O  "O4'" . DT  A 1 19 ? 11.849  -20.161 2.983   1.00 137.48 ? 25  DT  B "O4'" 1 
ATOM   380 C  "C3'" . DT  A 1 19 ? 13.069  -21.828 4.168   1.00 143.33 ? 25  DT  B "C3'" 1 
ATOM   381 O  "O3'" . DT  A 1 19 ? 12.353  -22.577 5.141   1.00 156.55 ? 25  DT  B "O3'" 1 
ATOM   382 C  "C2'" . DT  A 1 19 ? 12.745  -22.281 2.734   1.00 137.94 ? 25  DT  B "C2'" 1 
ATOM   383 C  "C1'" . DT  A 1 19 ? 11.545  -21.408 2.413   1.00 127.77 ? 25  DT  B "C1'" 1 
ATOM   384 N  N1    . DT  A 1 19 ? 11.281  -21.200 0.952   1.00 121.97 ? 25  DT  B N1    1 
ATOM   385 C  C2    . DT  A 1 19 ? 10.029  -21.476 0.449   1.00 121.97 ? 25  DT  B C2    1 
ATOM   386 O  O2    . DT  A 1 19 ? 9.116   -21.913 1.128   1.00 124.15 ? 25  DT  B O2    1 
ATOM   387 N  N3    . DT  A 1 19 ? 9.883   -21.230 -0.891  1.00 121.97 ? 25  DT  B N3    1 
ATOM   388 C  C4    . DT  A 1 19 ? 10.840  -20.738 -1.758  1.00 121.97 ? 25  DT  B C4    1 
ATOM   389 O  O4    . DT  A 1 19 ? 10.613  -20.550 -2.948  1.00 121.97 ? 25  DT  B O4    1 
ATOM   390 C  C5    . DT  A 1 19 ? 12.127  -20.461 -1.165  1.00 121.97 ? 25  DT  B C5    1 
ATOM   391 C  C7    . DT  A 1 19 ? 13.245  -19.925 -2.008  1.00 121.97 ? 25  DT  B C7    1 
ATOM   392 C  C6    . DT  A 1 19 ? 12.281  -20.699 0.147   1.00 121.97 ? 25  DT  B C6    1 
ATOM   393 P  P     . DC  A 1 20 ? 12.807  -24.066 5.529   1.00 156.20 ? 26  DC  B P     1 
ATOM   394 O  OP1   . DC  A 1 20 ? 12.418  -24.311 6.937   1.00 152.88 ? 26  DC  B OP1   1 
ATOM   395 O  OP2   . DC  A 1 20 ? 14.222  -24.214 5.121   1.00 153.28 ? 26  DC  B OP2   1 
ATOM   396 O  "O5'" . DC  A 1 20 ? 11.896  -24.982 4.591   1.00 144.01 ? 26  DC  B "O5'" 1 
ATOM   397 C  "C5'" . DC  A 1 20 ? 10.509  -24.686 4.447   1.00 134.72 ? 26  DC  B "C5'" 1 
ATOM   398 C  "C4'" . DC  A 1 20 ? 9.869   -25.589 3.408   1.00 140.28 ? 26  DC  B "C4'" 1 
ATOM   399 O  "O4'" . DC  A 1 20 ? 9.995   -24.993 2.090   1.00 134.61 ? 26  DC  B "O4'" 1 
ATOM   400 C  "C3'" . DC  A 1 20 ? 10.487  -26.989 3.300   1.00 147.31 ? 26  DC  B "C3'" 1 
ATOM   401 O  "O3'" . DC  A 1 20 ? 9.466   -27.973 3.261   1.00 140.77 ? 26  DC  B "O3'" 1 
ATOM   402 C  "C2'" . DC  A 1 20 ? 11.250  -26.935 1.978   1.00 136.32 ? 26  DC  B "C2'" 1 
ATOM   403 C  "C1'" . DC  A 1 20 ? 10.364  -26.002 1.180   1.00 130.85 ? 26  DC  B "C1'" 1 
ATOM   404 N  N1    . DC  A 1 20 ? 11.049  -25.382 0.014   1.00 130.20 ? 26  DC  B N1    1 
ATOM   405 C  C2    . DC  A 1 20 ? 10.347  -25.200 -1.186  1.00 128.91 ? 26  DC  B C2    1 
ATOM   406 O  O2    . DC  A 1 20 ? 9.159   -25.547 -1.254  1.00 126.93 ? 26  DC  B O2    1 
ATOM   407 N  N3    . DC  A 1 20 ? 10.992  -24.638 -2.241  1.00 127.04 ? 26  DC  B N3    1 
ATOM   408 C  C4    . DC  A 1 20 ? 12.273  -24.277 -2.126  1.00 124.75 ? 26  DC  B C4    1 
ATOM   409 N  N4    . DC  A 1 20 ? 12.865  -23.727 -3.192  1.00 122.69 ? 26  DC  B N4    1 
ATOM   410 C  C5    . DC  A 1 20 ? 13.002  -24.461 -0.914  1.00 124.02 ? 26  DC  B C5    1 
ATOM   411 C  C6    . DC  A 1 20 ? 12.359  -25.014 0.120   1.00 127.15 ? 26  DC  B C6    1 
ATOM   412 P  P     . DA  A 1 21 ? 9.806   -29.496 3.645   1.00 142.88 ? 27  DA  B P     1 
ATOM   413 O  OP1   . DA  A 1 21 ? 10.120  -29.540 5.091   1.00 131.06 ? 27  DA  B OP1   1 
ATOM   414 O  OP2   . DA  A 1 21 ? 10.797  -29.994 2.666   1.00 143.40 ? 27  DA  B OP2   1 
ATOM   415 O  "O5'" . DA  A 1 21 ? 8.434   -30.270 3.376   1.00 135.21 ? 27  DA  B "O5'" 1 
ATOM   416 C  "C5'" . DA  A 1 21 ? 7.216   -29.547 3.285   1.00 129.06 ? 27  DA  B "C5'" 1 
ATOM   417 C  "C4'" . DA  A 1 21 ? 6.600   -29.709 1.909   1.00 133.58 ? 27  DA  B "C4'" 1 
ATOM   418 O  "O4'" . DA  A 1 21 ? 7.395   -28.987 0.931   1.00 133.98 ? 27  DA  B "O4'" 1 
ATOM   419 C  "C3'" . DA  A 1 21 ? 6.517   -31.152 1.406   1.00 145.00 ? 27  DA  B "C3'" 1 
ATOM   420 O  "O3'" . DA  A 1 21 ? 5.249   -31.387 0.814   1.00 159.88 ? 27  DA  B "O3'" 1 
ATOM   421 C  "C2'" . DA  A 1 21 ? 7.639   -31.230 0.371   1.00 138.09 ? 27  DA  B "C2'" 1 
ATOM   422 C  "C1'" . DA  A 1 21 ? 7.629   -29.818 -0.181  1.00 130.72 ? 27  DA  B "C1'" 1 
ATOM   423 N  N9    . DA  A 1 21 ? 8.891   -29.424 -0.797  1.00 131.18 ? 27  DA  B N9    1 
ATOM   424 C  C8    . DA  A 1 21 ? 10.138  -29.484 -0.237  1.00 131.20 ? 27  DA  B C8    1 
ATOM   425 N  N7    . DA  A 1 21 ? 11.095  -29.060 -1.027  1.00 130.69 ? 27  DA  B N7    1 
ATOM   426 C  C5    . DA  A 1 21 ? 10.431  -28.696 -2.185  1.00 134.15 ? 27  DA  B C5    1 
ATOM   427 C  C6    . DA  A 1 21 ? 10.883  -28.165 -3.408  1.00 135.58 ? 27  DA  B C6    1 
ATOM   428 N  N6    . DA  A 1 21 ? 12.171  -27.905 -3.667  1.00 133.64 ? 27  DA  B N6    1 
ATOM   429 N  N1    . DA  A 1 21 ? 9.957   -27.914 -4.359  1.00 137.52 ? 27  DA  B N1    1 
ATOM   430 C  C2    . DA  A 1 21 ? 8.669   -28.176 -4.095  1.00 136.65 ? 27  DA  B C2    1 
ATOM   431 N  N3    . DA  A 1 21 ? 8.127   -28.674 -2.985  1.00 134.89 ? 27  DA  B N3    1 
ATOM   432 C  C4    . DA  A 1 21 ? 9.071   -28.913 -2.061  1.00 134.15 ? 27  DA  B C4    1 
ATOM   433 O  "O5'" . DT  B 2 1  ? 21.082  -27.768 -9.092  1.00 145.53 ? 28  DT  C "O5'" 1 
ATOM   434 C  "C5'" . DT  B 2 1  ? 21.582  -28.075 -10.389 1.00 154.24 ? 28  DT  C "C5'" 1 
ATOM   435 C  "C4'" . DT  B 2 1  ? 20.451  -28.467 -11.321 1.00 154.18 ? 28  DT  C "C4'" 1 
ATOM   436 O  "O4'" . DT  B 2 1  ? 19.920  -29.744 -10.916 1.00 156.89 ? 28  DT  C "O4'" 1 
ATOM   437 C  "C3'" . DT  B 2 1  ? 19.258  -27.534 -11.296 1.00 152.04 ? 28  DT  C "C3'" 1 
ATOM   438 O  "O3'" . DT  B 2 1  ? 19.463  -26.467 -12.199 1.00 155.20 ? 28  DT  C "O3'" 1 
ATOM   439 C  "C2'" . DT  B 2 1  ? 18.119  -28.437 -11.759 1.00 150.70 ? 28  DT  C "C2'" 1 
ATOM   440 C  "C1'" . DT  B 2 1  ? 18.544  -29.811 -11.244 1.00 158.80 ? 28  DT  C "C1'" 1 
ATOM   441 N  N1    . DT  B 2 1  ? 17.781  -30.299 -10.044 1.00 164.26 ? 28  DT  C N1    1 
ATOM   442 C  C2    . DT  B 2 1  ? 16.489  -30.746 -10.204 1.00 164.50 ? 28  DT  C C2    1 
ATOM   443 O  O2    . DT  B 2 1  ? 15.907  -30.742 -11.275 1.00 167.53 ? 28  DT  C O2    1 
ATOM   444 N  N3    . DT  B 2 1  ? 15.891  -31.198 -9.056  1.00 158.29 ? 28  DT  C N3    1 
ATOM   445 C  C4    . DT  B 2 1  ? 16.444  -31.253 -7.791  1.00 154.46 ? 28  DT  C C4    1 
ATOM   446 O  O4    . DT  B 2 1  ? 15.824  -31.676 -6.820  1.00 152.09 ? 28  DT  C O4    1 
ATOM   447 C  C5    . DT  B 2 1  ? 17.803  -30.778 -7.692  1.00 157.63 ? 28  DT  C C5    1 
ATOM   448 C  C7    . DT  B 2 1  ? 18.505  -30.788 -6.367  1.00 158.10 ? 28  DT  C C7    1 
ATOM   449 C  C6    . DT  B 2 1  ? 18.402  -30.334 -8.810  1.00 160.37 ? 28  DT  C C6    1 
ATOM   450 P  P     . DC  B 2 2  ? 19.137  -24.962 -11.745 1.00 179.00 ? 29  DC  C P     1 
ATOM   451 O  OP1   . DC  B 2 2  ? 19.626  -24.059 -12.809 1.00 169.18 ? 29  DC  C OP1   1 
ATOM   452 O  OP2   . DC  B 2 2  ? 19.610  -24.794 -10.353 1.00 169.85 ? 29  DC  C OP2   1 
ATOM   453 O  "O5'" . DC  B 2 2  ? 17.542  -24.896 -11.738 1.00 166.51 ? 29  DC  C "O5'" 1 
ATOM   454 C  "C5'" . DC  B 2 2  ? 16.854  -24.358 -12.858 1.00 157.79 ? 29  DC  C "C5'" 1 
ATOM   455 C  "C4'" . DC  B 2 2  ? 15.886  -25.371 -13.431 1.00 155.75 ? 29  DC  C "C4'" 1 
ATOM   456 O  "O4'" . DC  B 2 2  ? 15.841  -26.538 -12.568 1.00 152.94 ? 29  DC  C "O4'" 1 
ATOM   457 C  "C3'" . DC  B 2 2  ? 14.451  -24.889 -13.524 1.00 159.53 ? 29  DC  C "C3'" 1 
ATOM   458 O  "O3'" . DC  B 2 2  ? 13.790  -25.579 -14.565 1.00 167.47 ? 29  DC  C "O3'" 1 
ATOM   459 C  "C2'" . DC  B 2 2  ? 13.905  -25.291 -12.163 1.00 152.24 ? 29  DC  C "C2'" 1 
ATOM   460 C  "C1'" . DC  B 2 2  ? 14.553  -26.658 -12.004 1.00 146.89 ? 29  DC  C "C1'" 1 
ATOM   461 N  N1    . DC  B 2 2  ? 14.691  -27.100 -10.590 1.00 146.70 ? 29  DC  C N1    1 
ATOM   462 C  C2    . DC  B 2 2  ? 13.664  -27.836 -9.996  1.00 142.32 ? 29  DC  C C2    1 
ATOM   463 O  O2    . DC  B 2 2  ? 12.656  -28.102 -10.660 1.00 143.20 ? 29  DC  C O2    1 
ATOM   464 N  N3    . DC  B 2 2  ? 13.800  -28.234 -8.707  1.00 139.67 ? 29  DC  C N3    1 
ATOM   465 C  C4    . DC  B 2 2  ? 14.905  -27.925 -8.027  1.00 143.53 ? 29  DC  C C4    1 
ATOM   466 N  N4    . DC  B 2 2  ? 14.994  -28.339 -6.759  1.00 140.83 ? 29  DC  C N4    1 
ATOM   467 C  C5    . DC  B 2 2  ? 15.966  -27.178 -8.615  1.00 147.17 ? 29  DC  C C5    1 
ATOM   468 C  C6    . DC  B 2 2  ? 15.817  -26.788 -9.886  1.00 148.81 ? 29  DC  C C6    1 
ATOM   469 P  P     . DT  B 2 3  ? 12.571  -24.883 -15.345 1.00 188.78 ? 30  DT  C P     1 
ATOM   470 O  OP1   . DT  B 2 3  ? 12.931  -24.817 -16.779 1.00 184.60 ? 30  DT  C OP1   1 
ATOM   471 O  OP2   . DT  B 2 3  ? 12.240  -23.639 -14.613 1.00 176.68 ? 30  DT  C OP2   1 
ATOM   472 O  "O5'" . DT  B 2 3  ? 11.366  -25.921 -15.159 1.00 177.50 ? 30  DT  C "O5'" 1 
ATOM   473 C  "C5'" . DT  B 2 3  ? 11.087  -26.463 -13.869 1.00 165.51 ? 30  DT  C "C5'" 1 
ATOM   474 C  "C4'" . DT  B 2 3  ? 9.685   -26.095 -13.414 1.00 168.99 ? 30  DT  C "C4'" 1 
ATOM   475 O  "O4'" . DT  B 2 3  ? 9.473   -26.562 -12.056 1.00 166.04 ? 30  DT  C "O4'" 1 
ATOM   476 C  "C3'" . DT  B 2 3  ? 9.373   -24.603 -13.412 1.00 160.76 ? 30  DT  C "C3'" 1 
ATOM   477 O  "O3'" . DT  B 2 3  ? 8.054   -24.391 -13.914 1.00 166.11 ? 30  DT  C "O3'" 1 
ATOM   478 C  "C2'" . DT  B 2 3  ? 9.514   -24.206 -11.938 1.00 142.50 ? 30  DT  C "C2'" 1 
ATOM   479 C  "C1'" . DT  B 2 3  ? 9.134   -25.486 -11.205 1.00 139.76 ? 30  DT  C "C1'" 1 
ATOM   480 N  N1    . DT  B 2 3  ? 9.870   -25.672 -9.919  1.00 129.81 ? 30  DT  C N1    1 
ATOM   481 C  C2    . DT  B 2 3  ? 9.279   -26.376 -8.893  1.00 129.92 ? 30  DT  C C2    1 
ATOM   482 O  O2    . DT  B 2 3  ? 8.162   -26.861 -8.970  1.00 123.52 ? 30  DT  C O2    1 
ATOM   483 N  N3    . DT  B 2 3  ? 10.047  -26.494 -7.763  1.00 129.27 ? 30  DT  C N3    1 
ATOM   484 C  C4    . DT  B 2 3  ? 11.321  -25.991 -7.562  1.00 123.92 ? 30  DT  C C4    1 
ATOM   485 O  O4    . DT  B 2 3  ? 11.932  -26.149 -6.508  1.00 121.85 ? 30  DT  C O4    1 
ATOM   486 C  C5    . DT  B 2 3  ? 11.882  -25.266 -8.678  1.00 122.33 ? 30  DT  C C5    1 
ATOM   487 C  C7    . DT  B 2 3  ? 13.255  -24.672 -8.576  1.00 121.85 ? 30  DT  C C7    1 
ATOM   488 C  C6    . DT  B 2 3  ? 11.140  -25.145 -9.788  1.00 125.00 ? 30  DT  C C6    1 
ATOM   489 P  P     . DG  B 2 4  ? 7.328   -22.964 -13.778 1.00 183.07 ? 31  DG  C P     1 
ATOM   490 O  OP1   . DG  B 2 4  ? 6.414   -22.823 -14.933 1.00 183.46 ? 31  DG  C OP1   1 
ATOM   491 O  OP2   . DG  B 2 4  ? 8.333   -21.907 -13.523 1.00 174.06 ? 31  DG  C OP2   1 
ATOM   492 O  "O5'" . DG  B 2 4  ? 6.432   -23.144 -12.475 1.00 161.55 ? 31  DG  C "O5'" 1 
ATOM   493 C  "C5'" . DG  B 2 4  ? 5.714   -24.355 -12.279 1.00 151.28 ? 31  DG  C "C5'" 1 
ATOM   494 C  "C4'" . DG  B 2 4  ? 5.123   -24.391 -10.890 1.00 145.73 ? 31  DG  C "C4'" 1 
ATOM   495 O  "O4'" . DG  B 2 4  ? 6.196   -24.526 -9.917  1.00 136.01 ? 31  DG  C "O4'" 1 
ATOM   496 C  "C3'" . DG  B 2 4  ? 4.356   -23.126 -10.506 1.00 140.98 ? 31  DG  C "C3'" 1 
ATOM   497 O  "O3'" . DG  B 2 4  ? 3.161   -23.462 -9.823  1.00 149.78 ? 31  DG  C "O3'" 1 
ATOM   498 C  "C2'" . DG  B 2 4  ? 5.332   -22.385 -9.600  1.00 131.61 ? 31  DG  C "C2'" 1 
ATOM   499 C  "C1'" . DG  B 2 4  ? 6.063   -23.535 -8.929  1.00 121.44 ? 31  DG  C "C1'" 1 
ATOM   500 N  N9    . DG  B 2 4  ? 7.391   -23.165 -8.444  1.00 120.94 ? 31  DG  C N9    1 
ATOM   501 C  C8    . DG  B 2 4  ? 8.337   -22.427 -9.114  1.00 121.15 ? 31  DG  C C8    1 
ATOM   502 N  N7    . DG  B 2 4  ? 9.430   -22.236 -8.429  1.00 119.64 ? 31  DG  C N7    1 
ATOM   503 C  C5    . DG  B 2 4  ? 9.193   -22.884 -7.224  1.00 121.57 ? 31  DG  C C5    1 
ATOM   504 C  C6    . DG  B 2 4  ? 10.022  -23.019 -6.084  1.00 119.79 ? 31  DG  C C6    1 
ATOM   505 O  O6    . DG  B 2 4  ? 11.166  -22.575 -5.911  1.00 119.04 ? 31  DG  C O6    1 
ATOM   506 N  N1    . DG  B 2 4  ? 9.400   -23.755 -5.078  1.00 118.86 ? 31  DG  C N1    1 
ATOM   507 C  C2    . DG  B 2 4  ? 8.137   -24.293 -5.163  1.00 119.31 ? 31  DG  C C2    1 
ATOM   508 N  N2    . DG  B 2 4  ? 7.708   -24.971 -4.088  1.00 116.14 ? 31  DG  C N2    1 
ATOM   509 N  N3    . DG  B 2 4  ? 7.348   -24.173 -6.225  1.00 120.33 ? 31  DG  C N3    1 
ATOM   510 C  C4    . DG  B 2 4  ? 7.941   -23.459 -7.215  1.00 121.58 ? 31  DG  C C4    1 
ATOM   511 P  P     . DA  B 2 5  ? 1.905   -22.457 -9.859  1.00 162.69 ? 32  DA  C P     1 
ATOM   512 O  OP1   . DA  B 2 5  ? 0.985   -22.923 -10.922 1.00 153.29 ? 32  DA  C OP1   1 
ATOM   513 O  OP2   . DA  B 2 5  ? 2.433   -21.074 -9.892  1.00 140.79 ? 32  DA  C OP2   1 
ATOM   514 O  "O5'" . DA  B 2 5  ? 1.213   -22.667 -8.434  1.00 149.87 ? 32  DA  C "O5'" 1 
ATOM   515 C  "C5'" . DA  B 2 5  ? 1.171   -23.962 -7.856  1.00 147.14 ? 32  DA  C "C5'" 1 
ATOM   516 C  "C4'" . DA  B 2 5  ? 1.602   -23.921 -6.399  1.00 147.79 ? 32  DA  C "C4'" 1 
ATOM   517 O  "O4'" . DA  B 2 5  ? 3.011   -23.577 -6.302  1.00 142.63 ? 32  DA  C "O4'" 1 
ATOM   518 C  "C3'" . DA  B 2 5  ? 0.861   -22.904 -5.526  1.00 152.45 ? 32  DA  C "C3'" 1 
ATOM   519 O  "O3'" . DA  B 2 5  ? 0.447   -23.536 -4.321  1.00 154.57 ? 32  DA  C "O3'" 1 
ATOM   520 C  "C2'" . DA  B 2 5  ? 1.921   -21.827 -5.261  1.00 144.58 ? 32  DA  C "C2'" 1 
ATOM   521 C  "C1'" . DA  B 2 5  ? 3.174   -22.676 -5.233  1.00 132.08 ? 32  DA  C "C1'" 1 
ATOM   522 N  N9    . DA  B 2 5  ? 4.424   -21.938 -5.421  1.00 118.20 ? 32  DA  C N9    1 
ATOM   523 C  C8    . DA  B 2 5  ? 4.833   -21.274 -6.542  1.00 117.01 ? 32  DA  C C8    1 
ATOM   524 N  N7    . DA  B 2 5  ? 6.020   -20.720 -6.427  1.00 115.70 ? 32  DA  C N7    1 
ATOM   525 C  C5    . DA  B 2 5  ? 6.418   -21.049 -5.141  1.00 116.80 ? 32  DA  C C5    1 
ATOM   526 C  C6    . DA  B 2 5  ? 7.585   -20.762 -4.403  1.00 116.85 ? 32  DA  C C6    1 
ATOM   527 N  N6    . DA  B 2 5  ? 8.603   -20.042 -4.886  1.00 123.81 ? 32  DA  C N6    1 
ATOM   528 N  N1    . DA  B 2 5  ? 7.664   -21.240 -3.143  1.00 114.11 ? 32  DA  C N1    1 
ATOM   529 C  C2    . DA  B 2 5  ? 6.641   -21.957 -2.660  1.00 117.09 ? 32  DA  C C2    1 
ATOM   530 N  N3    . DA  B 2 5  ? 5.498   -22.293 -3.257  1.00 121.62 ? 32  DA  C N3    1 
ATOM   531 C  C4    . DA  B 2 5  ? 5.448   -21.803 -4.508  1.00 118.69 ? 32  DA  C C4    1 
ATOM   532 P  P     . DG  B 2 6  ? -0.953  -23.146 -3.635  1.00 172.11 ? 33  DG  C P     1 
ATOM   533 O  OP1   . DG  B 2 6  ? -1.762  -24.382 -3.546  1.00 176.92 ? 33  DG  C OP1   1 
ATOM   534 O  OP2   . DG  B 2 6  ? -1.483  -21.949 -4.328  1.00 159.64 ? 33  DG  C OP2   1 
ATOM   535 O  "O5'" . DG  B 2 6  ? -0.539  -22.715 -2.156  1.00 148.36 ? 33  DG  C "O5'" 1 
ATOM   536 C  "C5'" . DG  B 2 6  ? 0.519   -21.805 -1.966  1.00 139.52 ? 33  DG  C "C5'" 1 
ATOM   537 C  "C4'" . DG  B 2 6  ? 1.066   -21.913 -0.562  1.00 143.17 ? 33  DG  C "C4'" 1 
ATOM   538 O  "O4'" . DG  B 2 6  ? 2.502   -21.805 -0.600  1.00 138.40 ? 33  DG  C "O4'" 1 
ATOM   539 C  "C3'" . DG  B 2 6  ? 0.596   -20.827 0.389   1.00 148.17 ? 33  DG  C "C3'" 1 
ATOM   540 O  "O3'" . DG  B 2 6  ? 0.522   -21.327 1.713   1.00 158.03 ? 33  DG  C "O3'" 1 
ATOM   541 C  "C2'" . DG  B 2 6  ? 1.664   -19.742 0.255   1.00 135.44 ? 33  DG  C "C2'" 1 
ATOM   542 C  "C1'" . DG  B 2 6  ? 2.903   -20.500 -0.236  1.00 133.02 ? 33  DG  C "C1'" 1 
ATOM   543 N  N9    . DG  B 2 6  ? 3.536   -19.864 -1.390  1.00 126.36 ? 33  DG  C N9    1 
ATOM   544 C  C8    . DG  B 2 6  ? 2.997   -19.691 -2.641  1.00 123.27 ? 33  DG  C C8    1 
ATOM   545 N  N7    . DG  B 2 6  ? 3.792   -19.075 -3.471  1.00 123.63 ? 33  DG  C N7    1 
ATOM   546 C  C5    . DG  B 2 6  ? 4.931   -18.817 -2.721  1.00 126.76 ? 33  DG  C C5    1 
ATOM   547 C  C6    . DG  B 2 6  ? 6.134   -18.170 -3.087  1.00 129.04 ? 33  DG  C C6    1 
ATOM   548 O  O6    . DG  B 2 6  ? 6.440   -17.682 -4.184  1.00 127.19 ? 33  DG  C O6    1 
ATOM   549 N  N1    . DG  B 2 6  ? 7.035   -18.118 -2.024  1.00 130.99 ? 33  DG  C N1    1 
ATOM   550 C  C2    . DG  B 2 6  ? 6.799   -18.626 -0.768  1.00 126.06 ? 33  DG  C C2    1 
ATOM   551 N  N2    . DG  B 2 6  ? 7.786   -18.481 0.128   1.00 128.38 ? 33  DG  C N2    1 
ATOM   552 N  N3    . DG  B 2 6  ? 5.675   -19.233 -0.413  1.00 128.10 ? 33  DG  C N3    1 
ATOM   553 C  C4    . DG  B 2 6  ? 4.789   -19.292 -1.436  1.00 127.49 ? 33  DG  C C4    1 
ATOM   554 P  P     . DT  B 2 7  ? -0.432  -20.605 2.784   1.00 155.61 ? 34  DT  C P     1 
ATOM   555 O  OP1   . DT  B 2 7  ? -0.745  -21.594 3.839   1.00 146.27 ? 34  DT  C OP1   1 
ATOM   556 O  OP2   . DT  B 2 7  ? -1.530  -19.955 2.031   1.00 140.87 ? 34  DT  C OP2   1 
ATOM   557 O  "O5'" . DT  B 2 7  ? 0.503   -19.471 3.420   1.00 147.91 ? 34  DT  C "O5'" 1 
ATOM   558 C  "C5'" . DT  B 2 7  ? 1.458   -19.828 4.407   1.00 140.95 ? 34  DT  C "C5'" 1 
ATOM   559 C  "C4'" . DT  B 2 7  ? 2.486   -18.728 4.619   1.00 147.57 ? 34  DT  C "C4'" 1 
ATOM   560 O  "O4'" . DT  B 2 7  ? 3.130   -18.388 3.373   1.00 145.52 ? 34  DT  C "O4'" 1 
ATOM   561 C  "C3'" . DT  B 2 7  ? 1.949   -17.402 5.183   1.00 141.65 ? 34  DT  C "C3'" 1 
ATOM   562 O  "O3'" . DT  B 2 7  ? 2.427   -17.238 6.533   1.00 143.42 ? 34  DT  C "O3'" 1 
ATOM   563 C  "C2'" . DT  B 2 7  ? 2.500   -16.329 4.213   1.00 138.96 ? 34  DT  C "C2'" 1 
ATOM   564 C  "C1'" . DT  B 2 7  ? 3.615   -17.081 3.505   1.00 138.81 ? 34  DT  C "C1'" 1 
ATOM   565 N  N1    . DT  B 2 7  ? 3.979   -16.551 2.149   1.00 124.76 ? 34  DT  C N1    1 
ATOM   566 C  C2    . DT  B 2 7  ? 5.214   -15.969 1.970   1.00 124.58 ? 34  DT  C C2    1 
ATOM   567 O  O2    . DT  B 2 7  ? 6.029   -15.842 2.867   1.00 123.40 ? 34  DT  C O2    1 
ATOM   568 N  N3    . DT  B 2 7  ? 5.464   -15.530 0.696   1.00 127.74 ? 34  DT  C N3    1 
ATOM   569 C  C4    . DT  B 2 7  ? 4.622   -15.618 -0.397  1.00 129.45 ? 34  DT  C C4    1 
ATOM   570 O  O4    . DT  B 2 7  ? 4.938   -15.193 -1.503  1.00 131.49 ? 34  DT  C O4    1 
ATOM   571 C  C5    . DT  B 2 7  ? 3.345   -16.246 -0.144  1.00 130.09 ? 34  DT  C C5    1 
ATOM   572 C  C7    . DT  B 2 7  ? 2.349   -16.397 -1.256  1.00 131.42 ? 34  DT  C C7    1 
ATOM   573 C  C6    . DT  B 2 7  ? 3.089   -16.679 1.102   1.00 126.81 ? 34  DT  C C6    1 
ATOM   574 P  P     . DC  B 2 8  ? 2.782   -15.793 7.149   1.00 139.10 ? 35  DC  C P     1 
ATOM   575 O  OP1   . DC  B 2 8  ? 2.973   -15.992 8.604   1.00 147.69 ? 35  DC  C OP1   1 
ATOM   576 O  OP2   . DC  B 2 8  ? 1.791   -14.797 6.681   1.00 140.37 ? 35  DC  C OP2   1 
ATOM   577 O  "O5'" . DC  B 2 8  ? 4.219   -15.449 6.533   1.00 133.88 ? 35  DC  C "O5'" 1 
ATOM   578 C  "C5'" . DC  B 2 8  ? 5.256   -14.957 7.372   1.00 133.87 ? 35  DC  C "C5'" 1 
ATOM   579 C  "C4'" . DC  B 2 8  ? 5.556   -13.504 7.055   1.00 136.09 ? 35  DC  C "C4'" 1 
ATOM   580 O  "O4'" . DC  B 2 8  ? 5.900   -13.385 5.662   1.00 136.19 ? 35  DC  C "O4'" 1 
ATOM   581 C  "C3'" . DC  B 2 8  ? 4.385   -12.562 7.237   1.00 134.54 ? 35  DC  C "C3'" 1 
ATOM   582 O  "O3'" . DC  B 2 8  ? 4.314   -12.142 8.586   1.00 127.29 ? 35  DC  C "O3'" 1 
ATOM   583 C  "C2'" . DC  B 2 8  ? 4.747   -11.403 6.307   1.00 134.94 ? 35  DC  C "C2'" 1 
ATOM   584 C  "C1'" . DC  B 2 8  ? 5.569   -12.088 5.204   1.00 133.55 ? 35  DC  C "C1'" 1 
ATOM   585 N  N1    . DC  B 2 8  ? 4.852   -12.208 3.892   1.00 127.90 ? 35  DC  C N1    1 
ATOM   586 C  C2    . DC  B 2 8  ? 5.492   -11.797 2.717   1.00 137.38 ? 35  DC  C C2    1 
ATOM   587 O  O2    . DC  B 2 8  ? 6.640   -11.344 2.786   1.00 145.07 ? 35  DC  C O2    1 
ATOM   588 N  N3    . DC  B 2 8  ? 4.837   -11.906 1.535   1.00 138.30 ? 35  DC  C N3    1 
ATOM   589 C  C4    . DC  B 2 8  ? 3.599   -12.400 1.503   1.00 133.55 ? 35  DC  C C4    1 
ATOM   590 N  N4    . DC  B 2 8  ? 2.991   -12.487 0.315   1.00 128.68 ? 35  DC  C N4    1 
ATOM   591 C  C5    . DC  B 2 8  ? 2.929   -12.826 2.688   1.00 125.58 ? 35  DC  C C5    1 
ATOM   592 C  C6    . DC  B 2 8  ? 3.586   -12.715 3.848   1.00 123.80 ? 35  DC  C C6    1 
ATOM   593 P  P     . DG  C 3 1  ? -9.909  12.857  -6.841  1.00 155.54 ? 36  DG  D P     1 
ATOM   594 O  OP1   . DG  C 3 1  ? -8.618  13.466  -6.447  1.00 150.71 ? 36  DG  D OP1   1 
ATOM   595 O  OP2   . DG  C 3 1  ? -10.152 12.472  -8.249  1.00 135.99 ? 36  DG  D OP2   1 
ATOM   596 O  "O5'" . DG  C 3 1  ? -10.179 11.568  -5.933  1.00 149.70 ? 36  DG  D "O5'" 1 
ATOM   597 C  "C5'" . DG  C 3 1  ? -10.786 10.415  -6.506  1.00 140.96 ? 36  DG  D "C5'" 1 
ATOM   598 C  "C4'" . DG  C 3 1  ? -10.728 9.234   -5.550  1.00 141.89 ? 36  DG  D "C4'" 1 
ATOM   599 O  "O4'" . DG  C 3 1  ? -9.391  8.704   -5.508  1.00 130.27 ? 36  DG  D "O4'" 1 
ATOM   600 C  "C3'" . DG  C 3 1  ? -11.035 9.557   -4.106  1.00 138.66 ? 36  DG  D "C3'" 1 
ATOM   601 O  "O3'" . DG  C 3 1  ? -12.430 9.594   -3.913  1.00 138.63 ? 36  DG  D "O3'" 1 
ATOM   602 C  "C2'" . DG  C 3 1  ? -10.400 8.371   -3.385  1.00 131.34 ? 36  DG  D "C2'" 1 
ATOM   603 C  "C1'" . DG  C 3 1  ? -9.184  8.061   -4.262  1.00 126.55 ? 36  DG  D "C1'" 1 
ATOM   604 N  N9    . DG  C 3 1  ? -7.912  8.523   -3.712  1.00 129.78 ? 36  DG  D N9    1 
ATOM   605 C  C8    . DG  C 3 1  ? -6.957  9.263   -4.362  1.00 134.79 ? 36  DG  D C8    1 
ATOM   606 N  N7    . DG  C 3 1  ? -5.914  9.527   -3.627  1.00 135.62 ? 36  DG  D N7    1 
ATOM   607 C  C5    . DG  C 3 1  ? -6.191  8.923   -2.409  1.00 135.90 ? 36  DG  D C5    1 
ATOM   608 C  C6    . DG  C 3 1  ? -5.424  8.873   -1.222  1.00 140.52 ? 36  DG  D C6    1 
ATOM   609 O  O6    . DG  C 3 1  ? -4.312  9.371   -1.010  1.00 145.23 ? 36  DG  D O6    1 
ATOM   610 N  N1    . DG  C 3 1  ? -6.070  8.157   -0.217  1.00 141.69 ? 36  DG  D N1    1 
ATOM   611 C  C2    . DG  C 3 1  ? -7.303  7.564   -0.347  1.00 141.31 ? 36  DG  D C2    1 
ATOM   612 N  N2    . DG  C 3 1  ? -7.768  6.915   0.730   1.00 152.01 ? 36  DG  D N2    1 
ATOM   613 N  N3    . DG  C 3 1  ? -8.032  7.602   -1.454  1.00 136.47 ? 36  DG  D N3    1 
ATOM   614 C  C4    . DG  C 3 1  ? -7.417  8.298   -2.442  1.00 133.51 ? 36  DG  D C4    1 
ATOM   615 P  P     . DG  C 3 2  ? -13.166 10.993  -3.632  1.00 145.30 ? 37  DG  D P     1 
ATOM   616 O  OP1   . DG  C 3 2  ? -14.472 10.953  -4.327  1.00 136.76 ? 37  DG  D OP1   1 
ATOM   617 O  OP2   . DG  C 3 2  ? -12.199 12.075  -3.929  1.00 137.90 ? 37  DG  D OP2   1 
ATOM   618 O  "O5'" . DG  C 3 2  ? -13.430 10.968  -2.057  1.00 142.78 ? 37  DG  D "O5'" 1 
ATOM   619 C  "C5'" . DG  C 3 2  ? -13.807 9.756   -1.423  1.00 141.28 ? 37  DG  D "C5'" 1 
ATOM   620 C  "C4'" . DG  C 3 2  ? -12.844 9.424   -0.302  1.00 138.55 ? 37  DG  D "C4'" 1 
ATOM   621 O  "O4'" . DG  C 3 2  ? -11.505 9.508   -0.796  1.00 124.78 ? 37  DG  D "O4'" 1 
ATOM   622 C  "C3'" . DG  C 3 2  ? -12.871 10.392  0.867   1.00 146.92 ? 37  DG  D "C3'" 1 
ATOM   623 O  "O3'" . DG  C 3 2  ? -13.803 9.941   1.835   1.00 161.54 ? 37  DG  D "O3'" 1 
ATOM   624 C  "C2'" . DG  C 3 2  ? -11.431 10.351  1.411   1.00 141.19 ? 37  DG  D "C2'" 1 
ATOM   625 C  "C1'" . DG  C 3 2  ? -10.636 9.666   0.293   1.00 130.48 ? 37  DG  D "C1'" 1 
ATOM   626 N  N9    . DG  C 3 2  ? -9.481  10.427  -0.158  1.00 127.22 ? 37  DG  D N9    1 
ATOM   627 C  C8    . DG  C 3 2  ? -9.300  10.989  -1.396  1.00 127.94 ? 37  DG  D C8    1 
ATOM   628 N  N7    . DG  C 3 2  ? -8.161  11.606  -1.522  1.00 133.10 ? 37  DG  D N7    1 
ATOM   629 C  C5    . DG  C 3 2  ? -7.546  11.440  -0.290  1.00 131.36 ? 37  DG  D C5    1 
ATOM   630 C  C6    . DG  C 3 2  ? -6.287  11.892  0.169   1.00 137.83 ? 37  DG  D C6    1 
ATOM   631 O  O6    . DG  C 3 2  ? -5.441  12.552  -0.449  1.00 140.58 ? 37  DG  D O6    1 
ATOM   632 N  N1    . DG  C 3 2  ? -6.050  11.506  1.484   1.00 139.94 ? 37  DG  D N1    1 
ATOM   633 C  C2    . DG  C 3 2  ? -6.920  10.775  2.258   1.00 137.77 ? 37  DG  D C2    1 
ATOM   634 N  N2    . DG  C 3 2  ? -6.520  10.501  3.507   1.00 148.23 ? 37  DG  D N2    1 
ATOM   635 N  N3    . DG  C 3 2  ? -8.102  10.346  1.840   1.00 124.99 ? 37  DG  D N3    1 
ATOM   636 C  C4    . DG  C 3 2  ? -8.346  10.713  0.562   1.00 125.49 ? 37  DG  D C4    1 
ATOM   637 P  P     . DT  C 3 3  ? -15.017 10.888  2.293   1.00 170.51 ? 38  DT  D P     1 
ATOM   638 O  OP1   . DT  C 3 3  ? -16.256 10.079  2.215   1.00 161.04 ? 38  DT  D OP1   1 
ATOM   639 O  OP2   . DT  C 3 3  ? -14.919 12.155  1.532   1.00 153.37 ? 38  DT  D OP2   1 
ATOM   640 O  "O5'" . DT  C 3 3  ? -14.685 11.215  3.823   1.00 156.29 ? 38  DT  D "O5'" 1 
ATOM   641 C  "C5'" . DT  C 3 3  ? -13.461 11.851  4.161   1.00 142.71 ? 38  DT  D "C5'" 1 
ATOM   642 C  "C4'" . DT  C 3 3  ? -12.840 11.211  5.387   1.00 147.30 ? 38  DT  D "C4'" 1 
ATOM   643 O  "O4'" . DT  C 3 3  ? -11.424 11.018  5.156   1.00 147.21 ? 38  DT  D "O4'" 1 
ATOM   644 C  "C3'" . DT  C 3 3  ? -12.908 12.051  6.649   1.00 161.28 ? 38  DT  D "C3'" 1 
ATOM   645 O  "O3'" . DT  C 3 3  ? -12.746 11.217  7.790   1.00 170.64 ? 38  DT  D "O3'" 1 
ATOM   646 C  "C2'" . DT  C 3 3  ? -11.706 12.959  6.461   1.00 155.45 ? 38  DT  D "C2'" 1 
ATOM   647 C  "C1'" . DT  C 3 3  ? -10.690 11.967  5.912   1.00 148.08 ? 38  DT  D "C1'" 1 
ATOM   648 N  N1    . DT  C 3 3  ? -9.692  12.582  5.025   1.00 144.86 ? 38  DT  D N1    1 
ATOM   649 C  C2    . DT  C 3 3  ? -8.389  12.674  5.445   1.00 152.53 ? 38  DT  D C2    1 
ATOM   650 O  O2    . DT  C 3 3  ? -8.006  12.272  6.530   1.00 159.11 ? 38  DT  D O2    1 
ATOM   651 N  N3    . DT  C 3 3  ? -7.540  13.258  4.544   1.00 143.90 ? 38  DT  D N3    1 
ATOM   652 C  C4    . DT  C 3 3  ? -7.863  13.747  3.291   1.00 138.36 ? 38  DT  D C4    1 
ATOM   653 O  O4    . DT  C 3 3  ? -7.030  14.254  2.551   1.00 139.82 ? 38  DT  D O4    1 
ATOM   654 C  C5    . DT  C 3 3  ? -9.252  13.615  2.915   1.00 134.04 ? 38  DT  D C5    1 
ATOM   655 C  C7    . DT  C 3 3  ? -9.724  14.109  1.580   1.00 125.36 ? 38  DT  D C7    1 
ATOM   656 C  C6    . DT  C 3 3  ? -10.089 13.046  3.790   1.00 137.98 ? 38  DT  D C6    1 
ATOM   657 P  P     . DC  C 3 4  ? -12.786 11.848  9.269   1.00 186.09 ? 39  DC  D P     1 
ATOM   658 O  OP1   . DC  C 3 4  ? -13.009 10.740  10.225  1.00 171.73 ? 39  DC  D OP1   1 
ATOM   659 O  OP2   . DC  C 3 4  ? -13.719 12.996  9.237   1.00 183.55 ? 39  DC  D OP2   1 
ATOM   660 O  "O5'" . DC  C 3 4  ? -11.310 12.427  9.492   1.00 170.69 ? 39  DC  D "O5'" 1 
ATOM   661 C  "C5'" . DC  C 3 4  ? -11.076 13.413  10.494  1.00 170.70 ? 39  DC  D "C5'" 1 
ATOM   662 C  "C4'" . DC  C 3 4  ? -9.595  13.523  10.816  1.00 172.47 ? 39  DC  D "C4'" 1 
ATOM   663 O  "O4'" . DC  C 3 4  ? -8.835  13.626  9.583   1.00 172.52 ? 39  DC  D "O4'" 1 
ATOM   664 C  "C3'" . DC  C 3 4  ? -9.209  14.741  11.651  1.00 176.44 ? 39  DC  D "C3'" 1 
ATOM   665 O  "O3'" . DC  C 3 4  ? -8.153  14.410  12.552  1.00 185.28 ? 39  DC  D "O3'" 1 
ATOM   666 C  "C2'" . DC  C 3 4  ? -8.757  15.750  10.597  1.00 174.32 ? 39  DC  D "C2'" 1 
ATOM   667 C  "C1'" . DC  C 3 4  ? -8.120  14.847  9.548   1.00 174.14 ? 39  DC  D "C1'" 1 
ATOM   668 N  N1    . DC  C 3 4  ? -8.206  15.392  8.161   1.00 169.01 ? 39  DC  D N1    1 
ATOM   669 C  C2    . DC  C 3 4  ? -7.046  15.836  7.507   1.00 165.75 ? 39  DC  D C2    1 
ATOM   670 O  O2    . DC  C 3 4  ? -5.956  15.775  8.093   1.00 164.85 ? 39  DC  D O2    1 
ATOM   671 N  N3    . DC  C 3 4  ? -7.153  16.321  6.243   1.00 160.73 ? 39  DC  D N3    1 
ATOM   672 C  C4    . DC  C 3 4  ? -8.347  16.370  5.645   1.00 157.47 ? 39  DC  D C4    1 
ATOM   673 N  N4    . DC  C 3 4  ? -8.404  16.857  4.401   1.00 155.37 ? 39  DC  D N4    1 
ATOM   674 C  C5    . DC  C 3 4  ? -9.533  15.923  6.294   1.00 156.09 ? 39  DC  D C5    1 
ATOM   675 C  C6    . DC  C 3 4  ? -9.418  15.446  7.538   1.00 162.24 ? 39  DC  D C6    1 
ATOM   676 P  P     . DT  C 3 5  ? -7.732  15.444  13.709  1.00 202.92 ? 40  DT  D P     1 
ATOM   677 O  OP1   . DT  C 3 5  ? -7.126  14.670  14.817  1.00 193.40 ? 40  DT  D OP1   1 
ATOM   678 O  OP2   . DT  C 3 5  ? -8.897  16.320  13.965  1.00 186.01 ? 40  DT  D OP2   1 
ATOM   679 O  "O5'" . DT  C 3 5  ? -6.600  16.343  13.027  1.00 186.74 ? 40  DT  D "O5'" 1 
ATOM   680 C  "C5'" . DT  C 3 5  ? -6.322  17.643  13.534  1.00 181.43 ? 40  DT  D "C5'" 1 
ATOM   681 C  "C4'" . DT  C 3 5  ? -5.315  18.352  12.650  1.00 184.99 ? 40  DT  D "C4'" 1 
ATOM   682 O  "O4'" . DT  C 3 5  ? -5.571  18.012  11.273  1.00 179.90 ? 40  DT  D "O4'" 1 
ATOM   683 C  "C3'" . DT  C 3 5  ? -5.368  19.871  12.699  1.00 191.25 ? 40  DT  D "C3'" 1 
ATOM   684 O  "O3'" . DT  C 3 5  ? -4.537  20.380  13.782  1.00 198.01 ? 40  DT  D "O3'" 1 
ATOM   685 C  "C2'" . DT  C 3 5  ? -4.863  20.293  11.316  1.00 185.69 ? 40  DT  D "C2'" 1 
ATOM   686 C  "C1'" . DT  C 3 5  ? -5.186  19.082  10.431  1.00 181.88 ? 40  DT  D "C1'" 1 
ATOM   687 N  N1    . DT  C 3 5  ? -6.280  19.306  9.424   1.00 179.81 ? 40  DT  D N1    1 
ATOM   688 C  C2    . DT  C 3 5  ? -5.957  19.762  8.166   1.00 176.58 ? 40  DT  D C2    1 
ATOM   689 O  O2    . DT  C 3 5  ? -4.818  20.027  7.822   1.00 177.03 ? 40  DT  D O2    1 
ATOM   690 N  N3    . DT  C 3 5  ? -7.025  19.908  7.317   1.00 173.14 ? 40  DT  D N3    1 
ATOM   691 C  C4    . DT  C 3 5  ? -8.354  19.641  7.589   1.00 170.17 ? 40  DT  D C4    1 
ATOM   692 O  O4    . DT  C 3 5  ? -9.241  19.805  6.756   1.00 163.18 ? 40  DT  D O4    1 
ATOM   693 C  C5    . DT  C 3 5  ? -8.626  19.155  8.922   1.00 173.02 ? 40  DT  D C5    1 
ATOM   694 C  C7    . DT  C 3 5  ? -10.032 18.832  9.332   1.00 160.97 ? 40  DT  D C7    1 
ATOM   695 C  C6    . DT  C 3 5  ? -7.588  19.008  9.764   1.00 176.39 ? 40  DT  D C6    1 
ATOM   696 P  P     . DG  C 3 6  ? -2.922  20.354  13.728  1.00 202.19 ? 41  DG  D P     1 
ATOM   697 O  OP1   . DG  C 3 6  ? -2.415  19.196  12.955  1.00 190.47 ? 41  DG  D OP1   1 
ATOM   698 O  OP2   . DG  C 3 6  ? -2.474  20.529  15.127  1.00 189.13 ? 41  DG  D OP2   1 
ATOM   699 O  "O5'" . DG  C 3 6  ? -2.530  21.698  12.960  1.00 187.74 ? 41  DG  D "O5'" 1 
ATOM   700 C  "C5'" . DG  C 3 6  ? -1.262  22.301  13.188  1.00 182.29 ? 41  DG  D "C5'" 1 
ATOM   701 C  "C4'" . DG  C 3 6  ? -0.898  23.233  12.049  1.00 183.67 ? 41  DG  D "C4'" 1 
ATOM   702 O  "O4'" . DG  C 3 6  ? -1.918  23.167  11.020  1.00 184.05 ? 41  DG  D "O4'" 1 
ATOM   703 C  "C3'" . DG  C 3 6  ? -0.800  24.701  12.427  1.00 186.30 ? 41  DG  D "C3'" 1 
ATOM   704 O  "O3'" . DG  C 3 6  ? 0.135   25.351  11.577  1.00 193.26 ? 41  DG  D "O3'" 1 
ATOM   705 C  "C2'" . DG  C 3 6  ? -2.225  25.205  12.201  1.00 179.35 ? 41  DG  D "C2'" 1 
ATOM   706 C  "C1'" . DG  C 3 6  ? -2.702  24.348  11.026  1.00 182.07 ? 41  DG  D "C1'" 1 
ATOM   707 N  N9    . DG  C 3 6  ? -4.112  23.962  11.119  1.00 182.65 ? 41  DG  D N9    1 
ATOM   708 C  C8    . DG  C 3 6  ? -4.776  23.517  12.238  1.00 184.75 ? 41  DG  D C8    1 
ATOM   709 N  N7    . DG  C 3 6  ? -6.033  23.238  12.022  1.00 183.93 ? 41  DG  D N7    1 
ATOM   710 C  C5    . DG  C 3 6  ? -6.216  23.518  10.673  1.00 182.90 ? 41  DG  D C5    1 
ATOM   711 C  C6    . DG  C 3 6  ? -7.377  23.410  9.868   1.00 175.96 ? 41  DG  D C6    1 
ATOM   712 O  O6    . DG  C 3 6  ? -8.510  23.032  10.200  1.00 168.80 ? 41  DG  D O6    1 
ATOM   713 N  N1    . DG  C 3 6  ? -7.130  23.797  8.553   1.00 172.42 ? 41  DG  D N1    1 
ATOM   714 C  C2    . DG  C 3 6  ? -5.916  24.231  8.076   1.00 169.75 ? 41  DG  D C2    1 
ATOM   715 N  N2    . DG  C 3 6  ? -5.872  24.560  6.777   1.00 157.16 ? 41  DG  D N2    1 
ATOM   716 N  N3    . DG  C 3 6  ? -4.821  24.338  8.819   1.00 174.10 ? 41  DG  D N3    1 
ATOM   717 C  C4    . DG  C 3 6  ? -5.043  23.965  10.102  1.00 180.62 ? 41  DG  D C4    1 
ATOM   718 P  P     . DC  C 3 7  ? 0.619   26.849  11.896  1.00 198.19 ? 42  DC  D P     1 
ATOM   719 O  OP1   . DC  C 3 7  ? 2.053   26.942  11.542  1.00 190.33 ? 42  DC  D OP1   1 
ATOM   720 O  OP2   . DC  C 3 7  ? 0.170   27.192  13.265  1.00 191.91 ? 42  DC  D OP2   1 
ATOM   721 O  "O5'" . DC  C 3 7  ? -0.214  27.739  10.864  1.00 179.59 ? 42  DC  D "O5'" 1 
ATOM   722 C  "C5'" . DC  C 3 7  ? -0.130  27.464  9.471   1.00 179.09 ? 42  DC  D "C5'" 1 
ATOM   723 C  "C4'" . DC  C 3 7  ? -1.226  28.187  8.715   1.00 180.16 ? 42  DC  D "C4'" 1 
ATOM   724 O  "O4'" . DC  C 3 7  ? -2.478  27.484  8.884   1.00 184.60 ? 42  DC  D "O4'" 1 
ATOM   725 C  "C3'" . DC  C 3 7  ? -1.480  29.628  9.175   1.00 171.62 ? 42  DC  D "C3'" 1 
ATOM   726 O  "O3'" . DC  C 3 7  ? -1.228  30.533  8.108   1.00 164.00 ? 42  DC  D "O3'" 1 
ATOM   727 C  "C2'" . DC  C 3 7  ? -2.958  29.642  9.592   1.00 169.11 ? 42  DC  D "C2'" 1 
ATOM   728 C  "C1'" . DC  C 3 7  ? -3.515  28.424  8.872   1.00 176.80 ? 42  DC  D "C1'" 1 
ATOM   729 N  N1    . DC  C 3 7  ? -4.716  27.828  9.537   1.00 174.08 ? 42  DC  D N1    1 
ATOM   730 C  C2    . DC  C 3 7  ? -5.894  27.647  8.802   1.00 168.83 ? 42  DC  D C2    1 
ATOM   731 O  O2    . DC  C 3 7  ? -5.918  27.978  7.609   1.00 166.05 ? 42  DC  D O2    1 
ATOM   732 N  N3    . DC  C 3 7  ? -6.976  27.111  9.418   1.00 164.45 ? 42  DC  D N3    1 
ATOM   733 C  C4    . DC  C 3 7  ? -6.910  26.767  10.706  1.00 168.31 ? 42  DC  D C4    1 
ATOM   734 N  N4    . DC  C 3 7  ? -8.005  26.243  11.269  1.00 172.49 ? 42  DC  D N4    1 
ATOM   735 C  C5    . DC  C 3 7  ? -5.721  26.947  11.472  1.00 169.62 ? 42  DC  D C5    1 
ATOM   736 C  C6    . DC  C 3 7  ? -4.658  27.474  10.855  1.00 172.49 ? 42  DC  D C6    1 
ATOM   737 P  P     . DC  D 4 1  ? 2.345   -5.899  5.939   1.00 166.58 ? 1   DC  A P     1 
ATOM   738 O  OP1   . DC  D 4 1  ? 2.789   -5.180  7.154   1.00 157.33 ? 1   DC  A OP1   1 
ATOM   739 O  OP2   . DC  D 4 1  ? 0.911   -6.197  5.736   1.00 156.40 ? 1   DC  A OP2   1 
ATOM   740 O  "O5'" . DC  D 4 1  ? 3.152   -7.276  5.846   1.00 161.72 ? 1   DC  A "O5'" 1 
ATOM   741 C  "C5'" . DC  D 4 1  ? 4.259   -7.506  6.708   1.00 164.95 ? 1   DC  A "C5'" 1 
ATOM   742 C  "C4'" . DC  D 4 1  ? 5.566   -7.461  5.936   1.00 167.64 ? 1   DC  A "C4'" 1 
ATOM   743 O  "O4'" . DC  D 4 1  ? 5.638   -8.604  5.046   1.00 152.82 ? 1   DC  A "O4'" 1 
ATOM   744 C  "C3'" . DC  D 4 1  ? 5.741   -6.248  5.039   1.00 165.82 ? 1   DC  A "C3'" 1 
ATOM   745 O  "O3'" . DC  D 4 1  ? 6.314   -5.178  5.777   1.00 165.19 ? 1   DC  A "O3'" 1 
ATOM   746 C  "C2'" . DC  D 4 1  ? 6.700   -6.776  3.979   1.00 160.99 ? 1   DC  A "C2'" 1 
ATOM   747 C  "C1'" . DC  D 4 1  ? 6.226   -8.221  3.815   1.00 152.82 ? 1   DC  A "C1'" 1 
ATOM   748 N  N1    . DC  D 4 1  ? 5.213   -8.405  2.724   1.00 152.82 ? 1   DC  A N1    1 
ATOM   749 C  C2    . DC  D 4 1  ? 5.625   -8.387  1.386   1.00 152.82 ? 1   DC  A C2    1 
ATOM   750 O  O2    . DC  D 4 1  ? 6.823   -8.213  1.125   1.00 153.49 ? 1   DC  A O2    1 
ATOM   751 N  N3    . DC  D 4 1  ? 4.697   -8.556  0.411   1.00 152.82 ? 1   DC  A N3    1 
ATOM   752 C  C4    . DC  D 4 1  ? 3.417   -8.741  0.734   1.00 152.82 ? 1   DC  A C4    1 
ATOM   753 N  N4    . DC  D 4 1  ? 2.539   -8.904  -0.261  1.00 152.82 ? 1   DC  A N4    1 
ATOM   754 C  C5    . DC  D 4 1  ? 2.977   -8.767  2.089   1.00 152.82 ? 1   DC  A C5    1 
ATOM   755 C  C6    . DC  D 4 1  ? 3.900   -8.598  3.042   1.00 152.82 ? 1   DC  A C6    1 
ATOM   756 P  P     . DC  D 4 2  ? 5.871   -3.664  5.478   1.00 173.27 ? 2   DC  A P     1 
ATOM   757 O  OP1   . DC  D 4 2  ? 6.642   -2.800  6.399   1.00 180.99 ? 2   DC  A OP1   1 
ATOM   758 O  OP2   . DC  D 4 2  ? 4.393   -3.610  5.482   1.00 167.86 ? 2   DC  A OP2   1 
ATOM   759 O  "O5'" . DC  D 4 2  ? 6.374   -3.401  3.980   1.00 172.93 ? 2   DC  A "O5'" 1 
ATOM   760 C  "C5'" . DC  D 4 2  ? 7.744   -3.088  3.733   1.00 163.36 ? 2   DC  A "C5'" 1 
ATOM   761 C  "C4'" . DC  D 4 2  ? 8.075   -3.192  2.253   1.00 162.94 ? 2   DC  A "C4'" 1 
ATOM   762 O  "O4'" . DC  D 4 2  ? 7.555   -4.438  1.722   1.00 161.76 ? 2   DC  A "O4'" 1 
ATOM   763 C  "C3'" . DC  D 4 2  ? 7.457   -2.125  1.365   1.00 171.17 ? 2   DC  A "C3'" 1 
ATOM   764 O  "O3'" . DC  D 4 2  ? 8.243   -0.943  1.376   1.00 178.62 ? 2   DC  A "O3'" 1 
ATOM   765 C  "C2'" . DC  D 4 2  ? 7.508   -2.809  0.009   1.00 165.78 ? 2   DC  A "C2'" 1 
ATOM   766 C  "C1'" . DC  D 4 2  ? 7.118   -4.234  0.384   1.00 162.39 ? 2   DC  A "C1'" 1 
ATOM   767 N  N1    . DC  D 4 2  ? 5.647   -4.482  0.309   1.00 158.13 ? 2   DC  A N1    1 
ATOM   768 C  C2    . DC  D 4 2  ? 5.035   -4.608  -0.944  1.00 155.64 ? 2   DC  A C2    1 
ATOM   769 O  O2    . DC  D 4 2  ? 5.724   -4.509  -1.967  1.00 154.22 ? 2   DC  A O2    1 
ATOM   770 N  N3    . DC  D 4 2  ? 3.700   -4.837  -1.001  1.00 155.01 ? 2   DC  A N3    1 
ATOM   771 C  C4    . DC  D 4 2  ? 2.991   -4.938  0.125   1.00 153.22 ? 2   DC  A C4    1 
ATOM   772 N  N4    . DC  D 4 2  ? 1.679   -5.165  0.018   1.00 152.68 ? 2   DC  A N4    1 
ATOM   773 C  C5    . DC  D 4 2  ? 3.596   -4.812  1.410   1.00 152.68 ? 2   DC  A C5    1 
ATOM   774 C  C6    . DC  D 4 2  ? 4.913   -4.587  1.454   1.00 152.68 ? 2   DC  A C6    1 
ATOM   775 P  P     . DG  D 4 3  ? 7.575   0.471   1.000   1.00 186.19 ? 3   DG  A P     1 
ATOM   776 O  OP1   . DG  D 4 3  ? 8.612   1.510   1.195   1.00 182.83 ? 3   DG  A OP1   1 
ATOM   777 O  OP2   . DG  D 4 3  ? 6.284   0.565   1.720   1.00 173.93 ? 3   DG  A OP2   1 
ATOM   778 O  "O5'" . DG  D 4 3  ? 7.236   0.349   -0.561  1.00 173.82 ? 3   DG  A "O5'" 1 
ATOM   779 C  "C5'" . DG  D 4 3  ? 8.282   0.393   -1.527  1.00 172.80 ? 3   DG  A "C5'" 1 
ATOM   780 C  "C4'" . DG  D 4 3  ? 7.761   0.011   -2.903  1.00 173.38 ? 3   DG  A "C4'" 1 
ATOM   781 O  "O4'" . DG  D 4 3  ? 7.077   -1.258  -2.816  1.00 173.77 ? 3   DG  A "O4'" 1 
ATOM   782 C  "C3'" . DG  D 4 3  ? 6.759   0.989   -3.506  1.00 175.39 ? 3   DG  A "C3'" 1 
ATOM   783 O  "O3'" . DG  D 4 3  ? 7.443   1.921   -4.340  1.00 184.74 ? 3   DG  A "O3'" 1 
ATOM   784 C  "C2'" . DG  D 4 3  ? 5.841   0.090   -4.328  1.00 166.57 ? 3   DG  A "C2'" 1 
ATOM   785 C  "C1'" . DG  D 4 3  ? 5.879   -1.228  -3.565  1.00 168.49 ? 3   DG  A "C1'" 1 
ATOM   786 N  N9    . DG  D 4 3  ? 4.757   -1.424  -2.654  1.00 164.38 ? 3   DG  A N9    1 
ATOM   787 C  C8    . DG  D 4 3  ? 4.784   -1.369  -1.282  1.00 162.26 ? 3   DG  A C8    1 
ATOM   788 N  N7    . DG  D 4 3  ? 3.628   -1.605  -0.730  1.00 163.15 ? 3   DG  A N7    1 
ATOM   789 C  C5    . DG  D 4 3  ? 2.780   -1.834  -1.805  1.00 162.27 ? 3   DG  A C5    1 
ATOM   790 C  C6    . DG  D 4 3  ? 1.400   -2.139  -1.829  1.00 163.04 ? 3   DG  A C6    1 
ATOM   791 O  O6    . DG  D 4 3  ? 0.627   -2.272  -0.869  1.00 161.67 ? 3   DG  A O6    1 
ATOM   792 N  N1    . DG  D 4 3  ? 0.928   -2.292  -3.131  1.00 162.30 ? 3   DG  A N1    1 
ATOM   793 C  C2    . DG  D 4 3  ? 1.697   -2.167  -4.265  1.00 159.67 ? 3   DG  A C2    1 
ATOM   794 N  N2    . DG  D 4 3  ? 1.068   -2.351  -5.435  1.00 153.77 ? 3   DG  A N2    1 
ATOM   795 N  N3    . DG  D 4 3  ? 2.990   -1.880  -4.256  1.00 163.08 ? 3   DG  A N3    1 
ATOM   796 C  C4    . DG  D 4 3  ? 3.463   -1.728  -2.996  1.00 163.10 ? 3   DG  A C4    1 
ATOM   797 P  P     . DT  D 4 4  ? 6.752   3.315   -4.744  1.00 190.29 ? 4   DT  A P     1 
ATOM   798 O  OP1   . DT  D 4 4  ? 7.773   4.151   -5.415  1.00 180.25 ? 4   DT  A OP1   1 
ATOM   799 O  OP2   . DT  D 4 4  ? 6.062   3.830   -3.541  1.00 177.71 ? 4   DT  A OP2   1 
ATOM   800 O  "O5'" . DT  D 4 4  ? 5.626   2.902   -5.805  1.00 177.18 ? 4   DT  A "O5'" 1 
ATOM   801 C  "C5'" . DT  D 4 4  ? 5.990   2.309   -7.049  1.00 170.45 ? 4   DT  A "C5'" 1 
ATOM   802 C  "C4'" . DT  D 4 4  ? 4.751   1.912   -7.831  1.00 170.12 ? 4   DT  A "C4'" 1 
ATOM   803 O  "O4'" . DT  D 4 4  ? 3.859   1.154   -6.966  1.00 161.28 ? 4   DT  A "O4'" 1 
ATOM   804 C  "C3'" . DT  D 4 4  ? 3.924   3.088   -8.369  1.00 171.50 ? 4   DT  A "C3'" 1 
ATOM   805 O  "O3'" . DT  D 4 4  ? 3.530   2.843   -9.722  1.00 177.88 ? 4   DT  A "O3'" 1 
ATOM   806 C  "C2'" . DT  D 4 4  ? 2.719   3.127   -7.431  1.00 168.75 ? 4   DT  A "C2'" 1 
ATOM   807 C  "C1'" . DT  D 4 4  ? 2.551   1.654   -7.109  1.00 165.62 ? 4   DT  A "C1'" 1 
ATOM   808 N  N1    . DT  D 4 4  ? 1.785   1.402   -5.853  1.00 168.52 ? 4   DT  A N1    1 
ATOM   809 C  C2    . DT  D 4 4  ? 0.475   0.990   -5.938  1.00 164.63 ? 4   DT  A C2    1 
ATOM   810 O  O2    . DT  D 4 4  ? -0.103  0.814   -6.997  1.00 161.01 ? 4   DT  A O2    1 
ATOM   811 N  N3    . DT  D 4 4  ? -0.143  0.793   -4.732  1.00 161.54 ? 4   DT  A N3    1 
ATOM   812 C  C4    . DT  D 4 4  ? 0.406   0.961   -3.474  1.00 161.81 ? 4   DT  A C4    1 
ATOM   813 O  O4    . DT  D 4 4  ? -0.232  0.756   -2.447  1.00 163.00 ? 4   DT  A O4    1 
ATOM   814 C  C5    . DT  D 4 4  ? 1.784   1.398   -3.455  1.00 167.21 ? 4   DT  A C5    1 
ATOM   815 C  C7    . DT  D 4 4  ? 2.487   1.616   -2.148  1.00 167.02 ? 4   DT  A C7    1 
ATOM   816 C  C6    . DT  D 4 4  ? 2.400   1.596   -4.631  1.00 167.19 ? 4   DT  A C6    1 
ATOM   817 P  P     . DC  D 4 5  ? 2.647   3.929   -10.517 1.00 192.85 ? 5   DC  A P     1 
ATOM   818 O  OP1   . DC  D 4 5  ? 2.868   3.708   -11.965 1.00 198.03 ? 5   DC  A OP1   1 
ATOM   819 O  OP2   . DC  D 4 5  ? 2.940   5.257   -9.932  1.00 185.31 ? 5   DC  A OP2   1 
ATOM   820 O  "O5'" . DC  D 4 5  ? 1.131   3.538   -10.161 1.00 159.39 ? 5   DC  A "O5'" 1 
ATOM   821 C  "C5'" . DC  D 4 5  ? 0.077   4.459   -10.431 1.00 157.48 ? 5   DC  A "C5'" 1 
ATOM   822 C  "C4'" . DC  D 4 5  ? -1.260  3.748   -10.554 1.00 152.20 ? 5   DC  A "C4'" 1 
ATOM   823 O  "O4'" . DC  D 4 5  ? -1.527  2.998   -9.340  1.00 149.26 ? 5   DC  A "O4'" 1 
ATOM   824 C  "C3'" . DC  D 4 5  ? -2.458  4.673   -10.721 1.00 147.77 ? 5   DC  A "C3'" 1 
ATOM   825 O  "O3'" . DC  D 4 5  ? -3.480  4.009   -11.447 1.00 146.91 ? 5   DC  A "O3'" 1 
ATOM   826 C  "C2'" . DC  D 4 5  ? -2.871  4.916   -9.274  1.00 146.91 ? 5   DC  A "C2'" 1 
ATOM   827 C  "C1'" . DC  D 4 5  ? -2.672  3.526   -8.697  1.00 147.40 ? 5   DC  A "C1'" 1 
ATOM   828 N  N1    . DC  D 4 5  ? -2.440  3.494   -7.223  1.00 154.28 ? 5   DC  A N1    1 
ATOM   829 C  C2    . DC  D 4 5  ? -3.461  3.063   -6.375  1.00 151.89 ? 5   DC  A C2    1 
ATOM   830 O  O2    . DC  D 4 5  ? -4.548  2.737   -6.862  1.00 150.05 ? 5   DC  A O2    1 
ATOM   831 N  N3    . DC  D 4 5  ? -3.234  3.020   -5.039  1.00 149.39 ? 5   DC  A N3    1 
ATOM   832 C  C4    . DC  D 4 5  ? -2.046  3.381   -4.552  1.00 150.80 ? 5   DC  A C4    1 
ATOM   833 N  N4    . DC  D 4 5  ? -1.868  3.321   -3.229  1.00 152.28 ? 5   DC  A N4    1 
ATOM   834 C  C5    . DC  D 4 5  ? -0.988  3.820   -5.402  1.00 156.27 ? 5   DC  A C5    1 
ATOM   835 C  C6    . DC  D 4 5  ? -1.225  3.854   -6.719  1.00 156.03 ? 5   DC  A C6    1 
ATOM   836 P  P     . DT  D 4 6  ? -4.815  4.799   -11.862 1.00 150.05 ? 6   DT  A P     1 
ATOM   837 O  OP1   . DT  D 4 6  ? -5.502  4.014   -12.911 1.00 158.41 ? 6   DT  A OP1   1 
ATOM   838 O  OP2   . DT  D 4 6  ? -4.439  6.204   -12.127 1.00 159.08 ? 6   DT  A OP2   1 
ATOM   839 O  "O5'" . DT  D 4 6  ? -5.699  4.774   -10.536 1.00 145.84 ? 6   DT  A "O5'" 1 
ATOM   840 C  "C5'" . DT  D 4 6  ? -6.673  5.768   -10.326 1.00 145.84 ? 6   DT  A "C5'" 1 
ATOM   841 C  "C4'" . DT  D 4 6  ? -7.506  5.443   -9.106  1.00 145.84 ? 6   DT  A "C4'" 1 
ATOM   842 O  "O4'" . DT  D 4 6  ? -6.634  5.134   -7.981  1.00 145.84 ? 6   DT  A "O4'" 1 
ATOM   843 C  "C3'" . DT  D 4 6  ? -8.408  6.585   -8.633  1.00 145.84 ? 6   DT  A "C3'" 1 
ATOM   844 O  "O3'" . DT  D 4 6  ? -9.683  6.081   -8.272  1.00 145.84 ? 6   DT  A "O3'" 1 
ATOM   845 C  "C2'" . DT  D 4 6  ? -7.663  7.118   -7.421  1.00 145.84 ? 6   DT  A "C2'" 1 
ATOM   846 C  "C1'" . DT  D 4 6  ? -7.108  5.831   -6.857  1.00 145.84 ? 6   DT  A "C1'" 1 
ATOM   847 N  N1    . DT  D 4 6  ? -6.001  6.036   -5.887  1.00 145.84 ? 6   DT  A N1    1 
ATOM   848 C  C2    . DT  D 4 6  ? -6.206  5.720   -4.565  1.00 145.84 ? 6   DT  A C2    1 
ATOM   849 O  O2    . DT  D 4 6  ? -7.254  5.266   -4.143  1.00 146.16 ? 6   DT  A O2    1 
ATOM   850 N  N3    . DT  D 4 6  ? -5.132  5.947   -3.748  1.00 145.84 ? 6   DT  A N3    1 
ATOM   851 C  C4    . DT  D 4 6  ? -3.901  6.456   -4.115  1.00 145.84 ? 6   DT  A C4    1 
ATOM   852 O  O4    . DT  D 4 6  ? -2.994  6.625   -3.308  1.00 145.84 ? 6   DT  A O4    1 
ATOM   853 C  C5    . DT  D 4 6  ? -3.758  6.772   -5.516  1.00 145.84 ? 6   DT  A C5    1 
ATOM   854 C  C7    . DT  D 4 6  ? -2.468  7.330   -6.033  1.00 147.96 ? 6   DT  A C7    1 
ATOM   855 C  C6    . DT  D 4 6  ? -4.804  6.553   -6.323  1.00 145.84 ? 6   DT  A C6    1 
HETATM 856 AS AS    . CAC E 5 .  ? -5.804  14.110  -3.754  1.00 170.96 ? 101 CAC D AS    1 
# 
loop_
_pdbx_poly_seq_scheme.asym_id 
_pdbx_poly_seq_scheme.entity_id 
_pdbx_poly_seq_scheme.seq_id 
_pdbx_poly_seq_scheme.mon_id 
_pdbx_poly_seq_scheme.ndb_seq_num 
_pdbx_poly_seq_scheme.pdb_seq_num 
_pdbx_poly_seq_scheme.auth_seq_num 
_pdbx_poly_seq_scheme.pdb_mon_id 
_pdbx_poly_seq_scheme.auth_mon_id 
_pdbx_poly_seq_scheme.pdb_strand_id 
_pdbx_poly_seq_scheme.pdb_ins_code 
_pdbx_poly_seq_scheme.hetero 
A 1 1  DG 1  7  7  DG DG B . n 
A 1 2  DA 2  8  8  DA DA B . n 
A 1 3  DG 3  9  9  DG DG B . n 
A 1 4  DC 4  10 10 DC DC B . n 
A 1 5  DA 5  11 11 DA DA B . n 
A 1 6  DG 6  12 12 DG DG B . n 
A 1 7  DA 7  13 13 DA DA B . n 
A 1 8  DC 8  14 14 DC DC B . n 
A 1 9  DC 9  15 15 DC DC B . n 
A 1 10 DA 10 16 16 DA DA B . n 
A 1 11 DG 11 17 17 DG DG B . n 
A 1 12 DA 12 18 18 DA DA B . n 
A 1 13 DC 13 19 19 DC DC B . n 
A 1 14 DG 14 20 20 DG DG B . n 
A 1 15 DG 15 21 21 DG DG B . n 
A 1 16 DG 16 22 22 DG DG B . n 
A 1 17 DA 17 23 23 DA DA B . n 
A 1 18 DC 18 24 24 DC DC B . n 
A 1 19 DT 19 25 25 DT DT B . n 
A 1 20 DC 20 26 26 DC DC B . n 
A 1 21 DA 21 27 27 DA DA B . n 
B 2 1  DT 1  28 28 DT DT C . n 
B 2 2  DC 2  29 29 DC DC C . n 
B 2 3  DT 3  30 30 DT DT C . n 
B 2 4  DG 4  31 31 DG DG C . n 
B 2 5  DA 5  32 32 DA DA C . n 
B 2 6  DG 6  33 33 DG DG C . n 
B 2 7  DT 7  34 34 DT DT C . n 
B 2 8  DC 8  35 35 DC DC C . n 
C 3 1  DG 1  36 36 DG DG D . n 
C 3 2  DG 2  37 37 DG DG D . n 
C 3 3  DT 3  38 38 DT DT D . n 
C 3 4  DC 4  39 39 DC DC D . n 
C 3 5  DT 5  40 40 DT DT D . n 
C 3 6  DG 6  41 41 DG DG D . n 
C 3 7  DC 7  42 42 DC DC D . n 
D 4 1  DC 1  1  1  DC DC A . n 
D 4 2  DC 2  2  2  DC DC A . n 
D 4 3  DG 3  3  3  DG DG A . n 
D 4 4  DT 4  4  4  DT DT A . n 
D 4 5  DC 5  5  5  DC DC A . n 
D 4 6  DT 6  6  6  DT DT A . n 
# 
_pdbx_nonpoly_scheme.asym_id         E 
_pdbx_nonpoly_scheme.entity_id       5 
_pdbx_nonpoly_scheme.mon_id          CAC 
_pdbx_nonpoly_scheme.ndb_seq_num     1 
_pdbx_nonpoly_scheme.pdb_seq_num     101 
_pdbx_nonpoly_scheme.auth_seq_num    1 
_pdbx_nonpoly_scheme.pdb_mon_id      CAC 
_pdbx_nonpoly_scheme.auth_mon_id     AS 
_pdbx_nonpoly_scheme.pdb_strand_id   D 
_pdbx_nonpoly_scheme.pdb_ins_code    . 
# 
_pdbx_struct_assembly.id                   1 
_pdbx_struct_assembly.details              author_defined_assembly 
_pdbx_struct_assembly.method_details       ? 
_pdbx_struct_assembly.oligomeric_details   tetrameric 
_pdbx_struct_assembly.oligomeric_count     4 
# 
_pdbx_struct_assembly_gen.assembly_id       1 
_pdbx_struct_assembly_gen.oper_expression   1 
_pdbx_struct_assembly_gen.asym_id_list      A,B,C,D,E 
# 
_pdbx_struct_oper_list.id                   1 
_pdbx_struct_oper_list.type                 'identity operation' 
_pdbx_struct_oper_list.name                 1_555 
_pdbx_struct_oper_list.symmetry_operation   x,y,z 
_pdbx_struct_oper_list.matrix[1][1]         1.0000000000 
_pdbx_struct_oper_list.matrix[1][2]         0.0000000000 
_pdbx_struct_oper_list.matrix[1][3]         0.0000000000 
_pdbx_struct_oper_list.vector[1]            0.0000000000 
_pdbx_struct_oper_list.matrix[2][1]         0.0000000000 
_pdbx_struct_oper_list.matrix[2][2]         1.0000000000 
_pdbx_struct_oper_list.matrix[2][3]         0.0000000000 
_pdbx_struct_oper_list.vector[2]            0.0000000000 
_pdbx_struct_oper_list.matrix[3][1]         0.0000000000 
_pdbx_struct_oper_list.matrix[3][2]         0.0000000000 
_pdbx_struct_oper_list.matrix[3][3]         1.0000000000 
_pdbx_struct_oper_list.vector[3]            0.0000000000 
# 
loop_
_pdbx_audit_revision_history.ordinal 
_pdbx_audit_revision_history.data_content_type 
_pdbx_audit_revision_history.major_revision 
_pdbx_audit_revision_history.minor_revision 
_pdbx_audit_revision_history.revision_date 
1 'Structure model' 1 0 2021-07-14 
2 'Structure model' 1 1 2022-07-06 
3 'Structure model' 1 2 2023-10-18 
# 
_pdbx_audit_revision_details.ordinal             1 
_pdbx_audit_revision_details.revision_ordinal    1 
_pdbx_audit_revision_details.data_content_type   'Structure model' 
_pdbx_audit_revision_details.provider            repository 
_pdbx_audit_revision_details.type                'Initial release' 
_pdbx_audit_revision_details.description         ? 
_pdbx_audit_revision_details.details             ? 
# 
loop_
_pdbx_audit_revision_group.ordinal 
_pdbx_audit_revision_group.revision_ordinal 
_pdbx_audit_revision_group.data_content_type 
_pdbx_audit_revision_group.group 
1 2 'Structure model' 'Database references'    
2 3 'Structure model' 'Data collection'        
3 3 'Structure model' 'Refinement description' 
# 
loop_
_pdbx_audit_revision_category.ordinal 
_pdbx_audit_revision_category.revision_ordinal 
_pdbx_audit_revision_category.data_content_type 
_pdbx_audit_revision_category.category 
1 2 'Structure model' citation                      
2 2 'Structure model' citation_author               
3 2 'Structure model' database_2                    
4 3 'Structure model' chem_comp_atom                
5 3 'Structure model' chem_comp_bond                
6 3 'Structure model' pdbx_initial_refinement_model 
# 
loop_
_pdbx_audit_revision_item.ordinal 
_pdbx_audit_revision_item.revision_ordinal 
_pdbx_audit_revision_item.data_content_type 
_pdbx_audit_revision_item.item 
1  2 'Structure model' '_citation.country'                   
2  2 'Structure model' '_citation.journal_abbrev'            
3  2 'Structure model' '_citation.journal_id_CSD'            
4  2 'Structure model' '_citation.journal_id_ISSN'           
5  2 'Structure model' '_citation.journal_volume'            
6  2 'Structure model' '_citation.page_first'                
7  2 'Structure model' '_citation.page_last'                 
8  2 'Structure model' '_citation.pdbx_database_id_DOI'      
9  2 'Structure model' '_citation.pdbx_database_id_PubMed'   
10 2 'Structure model' '_citation.title'                     
11 2 'Structure model' '_citation.year'                      
12 2 'Structure model' '_database_2.pdbx_DOI'                
13 2 'Structure model' '_database_2.pdbx_database_accession' 
# 
loop_
_software.citation_id 
_software.classification 
_software.compiler_name 
_software.compiler_version 
_software.contact_author 
_software.contact_author_email 
_software.date 
_software.description 
_software.dependencies 
_software.hardware 
_software.language 
_software.location 
_software.mods 
_software.name 
_software.os 
_software.os_version 
_software.type 
_software.version 
_software.pdbx_ordinal 
? 'data reduction'  ? ? ? ? ? ? ? ? ? ? ? HKL-2000    ? ? ? .           1 
? 'data scaling'    ? ? ? ? ? ? ? ? ? ? ? HKL-2000    ? ? ? .           2 
? refinement        ? ? ? ? ? ? ? ? ? ? ? PHENIX      ? ? ? 1.11.1_2575 3 
? 'data extraction' ? ? ? ? ? ? ? ? ? ? ? PDB_EXTRACT ? ? ? 3.25        4 
? phasing           ? ? ? ? ? ? ? ? ? ? ? PHASER      ? ? ? .           5 
# 
_pdbx_entry_details.entry_id                 7JRY 
_pdbx_entry_details.has_ligand_of_interest   N 
_pdbx_entry_details.compound_details         ? 
_pdbx_entry_details.source_details           ? 
_pdbx_entry_details.nonpolymer_details       ? 
_pdbx_entry_details.sequence_details         ? 
# 
loop_
_pdbx_unobs_or_zero_occ_atoms.id 
_pdbx_unobs_or_zero_occ_atoms.PDB_model_num 
_pdbx_unobs_or_zero_occ_atoms.polymer_flag 
_pdbx_unobs_or_zero_occ_atoms.occupancy_flag 
_pdbx_unobs_or_zero_occ_atoms.auth_asym_id 
_pdbx_unobs_or_zero_occ_atoms.auth_comp_id 
_pdbx_unobs_or_zero_occ_atoms.auth_seq_id 
_pdbx_unobs_or_zero_occ_atoms.PDB_ins_code 
_pdbx_unobs_or_zero_occ_atoms.auth_atom_id 
_pdbx_unobs_or_zero_occ_atoms.label_alt_id 
_pdbx_unobs_or_zero_occ_atoms.label_asym_id 
_pdbx_unobs_or_zero_occ_atoms.label_comp_id 
_pdbx_unobs_or_zero_occ_atoms.label_seq_id 
_pdbx_unobs_or_zero_occ_atoms.label_atom_id 
1 1 N 1 D CAC 101 ? O1 ? E CAC 1 O1 
2 1 N 1 D CAC 101 ? O2 ? E CAC 1 O2 
3 1 N 1 D CAC 101 ? C1 ? E CAC 1 C1 
4 1 N 1 D CAC 101 ? C2 ? E CAC 1 C2 
# 
loop_
_chem_comp_atom.comp_id 
_chem_comp_atom.atom_id 
_chem_comp_atom.type_symbol 
_chem_comp_atom.pdbx_aromatic_flag 
_chem_comp_atom.pdbx_stereo_config 
_chem_comp_atom.pdbx_ordinal 
CAC AS     AS N N 1   
CAC O1     O  N N 2   
CAC O2     O  N N 3   
CAC C1     C  N N 4   
CAC C2     C  N N 5   
CAC H11    H  N N 6   
CAC H12    H  N N 7   
CAC H13    H  N N 8   
CAC H21    H  N N 9   
CAC H22    H  N N 10  
CAC H23    H  N N 11  
DA  OP3    O  N N 12  
DA  P      P  N N 13  
DA  OP1    O  N N 14  
DA  OP2    O  N N 15  
DA  "O5'"  O  N N 16  
DA  "C5'"  C  N N 17  
DA  "C4'"  C  N R 18  
DA  "O4'"  O  N N 19  
DA  "C3'"  C  N S 20  
DA  "O3'"  O  N N 21  
DA  "C2'"  C  N N 22  
DA  "C1'"  C  N R 23  
DA  N9     N  Y N 24  
DA  C8     C  Y N 25  
DA  N7     N  Y N 26  
DA  C5     C  Y N 27  
DA  C6     C  Y N 28  
DA  N6     N  N N 29  
DA  N1     N  Y N 30  
DA  C2     C  Y N 31  
DA  N3     N  Y N 32  
DA  C4     C  Y N 33  
DA  HOP3   H  N N 34  
DA  HOP2   H  N N 35  
DA  "H5'"  H  N N 36  
DA  "H5''" H  N N 37  
DA  "H4'"  H  N N 38  
DA  "H3'"  H  N N 39  
DA  "HO3'" H  N N 40  
DA  "H2'"  H  N N 41  
DA  "H2''" H  N N 42  
DA  "H1'"  H  N N 43  
DA  H8     H  N N 44  
DA  H61    H  N N 45  
DA  H62    H  N N 46  
DA  H2     H  N N 47  
DC  OP3    O  N N 48  
DC  P      P  N N 49  
DC  OP1    O  N N 50  
DC  OP2    O  N N 51  
DC  "O5'"  O  N N 52  
DC  "C5'"  C  N N 53  
DC  "C4'"  C  N R 54  
DC  "O4'"  O  N N 55  
DC  "C3'"  C  N S 56  
DC  "O3'"  O  N N 57  
DC  "C2'"  C  N N 58  
DC  "C1'"  C  N R 59  
DC  N1     N  N N 60  
DC  C2     C  N N 61  
DC  O2     O  N N 62  
DC  N3     N  N N 63  
DC  C4     C  N N 64  
DC  N4     N  N N 65  
DC  C5     C  N N 66  
DC  C6     C  N N 67  
DC  HOP3   H  N N 68  
DC  HOP2   H  N N 69  
DC  "H5'"  H  N N 70  
DC  "H5''" H  N N 71  
DC  "H4'"  H  N N 72  
DC  "H3'"  H  N N 73  
DC  "HO3'" H  N N 74  
DC  "H2'"  H  N N 75  
DC  "H2''" H  N N 76  
DC  "H1'"  H  N N 77  
DC  H41    H  N N 78  
DC  H42    H  N N 79  
DC  H5     H  N N 80  
DC  H6     H  N N 81  
DG  OP3    O  N N 82  
DG  P      P  N N 83  
DG  OP1    O  N N 84  
DG  OP2    O  N N 85  
DG  "O5'"  O  N N 86  
DG  "C5'"  C  N N 87  
DG  "C4'"  C  N R 88  
DG  "O4'"  O  N N 89  
DG  "C3'"  C  N S 90  
DG  "O3'"  O  N N 91  
DG  "C2'"  C  N N 92  
DG  "C1'"  C  N R 93  
DG  N9     N  Y N 94  
DG  C8     C  Y N 95  
DG  N7     N  Y N 96  
DG  C5     C  Y N 97  
DG  C6     C  N N 98  
DG  O6     O  N N 99  
DG  N1     N  N N 100 
DG  C2     C  N N 101 
DG  N2     N  N N 102 
DG  N3     N  N N 103 
DG  C4     C  Y N 104 
DG  HOP3   H  N N 105 
DG  HOP2   H  N N 106 
DG  "H5'"  H  N N 107 
DG  "H5''" H  N N 108 
DG  "H4'"  H  N N 109 
DG  "H3'"  H  N N 110 
DG  "HO3'" H  N N 111 
DG  "H2'"  H  N N 112 
DG  "H2''" H  N N 113 
DG  "H1'"  H  N N 114 
DG  H8     H  N N 115 
DG  H1     H  N N 116 
DG  H21    H  N N 117 
DG  H22    H  N N 118 
DT  OP3    O  N N 119 
DT  P      P  N N 120 
DT  OP1    O  N N 121 
DT  OP2    O  N N 122 
DT  "O5'"  O  N N 123 
DT  "C5'"  C  N N 124 
DT  "C4'"  C  N R 125 
DT  "O4'"  O  N N 126 
DT  "C3'"  C  N S 127 
DT  "O3'"  O  N N 128 
DT  "C2'"  C  N N 129 
DT  "C1'"  C  N R 130 
DT  N1     N  N N 131 
DT  C2     C  N N 132 
DT  O2     O  N N 133 
DT  N3     N  N N 134 
DT  C4     C  N N 135 
DT  O4     O  N N 136 
DT  C5     C  N N 137 
DT  C7     C  N N 138 
DT  C6     C  N N 139 
DT  HOP3   H  N N 140 
DT  HOP2   H  N N 141 
DT  "H5'"  H  N N 142 
DT  "H5''" H  N N 143 
DT  "H4'"  H  N N 144 
DT  "H3'"  H  N N 145 
DT  "HO3'" H  N N 146 
DT  "H2'"  H  N N 147 
DT  "H2''" H  N N 148 
DT  "H1'"  H  N N 149 
DT  H3     H  N N 150 
DT  H71    H  N N 151 
DT  H72    H  N N 152 
DT  H73    H  N N 153 
DT  H6     H  N N 154 
# 
loop_
_chem_comp_bond.comp_id 
_chem_comp_bond.atom_id_1 
_chem_comp_bond.atom_id_2 
_chem_comp_bond.value_order 
_chem_comp_bond.pdbx_aromatic_flag 
_chem_comp_bond.pdbx_stereo_config 
_chem_comp_bond.pdbx_ordinal 
CAC AS    O1     doub N N 1   
CAC AS    O2     sing N N 2   
CAC AS    C1     sing N N 3   
CAC AS    C2     sing N N 4   
CAC C1    H11    sing N N 5   
CAC C1    H12    sing N N 6   
CAC C1    H13    sing N N 7   
CAC C2    H21    sing N N 8   
CAC C2    H22    sing N N 9   
CAC C2    H23    sing N N 10  
DA  OP3   P      sing N N 11  
DA  OP3   HOP3   sing N N 12  
DA  P     OP1    doub N N 13  
DA  P     OP2    sing N N 14  
DA  P     "O5'"  sing N N 15  
DA  OP2   HOP2   sing N N 16  
DA  "O5'" "C5'"  sing N N 17  
DA  "C5'" "C4'"  sing N N 18  
DA  "C5'" "H5'"  sing N N 19  
DA  "C5'" "H5''" sing N N 20  
DA  "C4'" "O4'"  sing N N 21  
DA  "C4'" "C3'"  sing N N 22  
DA  "C4'" "H4'"  sing N N 23  
DA  "O4'" "C1'"  sing N N 24  
DA  "C3'" "O3'"  sing N N 25  
DA  "C3'" "C2'"  sing N N 26  
DA  "C3'" "H3'"  sing N N 27  
DA  "O3'" "HO3'" sing N N 28  
DA  "C2'" "C1'"  sing N N 29  
DA  "C2'" "H2'"  sing N N 30  
DA  "C2'" "H2''" sing N N 31  
DA  "C1'" N9     sing N N 32  
DA  "C1'" "H1'"  sing N N 33  
DA  N9    C8     sing Y N 34  
DA  N9    C4     sing Y N 35  
DA  C8    N7     doub Y N 36  
DA  C8    H8     sing N N 37  
DA  N7    C5     sing Y N 38  
DA  C5    C6     sing Y N 39  
DA  C5    C4     doub Y N 40  
DA  C6    N6     sing N N 41  
DA  C6    N1     doub Y N 42  
DA  N6    H61    sing N N 43  
DA  N6    H62    sing N N 44  
DA  N1    C2     sing Y N 45  
DA  C2    N3     doub Y N 46  
DA  C2    H2     sing N N 47  
DA  N3    C4     sing Y N 48  
DC  OP3   P      sing N N 49  
DC  OP3   HOP3   sing N N 50  
DC  P     OP1    doub N N 51  
DC  P     OP2    sing N N 52  
DC  P     "O5'"  sing N N 53  
DC  OP2   HOP2   sing N N 54  
DC  "O5'" "C5'"  sing N N 55  
DC  "C5'" "C4'"  sing N N 56  
DC  "C5'" "H5'"  sing N N 57  
DC  "C5'" "H5''" sing N N 58  
DC  "C4'" "O4'"  sing N N 59  
DC  "C4'" "C3'"  sing N N 60  
DC  "C4'" "H4'"  sing N N 61  
DC  "O4'" "C1'"  sing N N 62  
DC  "C3'" "O3'"  sing N N 63  
DC  "C3'" "C2'"  sing N N 64  
DC  "C3'" "H3'"  sing N N 65  
DC  "O3'" "HO3'" sing N N 66  
DC  "C2'" "C1'"  sing N N 67  
DC  "C2'" "H2'"  sing N N 68  
DC  "C2'" "H2''" sing N N 69  
DC  "C1'" N1     sing N N 70  
DC  "C1'" "H1'"  sing N N 71  
DC  N1    C2     sing N N 72  
DC  N1    C6     sing N N 73  
DC  C2    O2     doub N N 74  
DC  C2    N3     sing N N 75  
DC  N3    C4     doub N N 76  
DC  C4    N4     sing N N 77  
DC  C4    C5     sing N N 78  
DC  N4    H41    sing N N 79  
DC  N4    H42    sing N N 80  
DC  C5    C6     doub N N 81  
DC  C5    H5     sing N N 82  
DC  C6    H6     sing N N 83  
DG  OP3   P      sing N N 84  
DG  OP3   HOP3   sing N N 85  
DG  P     OP1    doub N N 86  
DG  P     OP2    sing N N 87  
DG  P     "O5'"  sing N N 88  
DG  OP2   HOP2   sing N N 89  
DG  "O5'" "C5'"  sing N N 90  
DG  "C5'" "C4'"  sing N N 91  
DG  "C5'" "H5'"  sing N N 92  
DG  "C5'" "H5''" sing N N 93  
DG  "C4'" "O4'"  sing N N 94  
DG  "C4'" "C3'"  sing N N 95  
DG  "C4'" "H4'"  sing N N 96  
DG  "O4'" "C1'"  sing N N 97  
DG  "C3'" "O3'"  sing N N 98  
DG  "C3'" "C2'"  sing N N 99  
DG  "C3'" "H3'"  sing N N 100 
DG  "O3'" "HO3'" sing N N 101 
DG  "C2'" "C1'"  sing N N 102 
DG  "C2'" "H2'"  sing N N 103 
DG  "C2'" "H2''" sing N N 104 
DG  "C1'" N9     sing N N 105 
DG  "C1'" "H1'"  sing N N 106 
DG  N9    C8     sing Y N 107 
DG  N9    C4     sing Y N 108 
DG  C8    N7     doub Y N 109 
DG  C8    H8     sing N N 110 
DG  N7    C5     sing Y N 111 
DG  C5    C6     sing N N 112 
DG  C5    C4     doub Y N 113 
DG  C6    O6     doub N N 114 
DG  C6    N1     sing N N 115 
DG  N1    C2     sing N N 116 
DG  N1    H1     sing N N 117 
DG  C2    N2     sing N N 118 
DG  C2    N3     doub N N 119 
DG  N2    H21    sing N N 120 
DG  N2    H22    sing N N 121 
DG  N3    C4     sing N N 122 
DT  OP3   P      sing N N 123 
DT  OP3   HOP3   sing N N 124 
DT  P     OP1    doub N N 125 
DT  P     OP2    sing N N 126 
DT  P     "O5'"  sing N N 127 
DT  OP2   HOP2   sing N N 128 
DT  "O5'" "C5'"  sing N N 129 
DT  "C5'" "C4'"  sing N N 130 
DT  "C5'" "H5'"  sing N N 131 
DT  "C5'" "H5''" sing N N 132 
DT  "C4'" "O4'"  sing N N 133 
DT  "C4'" "C3'"  sing N N 134 
DT  "C4'" "H4'"  sing N N 135 
DT  "O4'" "C1'"  sing N N 136 
DT  "C3'" "O3'"  sing N N 137 
DT  "C3'" "C2'"  sing N N 138 
DT  "C3'" "H3'"  sing N N 139 
DT  "O3'" "HO3'" sing N N 140 
DT  "C2'" "C1'"  sing N N 141 
DT  "C2'" "H2'"  sing N N 142 
DT  "C2'" "H2''" sing N N 143 
DT  "C1'" N1     sing N N 144 
DT  "C1'" "H1'"  sing N N 145 
DT  N1    C2     sing N N 146 
DT  N1    C6     sing N N 147 
DT  C2    O2     doub N N 148 
DT  C2    N3     sing N N 149 
DT  N3    C4     sing N N 150 
DT  N3    H3     sing N N 151 
DT  C4    O4     doub N N 152 
DT  C4    C5     sing N N 153 
DT  C5    C7     sing N N 154 
DT  C5    C6     doub N N 155 
DT  C7    H71    sing N N 156 
DT  C7    H72    sing N N 157 
DT  C7    H73    sing N N 158 
DT  C6    H6     sing N N 159 
# 
loop_
_ndb_struct_conf_na.entry_id 
_ndb_struct_conf_na.feature 
7JRY 'double helix'        
7JRY 'a-form double helix' 
7JRY 'b-form double helix' 
# 
loop_
_ndb_struct_na_base_pair.model_number 
_ndb_struct_na_base_pair.i_label_asym_id 
_ndb_struct_na_base_pair.i_label_comp_id 
_ndb_struct_na_base_pair.i_label_seq_id 
_ndb_struct_na_base_pair.i_symmetry 
_ndb_struct_na_base_pair.j_label_asym_id 
_ndb_struct_na_base_pair.j_label_comp_id 
_ndb_struct_na_base_pair.j_label_seq_id 
_ndb_struct_na_base_pair.j_symmetry 
_ndb_struct_na_base_pair.shear 
_ndb_struct_na_base_pair.stretch 
_ndb_struct_na_base_pair.stagger 
_ndb_struct_na_base_pair.buckle 
_ndb_struct_na_base_pair.propeller 
_ndb_struct_na_base_pair.opening 
_ndb_struct_na_base_pair.pair_number 
_ndb_struct_na_base_pair.pair_name 
_ndb_struct_na_base_pair.i_auth_asym_id 
_ndb_struct_na_base_pair.i_auth_seq_id 
_ndb_struct_na_base_pair.i_PDB_ins_code 
_ndb_struct_na_base_pair.j_auth_asym_id 
_ndb_struct_na_base_pair.j_auth_seq_id 
_ndb_struct_na_base_pair.j_PDB_ins_code 
_ndb_struct_na_base_pair.hbond_type_28 
_ndb_struct_na_base_pair.hbond_type_12 
1 A DG 3  1_555 C DC 7 1_555 -0.393 0.690  0.220  0.387   -7.790  17.475  1  B_DG9:DC42_D  B 9  ? D 42 ? ?  1 
1 A DC 4  1_555 C DG 6 1_555 -2.700 0.558  -0.286 8.657   -7.428  4.821   2  B_DC10:DG41_D B 10 ? D 41 ? ?  ? 
1 A DA 5  1_555 C DT 5 1_555 -0.546 -0.104 -0.018 2.344   -19.179 0.793   3  B_DA11:DT40_D B 11 ? D 40 ? 20 1 
1 A DG 6  1_555 C DC 4 1_555 0.403  0.133  -0.454 -1.301  -15.819 -6.711  4  B_DG12:DC39_D B 12 ? D 39 ? 19 1 
1 A DA 7  1_555 C DT 3 1_555 1.096  0.307  -0.568 -8.598  -15.121 -24.234 5  B_DA13:DT38_D B 13 ? D 38 ? 20 1 
1 A DC 8  1_555 C DG 2 1_555 -0.858 -0.168 0.358  2.674   -12.824 -6.872  6  B_DC14:DG37_D B 14 ? D 37 ? 19 1 
1 A DC 9  1_555 C DG 1 1_555 -0.393 -0.276 0.824  -13.545 -24.895 -10.695 7  B_DC15:DG36_D B 15 ? D 36 ? 19 1 
1 A DA 10 1_555 D DT 6 1_555 -0.519 -0.017 0.481  -1.213  5.923   -0.067  8  B_DA16:DT6_A  B 16 ? A 6  ? 20 1 
1 A DG 11 1_555 D DC 5 1_555 1.696  0.384  0.195  13.849  1.557   7.321   9  B_DG17:DC5_A  B 17 ? A 5  ? ?  1 
1 A DA 12 1_555 D DT 4 1_555 1.424  0.308  0.535  15.734  -4.186  -14.244 10 B_DA18:DT4_A  B 18 ? A 4  ? 20 1 
1 A DC 13 1_555 D DG 3 1_555 -0.865 -0.180 0.407  18.156  -13.410 -6.057  11 B_DC19:DG3_A  B 19 ? A 3  ? 19 1 
1 A DG 14 1_555 D DC 2 1_555 -0.443 -0.071 1.003  10.372  -23.466 -15.922 12 B_DG20:DC2_A  B 20 ? A 2  ? 19 1 
1 A DG 15 1_555 D DC 1 1_555 0.817  0.053  0.496  -10.852 -23.162 -20.388 13 B_DG21:DC1_A  B 21 ? A 1  ? ?  1 
1 A DA 17 1_555 B DT 7 1_555 1.519  0.165  0.489  5.258   -4.670  -12.505 14 B_DA23:DT34_C B 23 ? C 34 ? 20 1 
1 A DC 18 1_555 B DG 6 1_555 -1.297 0.151  0.177  5.234   -4.424  -1.004  15 B_DC24:DG33_C B 24 ? C 33 ? 19 1 
1 A DT 19 1_555 B DA 5 1_555 -1.236 0.059  0.198  2.039   -12.042 -14.078 16 B_DT25:DA32_C B 25 ? C 32 ? 20 1 
1 A DC 20 1_555 B DG 4 1_555 -0.088 0.361  0.438  -2.166  -7.702  -0.585  17 B_DC26:DG31_C B 26 ? C 31 ? 19 1 
1 A DA 21 1_555 B DT 3 1_555 1.352  0.576  0.020  -5.298  -15.563 -14.268 18 B_DA27:DT30_C B 27 ? C 30 ? 20 1 
# 
loop_
_ndb_struct_na_base_pair_step.model_number 
_ndb_struct_na_base_pair_step.i_label_asym_id_1 
_ndb_struct_na_base_pair_step.i_label_comp_id_1 
_ndb_struct_na_base_pair_step.i_label_seq_id_1 
_ndb_struct_na_base_pair_step.i_symmetry_1 
_ndb_struct_na_base_pair_step.j_label_asym_id_1 
_ndb_struct_na_base_pair_step.j_label_comp_id_1 
_ndb_struct_na_base_pair_step.j_label_seq_id_1 
_ndb_struct_na_base_pair_step.j_symmetry_1 
_ndb_struct_na_base_pair_step.i_label_asym_id_2 
_ndb_struct_na_base_pair_step.i_label_comp_id_2 
_ndb_struct_na_base_pair_step.i_label_seq_id_2 
_ndb_struct_na_base_pair_step.i_symmetry_2 
_ndb_struct_na_base_pair_step.j_label_asym_id_2 
_ndb_struct_na_base_pair_step.j_label_comp_id_2 
_ndb_struct_na_base_pair_step.j_label_seq_id_2 
_ndb_struct_na_base_pair_step.j_symmetry_2 
_ndb_struct_na_base_pair_step.shift 
_ndb_struct_na_base_pair_step.slide 
_ndb_struct_na_base_pair_step.rise 
_ndb_struct_na_base_pair_step.tilt 
_ndb_struct_na_base_pair_step.roll 
_ndb_struct_na_base_pair_step.twist 
_ndb_struct_na_base_pair_step.x_displacement 
_ndb_struct_na_base_pair_step.y_displacement 
_ndb_struct_na_base_pair_step.helical_rise 
_ndb_struct_na_base_pair_step.inclination 
_ndb_struct_na_base_pair_step.tip 
_ndb_struct_na_base_pair_step.helical_twist 
_ndb_struct_na_base_pair_step.step_number 
_ndb_struct_na_base_pair_step.step_name 
_ndb_struct_na_base_pair_step.i_auth_asym_id_1 
_ndb_struct_na_base_pair_step.i_auth_seq_id_1 
_ndb_struct_na_base_pair_step.i_PDB_ins_code_1 
_ndb_struct_na_base_pair_step.j_auth_asym_id_1 
_ndb_struct_na_base_pair_step.j_auth_seq_id_1 
_ndb_struct_na_base_pair_step.j_PDB_ins_code_1 
_ndb_struct_na_base_pair_step.i_auth_asym_id_2 
_ndb_struct_na_base_pair_step.i_auth_seq_id_2 
_ndb_struct_na_base_pair_step.i_PDB_ins_code_2 
_ndb_struct_na_base_pair_step.j_auth_asym_id_2 
_ndb_struct_na_base_pair_step.j_auth_seq_id_2 
_ndb_struct_na_base_pair_step.j_PDB_ins_code_2 
1 A DG 3  1_555 C DC 7 1_555 A DC 4  1_555 C DG 6 1_555 -0.870 -0.733 2.987 4.012  4.714  19.559 -3.858 3.975  2.515 13.448  
-11.446 20.506 1  BB_DG9DC10:DG41DC42_DD  B 9  ? D 42 ? B 10 ? D 41 ? 
1 A DC 4  1_555 C DG 6 1_555 A DA 5  1_555 C DT 5 1_555 0.325  1.630  3.936 -4.025 2.271  48.804 1.757  -0.760 3.966 2.742   4.859 
49.009 2  BB_DC10DA11:DT40DG41_DD B 10 ? D 41 ? B 11 ? D 40 ? 
1 A DA 5  1_555 C DT 5 1_555 A DG 6  1_555 C DC 4 1_555 -0.196 -0.247 3.474 0.835  2.069  39.126 -0.630 0.398  3.453 3.086   
-1.245  39.187 3  BB_DA11DG12:DC39DT40_DD B 11 ? D 40 ? B 12 ? D 39 ? 
1 A DG 6  1_555 C DC 4 1_555 A DA 7  1_555 C DT 3 1_555 -0.613 -0.460 3.299 -1.517 -0.441 40.410 -0.615 0.715  3.324 -0.638  2.194 
40.440 4  BB_DG12DA13:DT38DC39_DD B 12 ? D 39 ? B 13 ? D 38 ? 
1 A DA 7  1_555 C DT 3 1_555 A DC 8  1_555 C DG 2 1_555 1.667  -1.621 2.891 -5.409 -0.361 27.155 -3.316 -4.583 2.538 -0.759  
11.377  27.681 5  BB_DA13DC14:DG37DT38_DD B 13 ? D 38 ? B 14 ? D 37 ? 
1 A DC 8  1_555 C DG 2 1_555 A DC 9  1_555 C DG 1 1_555 -0.416 -1.359 3.697 -2.037 -7.049 40.191 -1.041 0.335  3.886 -10.156 2.934 
40.828 6  BB_DC14DC15:DG36DG37_DD B 14 ? D 37 ? B 15 ? D 36 ? 
1 A DC 9  1_555 C DG 1 1_555 A DA 10 1_555 D DT 6 1_555 -0.485 -1.202 2.832 0.556  4.893  25.625 -3.774 1.202  2.551 10.904  
-1.240  26.087 7  BB_DC15DA16:DT6DG36_AD  B 15 ? D 36 ? B 16 ? A 6  ? 
1 A DA 10 1_555 D DT 6 1_555 A DG 11 1_555 D DC 5 1_555 -0.360 -0.305 3.157 0.680  1.805  42.940 -0.588 0.557  3.136 2.464   
-0.929  42.981 8  BB_DA16DG17:DC5DT6_AA   B 16 ? A 6  ? B 17 ? A 5  ? 
1 A DG 11 1_555 D DC 5 1_555 A DA 12 1_555 D DT 4 1_555 -0.570 -0.786 3.204 -2.028 4.909  30.410 -2.400 0.689  3.073 9.270   3.829 
30.859 9  BB_DG17DA18:DT4DC5_AA   B 17 ? A 5  ? B 18 ? A 4  ? 
1 A DA 12 1_555 D DT 4 1_555 A DC 13 1_555 D DG 3 1_555 0.668  -1.518 3.182 -2.039 1.229  23.315 -4.134 -2.303 3.031 3.031   5.028 
23.434 10 BB_DA18DC19:DG3DT4_AA   B 18 ? A 4  ? B 19 ? A 3  ? 
1 A DC 13 1_555 D DG 3 1_555 A DG 14 1_555 D DC 2 1_555 -0.086 -0.846 3.527 -1.159 -0.059 35.337 -1.383 -0.042 3.529 -0.096  1.909 
35.356 11 BB_DC19DG20:DC2DG3_AA   B 19 ? A 3  ? B 20 ? A 2  ? 
1 A DG 14 1_555 D DC 2 1_555 A DG 15 1_555 D DC 1 1_555 -0.140 -1.238 3.882 -1.368 1.292  41.433 -1.910 0.026  3.846 1.825   1.933 
41.474 12 BB_DG20DG21:DC1DC2_AA   B 20 ? A 2  ? B 21 ? A 1  ? 
1 A DG 15 1_555 D DC 1 1_555 A DA 17 1_555 B DT 7 1_555 -1.569 -1.116 6.107 -6.214 1.835  69.136 -1.106 0.954  6.184 1.614   5.464 
69.401 13 BB_DG21DA23:DT34DC1_CA  B 21 ? A 1  ? B 23 ? C 34 ? 
1 A DA 17 1_555 B DT 7 1_555 A DC 18 1_555 B DG 6 1_555 0.609  -0.702 3.350 0.098  4.218  19.447 -4.025 -1.716 3.131 12.300  
-0.286  19.895 14 BB_DA23DC24:DG33DT34_CC B 23 ? C 34 ? B 24 ? C 33 ? 
1 A DC 18 1_555 B DG 6 1_555 A DT 19 1_555 B DA 5 1_555 -0.441 -0.689 3.309 -0.331 2.114  39.449 -1.269 0.613  3.272 3.129   0.490 
39.505 15 BB_DC24DT25:DA32DG33_CC B 24 ? C 33 ? B 25 ? C 32 ? 
1 A DT 19 1_555 B DA 5 1_555 A DC 20 1_555 B DG 4 1_555 1.275  0.005  3.636 3.948  1.346  36.350 -0.202 -1.416 3.747 2.148   
-6.303  36.581 16 BB_DT25DC26:DG31DA32_CC B 25 ? C 32 ? B 26 ? C 31 ? 
1 A DC 20 1_555 B DG 4 1_555 A DA 21 1_555 B DT 3 1_555 -1.414 0.696  3.561 0.897  -4.674 37.759 1.703  2.291  3.420 -7.186  
-1.380  38.047 17 BB_DC26DA27:DT30DG31_CC B 26 ? C 31 ? B 27 ? C 30 ? 
# 
loop_
_pdbx_audit_support.funding_organization 
_pdbx_audit_support.country 
_pdbx_audit_support.grant_number 
_pdbx_audit_support.ordinal 
'National Science Foundation (NSF, United States)'                                         'United States' 1360635     1 
'National Institutes of Health/National Institute of General Medical Sciences (NIH/NIGMS)' 'United States' R01GM104960 2 
'National Science Foundation (NSF, United States)'                                         'United States' NSF2004250  3 
# 
_pdbx_entity_nonpoly.entity_id   5 
_pdbx_entity_nonpoly.name        'CACODYLATE ION' 
_pdbx_entity_nonpoly.comp_id     CAC 
# 
_pdbx_initial_refinement_model.id               1 
_pdbx_initial_refinement_model.entity_id_list   ? 
_pdbx_initial_refinement_model.type             'experimental model' 
_pdbx_initial_refinement_model.source_name      PDB 
_pdbx_initial_refinement_model.accession_code   5VY6 
_pdbx_initial_refinement_model.details          ? 
# 
_pdbx_struct_assembly_auth_evidence.id                     1 
_pdbx_struct_assembly_auth_evidence.assembly_id            1 
_pdbx_struct_assembly_auth_evidence.experimental_support   none 
_pdbx_struct_assembly_auth_evidence.details                ? 
# 
